data_5SDI
#
_entry.id   5SDI
#
_cell.length_a   101.435
_cell.length_b   116.912
_cell.length_c   147.614
_cell.angle_alpha   90.000
_cell.angle_beta   90.000
_cell.angle_gamma   90.000
#
_symmetry.space_group_name_H-M   'P 21 21 21'
#
loop_
_entity.id
_entity.type
_entity.pdbx_description
1 polymer 'Asp/Glu-specific dipeptidyl-peptidase'
2 non-polymer "N-phenyl-N'-pyridin-3-ylurea"
3 non-polymer 'CHLORIDE ION'
4 water water
#
_entity_poly.entity_id   1
_entity_poly.type   'polypeptide(L)'
_entity_poly.pdbx_seq_one_letter_code
;MDEGMWLMQQLGRKYAQMKERGLKMKEYDLYNPNGTSLKDAVVLFDGGCTGEVVSDRGLVLTNHHCGYDMIQAHSTLEHN
YLENGFWAMREADELPNKDISVVFIDKIEDVTDYVKKELKAIKDPNSMDYLSPKYLQKLADKKAGKNFSAKNPGLSVEIK
AFYGGNLYLMFTKKTYTDVRLVGAPPSSIGKFGADTDNWIWPRHTGDFSIFRIYADKNGNPAPYSEDNVPLKPKRFFNIS
LGGVQENDYAMIMGFPGTTHRYFTASEVDEWKSIDNDIRIRMRDIRQGVMLREMLADPQIKIMYSAKYAASQNAYKRAIG
ANWAIKTRGLRQNKQAMQDRLIAWGAKQGTPRYEEAVHEIDATVAKRADLRRRYWMIEEGIIRGIEFARSPIPTEDETKA
LQGNDASARKEAIDKIRTRYSKFANKDYSAEVDKKVAVAMLTEYLKEIPYENLPLHLRLVKDRFAGDVQAYVDDIFARSV
FGSEAQFDAFAAVPSVEKLAEDPMVLFASSVFDEYRKLYNELRPYDDPILRAQRTYIAGLLEMDGDQDQFPDANLTLRFT
YGQVKGYSPRDNVYYGHQTTLDGVMEKEDPDNWEFVVDPKLKAVYERKDFGRYADRSGRMPVAFCATTHTTGGNSGSPVM
NANGELIGLNFDRNWEGVGGDIQYLADYQRSIIVDIRYVLLVIDKVGGCQRLLDEMNIVPAHHHHHH
;
_entity_poly.pdbx_strand_id   A,B
#
# COMPACT_ATOMS: atom_id res chain seq x y z
N ASP A 2 16.64 -23.67 -7.68
CA ASP A 2 16.71 -24.73 -6.67
C ASP A 2 15.59 -25.76 -6.83
N GLU A 3 14.35 -25.52 -6.31
CA GLU A 3 13.22 -26.47 -6.42
C GLU A 3 12.68 -26.40 -7.84
N GLY A 4 13.29 -27.15 -8.71
CA GLY A 4 13.17 -27.04 -10.15
C GLY A 4 11.97 -27.20 -11.05
N MET A 5 12.33 -27.08 -12.31
CA MET A 5 11.47 -27.26 -13.46
C MET A 5 12.09 -28.44 -14.18
N TRP A 6 11.59 -29.59 -13.84
CA TRP A 6 12.16 -30.86 -14.25
C TRP A 6 11.70 -31.37 -15.60
N LEU A 7 12.63 -31.97 -16.32
CA LEU A 7 12.33 -32.65 -17.58
C LEU A 7 11.44 -33.86 -17.28
N MET A 8 10.61 -34.27 -18.24
CA MET A 8 9.76 -35.45 -18.05
C MET A 8 10.61 -36.70 -17.79
N GLN A 9 11.79 -36.81 -18.43
CA GLN A 9 12.80 -37.87 -18.26
C GLN A 9 13.25 -37.98 -16.78
N GLN A 10 13.23 -36.85 -16.04
CA GLN A 10 13.67 -36.84 -14.66
C GLN A 10 12.59 -37.29 -13.66
N LEU A 11 11.37 -37.63 -14.12
CA LEU A 11 10.33 -38.10 -13.22
C LEU A 11 10.75 -39.36 -12.46
N GLY A 12 11.37 -40.33 -13.15
CA GLY A 12 11.85 -41.56 -12.51
C GLY A 12 12.75 -41.32 -11.31
N ARG A 13 13.74 -40.44 -11.44
CA ARG A 13 14.66 -40.17 -10.34
C ARG A 13 14.08 -39.20 -9.27
N LYS A 14 12.97 -38.50 -9.56
CA LYS A 14 12.33 -37.63 -8.57
C LYS A 14 11.13 -38.30 -7.86
N TYR A 15 10.58 -39.37 -8.46
CA TYR A 15 9.39 -40.06 -8.02
C TYR A 15 9.37 -40.38 -6.53
N ALA A 16 10.44 -40.99 -5.99
CA ALA A 16 10.49 -41.35 -4.56
C ALA A 16 10.39 -40.14 -3.65
N GLN A 17 11.04 -39.01 -4.02
CA GLN A 17 10.93 -37.77 -3.23
C GLN A 17 9.52 -37.20 -3.32
N MET A 18 8.90 -37.28 -4.52
CA MET A 18 7.55 -36.78 -4.71
C MET A 18 6.55 -37.58 -3.87
N LYS A 19 6.72 -38.92 -3.83
CA LYS A 19 5.88 -39.82 -3.05
C LYS A 19 6.02 -39.50 -1.56
N GLU A 20 7.26 -39.27 -1.08
CA GLU A 20 7.49 -38.89 0.30
C GLU A 20 6.89 -37.51 0.65
N ARG A 21 6.75 -36.62 -0.35
CA ARG A 21 6.11 -35.33 -0.14
C ARG A 21 4.57 -35.37 -0.31
N GLY A 22 4.00 -36.53 -0.61
CA GLY A 22 2.56 -36.69 -0.70
C GLY A 22 1.98 -37.24 -1.98
N LEU A 23 2.78 -37.38 -3.06
CA LEU A 23 2.27 -37.91 -4.33
C LEU A 23 1.74 -39.33 -4.16
N LYS A 24 0.50 -39.59 -4.63
CA LYS A 24 -0.14 -40.89 -4.51
C LYS A 24 -0.31 -41.64 -5.84
N MET A 25 -0.20 -40.94 -6.99
CA MET A 25 -0.42 -41.62 -8.28
C MET A 25 0.79 -42.45 -8.73
N LYS A 26 0.55 -43.45 -9.60
CA LYS A 26 1.63 -44.26 -10.12
C LYS A 26 2.45 -43.41 -11.10
N GLU A 27 3.78 -43.64 -11.15
CA GLU A 27 4.70 -42.87 -12.00
C GLU A 27 4.25 -42.79 -13.45
N TYR A 28 3.87 -43.94 -14.02
CA TYR A 28 3.50 -44.01 -15.42
C TYR A 28 2.11 -43.45 -15.72
N ASP A 29 1.28 -43.21 -14.70
CA ASP A 29 0.00 -42.54 -14.91
C ASP A 29 0.25 -41.01 -15.11
N LEU A 30 1.36 -40.48 -14.57
CA LEU A 30 1.72 -39.08 -14.70
C LEU A 30 2.54 -38.87 -15.99
N TYR A 31 3.56 -39.71 -16.19
CA TYR A 31 4.35 -39.68 -17.42
C TYR A 31 4.88 -41.05 -17.78
N ASN A 32 4.56 -41.51 -18.98
CA ASN A 32 5.05 -42.77 -19.50
C ASN A 32 5.58 -42.49 -20.90
N PRO A 33 6.89 -42.71 -21.11
CA PRO A 33 7.47 -42.44 -22.44
C PRO A 33 6.96 -43.38 -23.54
N ASN A 34 6.36 -44.52 -23.17
CA ASN A 34 5.87 -45.51 -24.13
C ASN A 34 4.36 -45.77 -24.01
N GLY A 35 3.59 -44.80 -23.56
CA GLY A 35 2.14 -44.98 -23.41
C GLY A 35 1.40 -43.75 -22.90
N THR A 36 0.06 -43.81 -22.90
CA THR A 36 -0.78 -42.70 -22.44
C THR A 36 -0.58 -42.38 -20.94
N SER A 37 -0.47 -41.10 -20.64
CA SER A 37 -0.32 -40.58 -19.28
C SER A 37 -0.91 -39.15 -19.21
N LEU A 38 -1.01 -38.57 -17.99
CA LEU A 38 -1.53 -37.22 -17.74
C LEU A 38 -0.84 -36.13 -18.57
N LYS A 39 0.42 -36.38 -18.96
CA LYS A 39 1.22 -35.52 -19.81
C LYS A 39 0.48 -35.25 -21.15
N ASP A 40 -0.30 -36.25 -21.64
CA ASP A 40 -1.06 -36.12 -22.88
C ASP A 40 -2.26 -35.19 -22.80
N ALA A 41 -2.60 -34.71 -21.62
CA ALA A 41 -3.69 -33.76 -21.45
C ALA A 41 -3.15 -32.30 -21.32
N VAL A 42 -1.83 -32.07 -21.46
CA VAL A 42 -1.22 -30.76 -21.31
C VAL A 42 -0.90 -30.20 -22.70
N VAL A 43 -1.25 -28.93 -22.95
CA VAL A 43 -0.96 -28.31 -24.23
C VAL A 43 -0.23 -26.99 -24.08
N LEU A 44 0.53 -26.63 -25.11
CA LEU A 44 1.11 -25.32 -25.22
C LEU A 44 -0.02 -24.56 -25.93
N PHE A 45 -0.63 -23.62 -25.23
CA PHE A 45 -1.74 -22.83 -25.72
C PHE A 45 -1.22 -21.57 -26.39
N ASP A 46 -1.51 -21.42 -27.69
CA ASP A 46 -1.16 -20.25 -28.50
C ASP A 46 0.31 -19.78 -28.36
N GLY A 47 1.24 -20.73 -28.41
CA GLY A 47 2.67 -20.46 -28.36
C GLY A 47 3.35 -19.88 -27.12
N GLY A 48 2.60 -19.39 -26.15
CA GLY A 48 3.19 -18.78 -24.96
C GLY A 48 2.51 -19.04 -23.63
N CYS A 49 1.47 -19.84 -23.64
CA CYS A 49 0.71 -20.17 -22.43
C CYS A 49 0.61 -21.70 -22.34
N THR A 50 0.15 -22.19 -21.20
CA THR A 50 -0.14 -23.60 -21.01
C THR A 50 -1.67 -23.73 -20.94
N GLY A 51 -2.16 -24.88 -21.34
CA GLY A 51 -3.56 -25.24 -21.26
C GLY A 51 -3.71 -26.70 -20.88
N GLU A 52 -4.94 -27.14 -20.65
CA GLU A 52 -5.19 -28.53 -20.29
C GLU A 52 -6.53 -29.00 -20.77
N VAL A 53 -6.57 -30.25 -21.26
CA VAL A 53 -7.79 -30.91 -21.73
C VAL A 53 -8.52 -31.45 -20.51
N VAL A 54 -9.81 -31.11 -20.38
CA VAL A 54 -10.63 -31.47 -19.23
C VAL A 54 -11.88 -32.28 -19.58
N SER A 55 -11.97 -32.81 -20.81
CA SER A 55 -13.13 -33.64 -21.19
C SER A 55 -12.79 -34.56 -22.37
N ASP A 56 -13.60 -35.64 -22.55
CA ASP A 56 -13.45 -36.53 -23.69
C ASP A 56 -13.90 -35.90 -25.02
N ARG A 57 -14.35 -34.63 -25.00
CA ARG A 57 -14.73 -33.89 -26.18
C ARG A 57 -13.81 -32.68 -26.43
N GLY A 58 -12.55 -32.78 -26.01
CA GLY A 58 -11.53 -31.77 -26.26
C GLY A 58 -11.69 -30.40 -25.65
N LEU A 59 -12.44 -30.30 -24.53
CA LEU A 59 -12.61 -29.02 -23.85
C LEU A 59 -11.25 -28.67 -23.20
N VAL A 60 -10.83 -27.41 -23.30
CA VAL A 60 -9.54 -26.94 -22.79
C VAL A 60 -9.70 -25.76 -21.84
N LEU A 61 -9.04 -25.82 -20.68
CA LEU A 61 -9.01 -24.68 -19.78
C LEU A 61 -7.62 -24.03 -19.87
N THR A 62 -7.60 -22.71 -19.84
CA THR A 62 -6.41 -21.88 -19.78
C THR A 62 -6.78 -20.58 -19.00
N ASN A 63 -5.86 -19.60 -18.88
CA ASN A 63 -6.17 -18.35 -18.23
C ASN A 63 -7.03 -17.45 -19.09
N HIS A 64 -7.69 -16.48 -18.45
CA HIS A 64 -8.46 -15.45 -19.13
C HIS A 64 -7.46 -14.56 -19.88
N HIS A 65 -6.31 -14.24 -19.27
CA HIS A 65 -5.30 -13.42 -19.93
C HIS A 65 -4.63 -14.15 -21.11
N CYS A 66 -4.75 -15.48 -21.18
CA CYS A 66 -4.23 -16.28 -22.30
C CYS A 66 -5.21 -16.29 -23.48
N GLY A 67 -6.50 -16.33 -23.17
CA GLY A 67 -7.55 -16.29 -24.19
C GLY A 67 -8.09 -14.91 -24.48
N TYR A 68 -7.54 -13.87 -23.82
CA TYR A 68 -7.94 -12.46 -23.94
C TYR A 68 -8.07 -11.97 -25.40
N ASP A 69 -7.04 -12.17 -26.25
CA ASP A 69 -7.10 -11.73 -27.65
C ASP A 69 -8.25 -12.36 -28.41
N MET A 70 -8.56 -13.64 -28.17
CA MET A 70 -9.66 -14.32 -28.84
C MET A 70 -11.01 -13.79 -28.36
N ILE A 71 -11.13 -13.50 -27.05
CA ILE A 71 -12.36 -12.96 -26.48
C ILE A 71 -12.62 -11.57 -27.06
N GLN A 72 -11.55 -10.75 -27.15
CA GLN A 72 -11.56 -9.39 -27.69
C GLN A 72 -11.89 -9.36 -29.20
N ALA A 73 -11.28 -10.27 -29.98
CA ALA A 73 -11.50 -10.35 -31.43
C ALA A 73 -12.96 -10.71 -31.78
N HIS A 74 -13.65 -11.44 -30.90
CA HIS A 74 -15.05 -11.77 -31.11
C HIS A 74 -16.01 -10.76 -30.46
N SER A 75 -15.49 -9.74 -29.76
CA SER A 75 -16.33 -8.75 -29.08
C SER A 75 -16.66 -7.58 -29.98
N THR A 76 -17.92 -7.13 -29.92
CA THR A 76 -18.46 -5.99 -30.66
C THR A 76 -19.29 -5.10 -29.66
N LEU A 77 -19.77 -3.93 -30.11
CA LEU A 77 -20.63 -3.09 -29.28
C LEU A 77 -21.94 -3.84 -28.93
N GLU A 78 -22.44 -4.67 -29.85
CA GLU A 78 -23.65 -5.46 -29.67
C GLU A 78 -23.43 -6.66 -28.74
N HIS A 79 -22.32 -7.38 -28.92
CA HIS A 79 -22.00 -8.51 -28.05
C HIS A 79 -20.61 -8.36 -27.43
N ASN A 80 -20.50 -7.54 -26.37
CA ASN A 80 -19.20 -7.35 -25.72
C ASN A 80 -18.88 -8.51 -24.78
N TYR A 81 -18.21 -9.53 -25.33
CA TYR A 81 -17.83 -10.71 -24.56
C TYR A 81 -16.71 -10.41 -23.56
N LEU A 82 -15.83 -9.45 -23.88
CA LEU A 82 -14.75 -9.07 -22.99
C LEU A 82 -15.29 -8.53 -21.66
N GLU A 83 -16.34 -7.72 -21.75
CA GLU A 83 -16.97 -7.11 -20.59
C GLU A 83 -18.01 -7.98 -19.90
N ASN A 84 -18.85 -8.67 -20.65
CA ASN A 84 -19.95 -9.45 -20.04
C ASN A 84 -19.72 -10.95 -19.91
N GLY A 85 -18.66 -11.45 -20.52
CA GLY A 85 -18.39 -12.88 -20.56
C GLY A 85 -19.02 -13.52 -21.80
N PHE A 86 -18.71 -14.78 -22.06
CA PHE A 86 -19.23 -15.49 -23.21
C PHE A 86 -19.50 -16.92 -22.81
N TRP A 87 -20.68 -17.44 -23.12
CA TRP A 87 -21.02 -18.82 -22.79
C TRP A 87 -21.81 -19.47 -23.90
N ALA A 88 -21.14 -20.22 -24.79
CA ALA A 88 -21.80 -20.92 -25.90
C ALA A 88 -22.69 -22.00 -25.31
N MET A 89 -24.01 -21.95 -25.60
CA MET A 89 -24.94 -22.93 -25.01
C MET A 89 -25.05 -24.26 -25.81
N ARG A 90 -24.33 -24.35 -26.94
CA ARG A 90 -24.25 -25.55 -27.76
C ARG A 90 -22.90 -25.52 -28.47
N GLU A 91 -22.38 -26.70 -28.83
CA GLU A 91 -21.10 -26.82 -29.52
C GLU A 91 -21.06 -26.01 -30.82
N ALA A 92 -22.19 -25.95 -31.55
CA ALA A 92 -22.29 -25.18 -32.80
C ALA A 92 -22.12 -23.66 -32.58
N ASP A 93 -22.37 -23.19 -31.36
CA ASP A 93 -22.23 -21.77 -31.01
C ASP A 93 -20.81 -21.37 -30.59
N GLU A 94 -19.87 -22.33 -30.52
CA GLU A 94 -18.50 -22.03 -30.16
C GLU A 94 -17.81 -21.31 -31.32
N LEU A 95 -17.09 -20.22 -31.01
CA LEU A 95 -16.51 -19.35 -32.01
C LEU A 95 -15.11 -19.73 -32.49
N PRO A 96 -14.93 -19.90 -33.82
CA PRO A 96 -13.58 -20.22 -34.33
C PRO A 96 -12.61 -19.05 -34.13
N ASN A 97 -11.32 -19.32 -34.10
CA ASN A 97 -10.33 -18.26 -33.90
C ASN A 97 -9.25 -18.38 -34.94
N LYS A 98 -8.96 -17.28 -35.64
CA LYS A 98 -7.89 -17.29 -36.64
C LYS A 98 -6.55 -17.14 -35.92
N ASP A 99 -5.52 -17.84 -36.42
CA ASP A 99 -4.14 -17.81 -35.92
C ASP A 99 -3.96 -18.39 -34.52
N ILE A 100 -4.79 -19.37 -34.17
CA ILE A 100 -4.67 -20.04 -32.87
C ILE A 100 -4.09 -21.44 -33.03
N SER A 101 -3.47 -21.95 -31.95
CA SER A 101 -2.94 -23.29 -31.97
C SER A 101 -2.85 -23.89 -30.58
N VAL A 102 -2.86 -25.21 -30.51
CA VAL A 102 -2.64 -25.97 -29.30
C VAL A 102 -1.64 -27.06 -29.69
N VAL A 103 -0.58 -27.19 -28.92
CA VAL A 103 0.45 -28.17 -29.21
C VAL A 103 0.52 -29.26 -28.13
N PHE A 104 0.39 -30.52 -28.55
CA PHE A 104 0.52 -31.66 -27.66
C PHE A 104 1.95 -32.19 -27.77
N ILE A 105 2.52 -32.64 -26.65
CA ILE A 105 3.85 -33.23 -26.67
C ILE A 105 3.66 -34.75 -26.76
N ASP A 106 3.53 -35.24 -27.98
CA ASP A 106 3.27 -36.65 -28.26
C ASP A 106 4.36 -37.59 -27.75
N LYS A 107 5.61 -37.29 -28.07
CA LYS A 107 6.75 -38.10 -27.62
C LYS A 107 7.93 -37.18 -27.27
N ILE A 108 8.78 -37.64 -26.38
CA ILE A 108 10.01 -36.96 -26.01
C ILE A 108 11.08 -38.03 -26.00
N GLU A 109 12.21 -37.74 -26.64
CA GLU A 109 13.27 -38.72 -26.73
C GLU A 109 14.61 -38.06 -26.48
N ASP A 110 15.46 -38.68 -25.65
CA ASP A 110 16.81 -38.19 -25.41
C ASP A 110 17.64 -38.50 -26.65
N VAL A 111 18.12 -37.47 -27.36
CA VAL A 111 18.95 -37.66 -28.56
C VAL A 111 20.36 -37.11 -28.37
N THR A 112 20.85 -37.03 -27.11
CA THR A 112 22.16 -36.48 -26.79
C THR A 112 23.31 -37.15 -27.52
N ASP A 113 23.39 -38.49 -27.50
CA ASP A 113 24.49 -39.20 -28.15
C ASP A 113 24.49 -38.98 -29.65
N TYR A 114 23.30 -38.96 -30.26
CA TYR A 114 23.11 -38.68 -31.68
C TYR A 114 23.62 -37.25 -32.01
N VAL A 115 23.12 -36.23 -31.28
CA VAL A 115 23.54 -34.84 -31.56
C VAL A 115 25.06 -34.65 -31.35
N LYS A 116 25.60 -35.18 -30.24
CA LYS A 116 27.02 -35.08 -29.95
C LYS A 116 27.89 -35.80 -31.00
N LYS A 117 27.40 -36.92 -31.56
CA LYS A 117 28.13 -37.62 -32.61
C LYS A 117 28.13 -36.79 -33.89
N GLU A 118 26.97 -36.20 -34.24
CA GLU A 118 26.86 -35.35 -35.43
C GLU A 118 27.74 -34.12 -35.29
N LEU A 119 27.83 -33.54 -34.07
CA LEU A 119 28.62 -32.36 -33.77
C LEU A 119 30.12 -32.59 -33.91
N LYS A 120 30.59 -33.84 -33.71
CA LYS A 120 32.01 -34.19 -33.87
C LYS A 120 32.55 -33.90 -35.27
N ALA A 121 31.65 -33.75 -36.28
CA ALA A 121 32.07 -33.43 -37.65
C ALA A 121 32.43 -31.93 -37.83
N ILE A 122 32.98 -31.35 -36.72
CA ILE A 122 33.52 -30.01 -36.43
C ILE A 122 34.45 -29.46 -37.50
N LYS A 123 34.09 -28.33 -38.06
CA LYS A 123 34.97 -27.59 -38.96
C LYS A 123 35.72 -26.47 -38.15
N ASP A 124 35.09 -25.99 -37.05
CA ASP A 124 35.52 -24.93 -36.17
C ASP A 124 35.15 -25.32 -34.72
N PRO A 125 36.12 -25.45 -33.79
CA PRO A 125 35.75 -25.79 -32.39
C PRO A 125 34.89 -24.72 -31.71
N ASN A 126 34.95 -23.48 -32.21
CA ASN A 126 34.17 -22.36 -31.69
C ASN A 126 32.80 -22.19 -32.36
N SER A 127 32.37 -23.17 -33.18
CA SER A 127 31.09 -23.15 -33.87
C SER A 127 29.91 -23.12 -32.90
N MET A 128 28.89 -22.32 -33.22
CA MET A 128 27.69 -22.24 -32.39
C MET A 128 26.53 -23.09 -32.93
N ASP A 129 26.82 -24.03 -33.86
CA ASP A 129 25.80 -24.91 -34.41
C ASP A 129 25.14 -25.76 -33.34
N TYR A 130 25.86 -26.11 -32.26
CA TYR A 130 25.32 -26.90 -31.16
C TYR A 130 24.09 -26.21 -30.48
N LEU A 131 23.88 -24.91 -30.70
CA LEU A 131 22.71 -24.18 -30.19
C LEU A 131 21.83 -23.60 -31.32
N SER A 132 22.16 -23.88 -32.58
CA SER A 132 21.47 -23.32 -33.72
C SER A 132 20.17 -24.04 -34.02
N PRO A 133 19.03 -23.31 -34.01
CA PRO A 133 17.75 -23.95 -34.35
C PRO A 133 17.76 -24.52 -35.76
N LYS A 134 18.45 -23.86 -36.69
CA LYS A 134 18.58 -24.33 -38.07
C LYS A 134 19.36 -25.64 -38.09
N TYR A 135 20.51 -25.70 -37.42
CA TYR A 135 21.32 -26.91 -37.42
C TYR A 135 20.59 -28.06 -36.75
N LEU A 136 19.98 -27.82 -35.58
CA LEU A 136 19.26 -28.85 -34.85
C LEU A 136 18.03 -29.33 -35.62
N GLN A 137 17.36 -28.44 -36.40
CA GLN A 137 16.22 -28.86 -37.24
C GLN A 137 16.68 -29.78 -38.36
N LYS A 138 17.88 -29.53 -38.92
CA LYS A 138 18.47 -30.40 -39.93
C LYS A 138 18.72 -31.79 -39.31
N LEU A 139 19.15 -31.85 -38.02
CA LEU A 139 19.37 -33.14 -37.35
C LEU A 139 18.08 -33.85 -37.02
N ALA A 140 17.05 -33.07 -36.63
CA ALA A 140 15.73 -33.60 -36.31
C ALA A 140 15.09 -34.21 -37.59
N ASP A 141 15.14 -33.48 -38.73
CA ASP A 141 14.62 -33.95 -40.01
C ASP A 141 15.36 -35.21 -40.48
N LYS A 142 16.68 -35.25 -40.29
CA LYS A 142 17.50 -36.40 -40.64
C LYS A 142 17.06 -37.63 -39.85
N LYS A 143 16.82 -37.46 -38.54
CA LYS A 143 16.40 -38.58 -37.70
C LYS A 143 14.95 -39.04 -37.99
N ALA A 144 14.00 -38.08 -38.06
CA ALA A 144 12.58 -38.38 -38.31
C ALA A 144 12.34 -39.10 -39.64
N GLY A 145 13.05 -38.67 -40.69
CA GLY A 145 12.91 -39.30 -42.00
C GLY A 145 12.55 -38.37 -43.14
N LYS A 146 12.47 -38.94 -44.36
CA LYS A 146 12.14 -38.19 -45.57
C LYS A 146 10.64 -37.89 -45.59
N ASN A 147 10.29 -36.58 -45.66
CA ASN A 147 8.91 -36.08 -45.69
C ASN A 147 8.05 -36.55 -44.49
N PHE A 148 8.61 -36.50 -43.27
CA PHE A 148 7.92 -36.92 -42.04
C PHE A 148 6.55 -36.24 -41.87
N SER A 149 6.48 -34.93 -42.13
CA SER A 149 5.27 -34.13 -42.00
C SER A 149 4.15 -34.59 -42.95
N ALA A 150 4.53 -35.10 -44.13
CA ALA A 150 3.59 -35.59 -45.12
C ALA A 150 3.18 -37.03 -44.80
N LYS A 151 4.12 -37.84 -44.29
CA LYS A 151 3.85 -39.23 -43.90
C LYS A 151 3.09 -39.35 -42.57
N ASN A 152 3.12 -38.29 -41.73
CA ASN A 152 2.44 -38.24 -40.43
C ASN A 152 1.77 -36.86 -40.27
N PRO A 153 0.65 -36.60 -40.97
CA PRO A 153 0.01 -35.28 -40.87
C PRO A 153 -0.39 -34.87 -39.44
N GLY A 154 -0.06 -33.64 -39.11
CA GLY A 154 -0.31 -33.11 -37.78
C GLY A 154 0.90 -33.18 -36.88
N LEU A 155 1.84 -34.11 -37.17
CA LEU A 155 3.04 -34.29 -36.37
C LEU A 155 4.24 -33.49 -36.91
N SER A 156 5.11 -33.04 -36.00
CA SER A 156 6.35 -32.37 -36.34
C SER A 156 7.43 -32.71 -35.31
N VAL A 157 8.68 -32.62 -35.72
CA VAL A 157 9.82 -33.01 -34.90
C VAL A 157 10.71 -31.77 -34.58
N GLU A 158 11.23 -31.68 -33.35
CA GLU A 158 12.08 -30.56 -32.97
C GLU A 158 13.13 -31.01 -31.95
N ILE A 159 14.39 -30.61 -32.14
CA ILE A 159 15.44 -30.91 -31.18
C ILE A 159 15.83 -29.61 -30.47
N LYS A 160 15.91 -29.66 -29.14
CA LYS A 160 16.33 -28.53 -28.34
C LYS A 160 17.54 -28.92 -27.48
N ALA A 161 18.41 -27.96 -27.25
CA ALA A 161 19.58 -28.09 -26.37
C ALA A 161 19.11 -27.77 -24.94
N PHE A 162 19.70 -28.45 -23.97
CA PHE A 162 19.43 -28.29 -22.54
C PHE A 162 20.76 -28.29 -21.83
N TYR A 163 20.80 -27.69 -20.61
CA TYR A 163 22.02 -27.67 -19.79
C TYR A 163 23.19 -27.04 -20.56
N GLY A 164 22.92 -25.96 -21.29
CA GLY A 164 23.94 -25.26 -22.07
C GLY A 164 24.59 -26.04 -23.20
N GLY A 165 23.88 -27.03 -23.74
CA GLY A 165 24.42 -27.86 -24.81
C GLY A 165 24.96 -29.20 -24.36
N ASN A 166 24.61 -29.63 -23.12
CA ASN A 166 25.07 -30.92 -22.61
C ASN A 166 24.03 -32.04 -22.71
N LEU A 167 22.78 -31.71 -23.04
CA LEU A 167 21.71 -32.69 -23.20
C LEU A 167 20.79 -32.23 -24.33
N TYR A 168 20.31 -33.14 -25.16
CA TYR A 168 19.42 -32.80 -26.28
C TYR A 168 18.21 -33.68 -26.26
N LEU A 169 17.01 -33.10 -26.45
CA LEU A 169 15.78 -33.87 -26.52
C LEU A 169 15.08 -33.59 -27.83
N MET A 170 14.47 -34.62 -28.42
CA MET A 170 13.67 -34.48 -29.61
C MET A 170 12.22 -34.63 -29.20
N PHE A 171 11.41 -33.69 -29.62
CA PHE A 171 10.01 -33.67 -29.27
C PHE A 171 9.21 -33.94 -30.52
N THR A 172 8.23 -34.83 -30.43
CA THR A 172 7.31 -35.06 -31.52
C THR A 172 6.05 -34.33 -31.07
N LYS A 173 5.65 -33.33 -31.82
CA LYS A 173 4.53 -32.47 -31.46
C LYS A 173 3.35 -32.67 -32.38
N LYS A 174 2.15 -32.61 -31.83
CA LYS A 174 0.93 -32.70 -32.60
C LYS A 174 0.23 -31.36 -32.44
N THR A 175 0.07 -30.60 -33.53
CA THR A 175 -0.52 -29.27 -33.46
C THR A 175 -1.92 -29.20 -34.06
N TYR A 176 -2.87 -28.60 -33.34
CA TYR A 176 -4.26 -28.40 -33.78
C TYR A 176 -4.50 -26.91 -33.94
N THR A 177 -5.02 -26.48 -35.09
CA THR A 177 -5.22 -25.04 -35.32
C THR A 177 -6.69 -24.62 -35.34
N ASP A 178 -7.63 -25.56 -35.15
CA ASP A 178 -9.05 -25.21 -35.05
C ASP A 178 -9.37 -25.30 -33.55
N VAL A 179 -9.21 -24.20 -32.82
CA VAL A 179 -9.42 -24.17 -31.37
C VAL A 179 -10.44 -23.07 -31.11
N ARG A 180 -11.66 -23.47 -30.74
CA ARG A 180 -12.78 -22.55 -30.62
C ARG A 180 -13.08 -22.04 -29.21
N LEU A 181 -13.51 -20.79 -29.10
CA LEU A 181 -13.85 -20.17 -27.83
C LEU A 181 -15.17 -20.76 -27.37
N VAL A 182 -15.19 -21.27 -26.12
CA VAL A 182 -16.34 -21.94 -25.52
C VAL A 182 -16.94 -21.17 -24.40
N GLY A 183 -16.09 -20.57 -23.56
CA GLY A 183 -16.56 -19.81 -22.41
C GLY A 183 -15.53 -18.91 -21.80
N ALA A 184 -15.98 -17.81 -21.22
CA ALA A 184 -15.12 -16.87 -20.55
C ALA A 184 -15.94 -16.12 -19.54
N PRO A 185 -15.39 -15.88 -18.35
CA PRO A 185 -16.09 -15.02 -17.39
C PRO A 185 -15.97 -13.56 -17.86
N PRO A 186 -16.79 -12.65 -17.31
CA PRO A 186 -16.61 -11.22 -17.64
C PRO A 186 -15.22 -10.76 -17.19
N SER A 187 -14.66 -9.68 -17.79
CA SER A 187 -13.35 -9.19 -17.36
C SER A 187 -13.31 -8.81 -15.89
N SER A 188 -14.44 -8.42 -15.30
CA SER A 188 -14.50 -8.08 -13.88
C SER A 188 -14.10 -9.27 -12.98
N ILE A 189 -14.21 -10.52 -13.50
CA ILE A 189 -13.80 -11.72 -12.76
C ILE A 189 -12.44 -12.19 -13.31
N GLY A 190 -12.34 -12.32 -14.65
CA GLY A 190 -11.15 -12.80 -15.34
C GLY A 190 -9.87 -12.01 -15.09
N LYS A 191 -10.00 -10.71 -14.89
CA LYS A 191 -8.88 -9.84 -14.56
C LYS A 191 -9.25 -8.92 -13.39
N PHE A 192 -9.88 -9.47 -12.34
CA PHE A 192 -10.35 -8.71 -11.17
C PHE A 192 -9.34 -7.71 -10.60
N GLY A 193 -8.12 -8.10 -10.29
CA GLY A 193 -7.17 -7.13 -9.72
C GLY A 193 -6.66 -6.10 -10.73
N ALA A 194 -6.74 -6.47 -12.03
CA ALA A 194 -6.25 -5.77 -13.20
C ALA A 194 -4.72 -5.44 -13.01
N ASP A 195 -4.17 -4.23 -13.26
CA ASP A 195 -2.75 -3.97 -13.08
C ASP A 195 -2.35 -3.79 -11.62
N THR A 196 -3.26 -3.28 -10.77
CA THR A 196 -2.97 -3.06 -9.34
C THR A 196 -2.54 -4.35 -8.63
N ASP A 197 -3.22 -5.47 -8.94
CA ASP A 197 -2.88 -6.75 -8.33
C ASP A 197 -1.96 -7.63 -9.17
N ASN A 198 -1.36 -7.12 -10.25
CA ASN A 198 -0.40 -7.92 -11.04
C ASN A 198 0.82 -8.21 -10.14
N TRP A 199 1.27 -9.49 -10.12
CA TRP A 199 2.38 -9.96 -9.27
C TRP A 199 2.02 -9.92 -7.77
N ILE A 200 0.73 -9.78 -7.40
CA ILE A 200 0.36 -9.66 -5.99
C ILE A 200 -0.34 -10.89 -5.43
N TRP A 201 0.10 -11.27 -4.24
CA TRP A 201 -0.56 -12.24 -3.38
C TRP A 201 -0.76 -11.48 -2.06
N PRO A 202 -1.95 -11.53 -1.39
CA PRO A 202 -3.20 -12.25 -1.76
C PRO A 202 -3.79 -11.83 -3.09
N ARG A 203 -4.45 -12.77 -3.78
CA ARG A 203 -5.00 -12.49 -5.09
C ARG A 203 -6.44 -13.00 -5.19
N HIS A 204 -7.34 -12.26 -5.85
CA HIS A 204 -8.76 -12.64 -5.90
C HIS A 204 -9.33 -12.71 -7.32
N THR A 205 -8.48 -13.00 -8.28
CA THR A 205 -8.79 -13.02 -9.71
C THR A 205 -9.19 -14.42 -10.23
N GLY A 206 -10.33 -14.50 -10.92
CA GLY A 206 -10.83 -15.73 -11.53
C GLY A 206 -10.33 -15.85 -12.96
N ASP A 207 -9.00 -15.94 -13.09
CA ASP A 207 -8.26 -15.95 -14.33
C ASP A 207 -8.34 -17.27 -15.09
N PHE A 208 -9.47 -17.46 -15.79
CA PHE A 208 -9.72 -18.63 -16.63
C PHE A 208 -10.55 -18.27 -17.88
N SER A 209 -10.41 -19.09 -18.93
CA SER A 209 -11.18 -19.06 -20.15
C SER A 209 -11.20 -20.51 -20.70
N ILE A 210 -12.19 -20.81 -21.53
CA ILE A 210 -12.49 -22.15 -21.99
C ILE A 210 -12.52 -22.20 -23.50
N PHE A 211 -11.81 -23.18 -24.06
CA PHE A 211 -11.72 -23.39 -25.49
C PHE A 211 -12.06 -24.86 -25.80
N ARG A 212 -12.09 -25.24 -27.08
CA ARG A 212 -12.32 -26.61 -27.47
C ARG A 212 -11.52 -26.91 -28.71
N ILE A 213 -10.79 -28.00 -28.67
CA ILE A 213 -10.01 -28.43 -29.82
C ILE A 213 -10.92 -29.15 -30.79
N TYR A 214 -10.88 -28.74 -32.05
CA TYR A 214 -11.62 -29.37 -33.13
C TYR A 214 -10.62 -30.04 -34.06
N ALA A 215 -11.05 -31.10 -34.73
CA ALA A 215 -10.20 -31.89 -35.62
C ALA A 215 -11.09 -32.56 -36.73
N ASP A 216 -10.48 -33.29 -37.69
CA ASP A 216 -11.26 -34.00 -38.70
C ASP A 216 -11.95 -35.24 -38.06
N LYS A 217 -12.70 -36.01 -38.86
CA LYS A 217 -13.43 -37.21 -38.45
C LYS A 217 -12.60 -38.25 -37.71
N ASN A 218 -11.29 -38.31 -37.99
CA ASN A 218 -10.41 -39.26 -37.32
C ASN A 218 -9.62 -38.69 -36.14
N GLY A 219 -9.93 -37.45 -35.73
CA GLY A 219 -9.22 -36.81 -34.64
C GLY A 219 -7.85 -36.29 -35.01
N ASN A 220 -7.61 -36.11 -36.32
CA ASN A 220 -6.34 -35.61 -36.84
C ASN A 220 -6.42 -34.10 -37.01
N PRO A 221 -5.30 -33.40 -36.79
CA PRO A 221 -5.31 -31.94 -36.96
C PRO A 221 -5.81 -31.49 -38.33
N ALA A 222 -6.61 -30.43 -38.32
CA ALA A 222 -7.16 -29.86 -39.53
C ALA A 222 -7.40 -28.38 -39.28
N PRO A 223 -7.10 -27.52 -40.27
CA PRO A 223 -7.42 -26.09 -40.10
C PRO A 223 -8.94 -25.89 -40.00
N TYR A 224 -9.39 -24.69 -39.61
CA TYR A 224 -10.84 -24.43 -39.49
C TYR A 224 -11.65 -24.88 -40.72
N SER A 225 -12.70 -25.67 -40.45
CA SER A 225 -13.66 -26.16 -41.41
C SER A 225 -14.96 -26.36 -40.66
N GLU A 226 -16.10 -26.01 -41.29
CA GLU A 226 -17.41 -26.23 -40.68
C GLU A 226 -17.72 -27.74 -40.51
N ASP A 227 -16.96 -28.62 -41.20
CA ASP A 227 -17.07 -30.08 -41.11
C ASP A 227 -16.29 -30.64 -39.91
N ASN A 228 -15.47 -29.83 -39.22
CA ASN A 228 -14.67 -30.31 -38.09
C ASN A 228 -15.53 -30.68 -36.91
N VAL A 229 -15.08 -31.72 -36.22
CA VAL A 229 -15.75 -32.34 -35.08
C VAL A 229 -14.83 -32.21 -33.82
N PRO A 230 -15.39 -32.07 -32.61
CA PRO A 230 -14.53 -31.99 -31.41
C PRO A 230 -13.54 -33.15 -31.29
N LEU A 231 -12.34 -32.89 -30.78
CA LEU A 231 -11.33 -33.92 -30.66
C LEU A 231 -11.64 -34.86 -29.49
N LYS A 232 -11.56 -36.18 -29.72
CA LYS A 232 -11.66 -37.13 -28.63
C LYS A 232 -10.19 -37.36 -28.24
N PRO A 233 -9.74 -36.86 -27.07
CA PRO A 233 -8.31 -36.98 -26.74
C PRO A 233 -7.91 -38.30 -26.11
N LYS A 234 -6.59 -38.58 -26.11
CA LYS A 234 -5.94 -39.74 -25.48
C LYS A 234 -6.21 -39.72 -23.97
N ARG A 235 -6.12 -38.53 -23.37
CA ARG A 235 -6.21 -38.33 -21.93
C ARG A 235 -6.77 -36.93 -21.62
N PHE A 236 -7.50 -36.85 -20.52
CA PHE A 236 -8.01 -35.58 -20.02
C PHE A 236 -7.99 -35.59 -18.48
N PHE A 237 -7.94 -34.41 -17.87
CA PHE A 237 -7.88 -34.30 -16.42
C PHE A 237 -9.25 -34.51 -15.78
N ASN A 238 -9.28 -35.22 -14.67
CA ASN A 238 -10.50 -35.29 -13.85
C ASN A 238 -10.47 -34.02 -12.98
N ILE A 239 -11.65 -33.45 -12.69
CA ILE A 239 -11.74 -32.26 -11.86
C ILE A 239 -11.99 -32.67 -10.41
N SER A 240 -11.20 -32.17 -9.45
CA SER A 240 -11.45 -32.51 -8.05
C SER A 240 -12.32 -31.45 -7.39
N LEU A 241 -13.24 -31.89 -6.54
CA LEU A 241 -14.00 -30.95 -5.71
C LEU A 241 -13.57 -30.99 -4.22
N GLY A 242 -12.55 -31.81 -3.90
CA GLY A 242 -12.02 -31.97 -2.56
C GLY A 242 -11.27 -30.76 -2.01
N GLY A 243 -10.91 -29.84 -2.90
CA GLY A 243 -10.22 -28.61 -2.53
C GLY A 243 -8.79 -28.80 -2.09
N VAL A 244 -8.26 -27.79 -1.38
CA VAL A 244 -6.91 -27.81 -0.85
C VAL A 244 -6.91 -27.42 0.62
N GLN A 245 -5.90 -27.87 1.32
CA GLN A 245 -5.64 -27.52 2.71
C GLN A 245 -4.17 -27.14 2.82
N GLU A 246 -3.80 -26.38 3.85
CA GLU A 246 -2.40 -25.99 4.07
C GLU A 246 -1.51 -27.24 4.15
N ASN A 247 -0.36 -27.20 3.45
CA ASN A 247 0.63 -28.28 3.37
C ASN A 247 0.27 -29.40 2.40
N ASP A 248 -0.86 -29.32 1.68
CA ASP A 248 -1.20 -30.36 0.70
C ASP A 248 -0.19 -30.39 -0.42
N TYR A 249 0.10 -31.58 -0.93
CA TYR A 249 0.97 -31.75 -2.07
C TYR A 249 0.29 -31.14 -3.30
N ALA A 250 1.06 -30.42 -4.11
CA ALA A 250 0.56 -29.88 -5.36
C ALA A 250 1.64 -29.97 -6.44
N MET A 251 1.24 -30.21 -7.68
CA MET A 251 2.20 -30.27 -8.78
C MET A 251 1.68 -29.61 -10.02
N ILE A 252 2.58 -29.14 -10.87
CA ILE A 252 2.23 -28.48 -12.12
C ILE A 252 3.04 -29.06 -13.29
N MET A 253 2.43 -29.10 -14.45
CA MET A 253 3.06 -29.38 -15.73
C MET A 253 2.79 -28.18 -16.62
N GLY A 254 3.79 -27.77 -17.38
CA GLY A 254 3.65 -26.62 -18.26
C GLY A 254 4.89 -26.29 -19.03
N PHE A 255 4.91 -25.12 -19.64
CA PHE A 255 6.01 -24.74 -20.52
C PHE A 255 6.73 -23.48 -20.03
N PRO A 256 7.50 -23.54 -18.92
CA PRO A 256 8.23 -22.33 -18.49
C PRO A 256 9.21 -21.90 -19.58
N GLY A 257 9.23 -20.62 -19.86
CA GLY A 257 10.01 -20.05 -20.95
C GLY A 257 11.49 -19.92 -20.70
N THR A 258 11.91 -19.13 -19.69
CA THR A 258 13.34 -18.88 -19.46
C THR A 258 13.70 -18.76 -17.99
N THR A 259 14.89 -19.24 -17.62
CA THR A 259 15.46 -19.06 -16.28
C THR A 259 16.97 -18.81 -16.47
N HIS A 260 17.66 -18.39 -15.40
CA HIS A 260 19.08 -18.15 -15.43
C HIS A 260 19.70 -18.74 -14.17
N ARG A 261 19.44 -20.02 -13.95
CA ARG A 261 19.88 -20.78 -12.79
C ARG A 261 21.40 -20.99 -12.71
N TYR A 262 22.10 -20.86 -13.84
CA TYR A 262 23.54 -21.05 -13.88
C TYR A 262 24.31 -19.78 -14.15
N PHE A 263 23.73 -18.61 -13.79
CA PHE A 263 24.41 -17.31 -13.86
C PHE A 263 25.63 -17.36 -12.95
N THR A 264 26.73 -16.70 -13.35
CA THR A 264 27.87 -16.58 -12.44
C THR A 264 27.50 -15.43 -11.47
N ALA A 265 28.31 -15.20 -10.42
CA ALA A 265 28.09 -14.07 -9.52
C ALA A 265 28.24 -12.76 -10.30
N SER A 266 29.17 -12.69 -11.26
CA SER A 266 29.37 -11.50 -12.10
C SER A 266 28.16 -11.20 -13.00
N GLU A 267 27.43 -12.22 -13.42
CA GLU A 267 26.23 -12.04 -14.23
C GLU A 267 25.07 -11.56 -13.37
N VAL A 268 25.00 -11.99 -12.09
CA VAL A 268 24.01 -11.47 -11.13
C VAL A 268 24.31 -9.98 -10.91
N ASP A 269 25.60 -9.60 -10.73
CA ASP A 269 25.97 -8.19 -10.51
C ASP A 269 25.60 -7.32 -11.70
N GLU A 270 25.84 -7.83 -12.90
CA GLU A 270 25.50 -7.14 -14.13
C GLU A 270 23.99 -6.95 -14.27
N TRP A 271 23.21 -8.00 -13.99
CA TRP A 271 21.74 -7.99 -14.05
C TRP A 271 21.19 -6.92 -13.10
N LYS A 272 21.74 -6.83 -11.91
CA LYS A 272 21.34 -5.82 -10.94
C LYS A 272 21.79 -4.39 -11.36
N SER A 273 23.10 -4.18 -11.52
CA SER A 273 23.71 -2.84 -11.69
C SER A 273 23.53 -2.21 -13.05
N ILE A 274 23.25 -3.03 -14.07
CA ILE A 274 23.02 -2.50 -15.39
C ILE A 274 21.55 -2.69 -15.76
N ASP A 275 21.12 -3.93 -16.10
CA ASP A 275 19.78 -4.23 -16.55
C ASP A 275 18.69 -3.66 -15.66
N ASN A 276 18.64 -4.08 -14.39
CA ASN A 276 17.59 -3.69 -13.47
C ASN A 276 17.69 -2.25 -13.01
N ASP A 277 18.87 -1.79 -12.57
CA ASP A 277 18.99 -0.39 -12.10
C ASP A 277 18.62 0.64 -13.19
N ILE A 278 19.05 0.40 -14.44
CA ILE A 278 18.74 1.32 -15.54
C ILE A 278 17.25 1.28 -15.86
N ARG A 279 16.67 0.08 -16.00
CA ARG A 279 15.23 -0.07 -16.24
C ARG A 279 14.40 0.61 -15.12
N ILE A 280 14.81 0.43 -13.86
CA ILE A 280 14.14 1.05 -12.72
C ILE A 280 14.24 2.55 -12.77
N ARG A 281 15.45 3.08 -12.89
CA ARG A 281 15.67 4.52 -12.92
C ARG A 281 14.94 5.20 -14.10
N MET A 282 15.11 4.66 -15.32
CA MET A 282 14.50 5.25 -16.52
C MET A 282 12.98 5.16 -16.53
N ARG A 283 12.42 4.01 -16.14
CA ARG A 283 10.95 3.87 -16.11
C ARG A 283 10.32 4.67 -15.00
N ASP A 284 11.04 4.87 -13.87
CA ASP A 284 10.49 5.71 -12.81
C ASP A 284 10.36 7.17 -13.30
N ILE A 285 11.33 7.64 -14.10
CA ILE A 285 11.27 8.98 -14.67
C ILE A 285 10.11 9.09 -15.68
N ARG A 286 10.02 8.15 -16.61
CA ARG A 286 9.00 8.12 -17.63
C ARG A 286 7.59 8.05 -17.03
N GLN A 287 7.37 7.10 -16.12
CA GLN A 287 6.11 6.85 -15.41
C GLN A 287 5.70 8.05 -14.55
N GLY A 288 6.64 8.69 -13.87
CA GLY A 288 6.34 9.86 -13.06
C GLY A 288 5.77 11.01 -13.88
N VAL A 289 6.39 11.32 -15.04
CA VAL A 289 5.91 12.42 -15.87
C VAL A 289 4.53 12.05 -16.45
N MET A 290 4.41 10.81 -16.94
CA MET A 290 3.19 10.26 -17.52
C MET A 290 2.02 10.30 -16.52
N LEU A 291 2.21 9.82 -15.29
CA LEU A 291 1.18 9.84 -14.25
C LEU A 291 0.74 11.26 -13.91
N ARG A 292 1.69 12.21 -13.76
CA ARG A 292 1.36 13.63 -13.52
C ARG A 292 0.46 14.18 -14.63
N GLU A 293 0.75 13.83 -15.89
CA GLU A 293 -0.04 14.30 -17.01
C GLU A 293 -1.40 13.66 -17.06
N MET A 294 -1.48 12.37 -16.74
CA MET A 294 -2.74 11.62 -16.72
C MET A 294 -3.66 12.13 -15.60
N LEU A 295 -3.10 12.45 -14.43
CA LEU A 295 -3.88 12.95 -13.28
C LEU A 295 -4.40 14.38 -13.49
N ALA A 296 -3.72 15.18 -14.31
CA ALA A 296 -4.11 16.56 -14.57
C ALA A 296 -5.14 16.70 -15.71
N ASP A 297 -5.22 15.72 -16.61
CA ASP A 297 -6.10 15.80 -17.76
C ASP A 297 -6.76 14.45 -17.99
N PRO A 298 -8.09 14.35 -17.78
CA PRO A 298 -8.77 13.06 -17.98
C PRO A 298 -8.66 12.47 -19.39
N GLN A 299 -8.45 13.33 -20.39
CA GLN A 299 -8.30 12.86 -21.76
C GLN A 299 -6.90 12.23 -21.91
N ILE A 300 -5.87 12.77 -21.23
CA ILE A 300 -4.51 12.21 -21.24
C ILE A 300 -4.51 10.83 -20.55
N LYS A 301 -5.31 10.68 -19.47
CA LYS A 301 -5.44 9.42 -18.77
C LYS A 301 -5.98 8.32 -19.71
N ILE A 302 -6.94 8.67 -20.56
CA ILE A 302 -7.50 7.70 -21.51
C ILE A 302 -6.46 7.33 -22.56
N MET A 303 -5.76 8.33 -23.11
CA MET A 303 -4.77 8.09 -24.14
C MET A 303 -3.51 7.35 -23.66
N TYR A 304 -3.10 7.55 -22.41
CA TYR A 304 -1.84 6.99 -21.91
C TYR A 304 -1.96 5.85 -20.89
N SER A 305 -3.17 5.41 -20.52
CA SER A 305 -3.33 4.32 -19.52
C SER A 305 -2.68 3.01 -19.90
N ALA A 306 -2.83 2.60 -21.15
CA ALA A 306 -2.24 1.36 -21.62
C ALA A 306 -0.71 1.48 -21.70
N LYS A 307 -0.17 2.62 -22.21
CA LYS A 307 1.28 2.83 -22.29
C LYS A 307 1.91 2.85 -20.90
N TYR A 308 1.23 3.48 -19.94
CA TYR A 308 1.68 3.57 -18.56
C TYR A 308 1.71 2.16 -17.93
N ALA A 309 0.61 1.40 -18.09
CA ALA A 309 0.50 0.03 -17.55
C ALA A 309 1.54 -0.91 -18.19
N ALA A 310 1.77 -0.82 -19.50
CA ALA A 310 2.77 -1.65 -20.17
C ALA A 310 4.18 -1.36 -19.63
N SER A 311 4.50 -0.09 -19.29
CA SER A 311 5.80 0.25 -18.76
C SER A 311 5.97 -0.27 -17.33
N GLN A 312 4.89 -0.22 -16.54
CA GLN A 312 4.89 -0.63 -15.13
C GLN A 312 5.11 -2.12 -14.91
N ASN A 313 4.62 -2.97 -15.81
CA ASN A 313 4.74 -4.42 -15.63
C ASN A 313 6.19 -4.91 -15.42
N ALA A 314 7.13 -4.63 -16.36
CA ALA A 314 8.53 -5.05 -16.17
C ALA A 314 9.27 -4.18 -15.15
N TYR A 315 8.77 -2.96 -14.89
CA TYR A 315 9.31 -2.10 -13.85
C TYR A 315 9.12 -2.81 -12.48
N LYS A 316 7.90 -3.29 -12.20
CA LYS A 316 7.60 -4.02 -10.97
C LYS A 316 8.43 -5.30 -10.83
N ARG A 317 8.64 -6.00 -11.95
CA ARG A 317 9.42 -7.23 -11.99
C ARG A 317 10.86 -6.92 -11.59
N ALA A 318 11.45 -5.84 -12.16
CA ALA A 318 12.81 -5.41 -11.86
C ALA A 318 12.97 -5.02 -10.40
N ILE A 319 11.94 -4.36 -9.80
CA ILE A 319 11.93 -3.99 -8.36
C ILE A 319 11.96 -5.28 -7.52
N GLY A 320 11.11 -6.23 -7.87
CA GLY A 320 11.07 -7.50 -7.16
C GLY A 320 12.36 -8.30 -7.27
N ALA A 321 12.98 -8.27 -8.45
CA ALA A 321 14.23 -9.01 -8.73
C ALA A 321 15.38 -8.40 -7.96
N ASN A 322 15.45 -7.05 -7.94
CA ASN A 322 16.49 -6.35 -7.18
C ASN A 322 16.31 -6.50 -5.67
N TRP A 323 15.07 -6.66 -5.20
CA TRP A 323 14.82 -6.89 -3.77
C TRP A 323 15.45 -8.26 -3.39
N ALA A 324 15.31 -9.28 -4.26
CA ALA A 324 15.88 -10.60 -4.00
C ALA A 324 17.41 -10.54 -4.04
N ILE A 325 18.01 -9.80 -4.99
CA ILE A 325 19.46 -9.69 -5.08
C ILE A 325 20.01 -9.03 -3.80
N LYS A 326 19.33 -8.01 -3.33
CA LYS A 326 19.72 -7.28 -2.12
C LYS A 326 19.50 -8.04 -0.82
N THR A 327 18.40 -8.80 -0.70
CA THR A 327 18.05 -9.43 0.57
C THR A 327 18.19 -10.94 0.66
N ARG A 328 18.22 -11.68 -0.46
CA ARG A 328 18.24 -13.15 -0.40
C ARG A 328 19.58 -13.79 -0.76
N GLY A 329 20.61 -12.98 -0.91
CA GLY A 329 21.96 -13.44 -1.22
C GLY A 329 22.09 -14.21 -2.53
N LEU A 330 21.51 -13.69 -3.63
CA LEU A 330 21.60 -14.40 -4.91
C LEU A 330 23.02 -14.39 -5.42
N ARG A 331 23.71 -13.26 -5.30
CA ARG A 331 25.08 -13.16 -5.76
C ARG A 331 26.00 -14.11 -5.01
N GLN A 332 25.84 -14.16 -3.69
CA GLN A 332 26.63 -14.98 -2.79
C GLN A 332 26.43 -16.46 -3.08
N ASN A 333 25.18 -16.87 -3.33
CA ASN A 333 24.90 -18.28 -3.61
C ASN A 333 25.45 -18.71 -4.98
N LYS A 334 25.53 -17.81 -5.97
CA LYS A 334 26.15 -18.15 -7.26
C LYS A 334 27.67 -18.25 -7.09
N GLN A 335 28.25 -17.34 -6.28
CA GLN A 335 29.68 -17.35 -5.98
C GLN A 335 30.04 -18.65 -5.27
N ALA A 336 29.21 -19.12 -4.32
CA ALA A 336 29.48 -20.38 -3.61
C ALA A 336 29.38 -21.57 -4.57
N MET A 337 28.42 -21.52 -5.50
CA MET A 337 28.23 -22.57 -6.48
C MET A 337 29.48 -22.70 -7.37
N GLN A 338 30.00 -21.57 -7.86
CA GLN A 338 31.17 -21.60 -8.74
C GLN A 338 32.45 -21.92 -7.99
N ASP A 339 32.60 -21.46 -6.73
CA ASP A 339 33.79 -21.76 -5.93
C ASP A 339 33.90 -23.23 -5.58
N ARG A 340 32.77 -23.88 -5.35
CA ARG A 340 32.68 -25.29 -5.04
C ARG A 340 33.11 -26.12 -6.28
N LEU A 341 32.68 -25.69 -7.47
CA LEU A 341 33.08 -26.37 -8.71
C LEU A 341 34.58 -26.22 -8.97
N ILE A 342 35.12 -25.01 -8.74
CA ILE A 342 36.52 -24.69 -8.93
C ILE A 342 37.41 -25.51 -7.98
N ALA A 343 36.97 -25.70 -6.74
CA ALA A 343 37.72 -26.50 -5.77
C ALA A 343 37.73 -27.99 -6.17
N TRP A 344 36.59 -28.47 -6.68
CA TRP A 344 36.45 -29.85 -7.11
C TRP A 344 37.28 -30.13 -8.38
N GLY A 345 37.32 -29.14 -9.28
CA GLY A 345 38.08 -29.24 -10.52
C GLY A 345 39.57 -29.29 -10.25
N ALA A 346 40.03 -28.57 -9.21
CA ALA A 346 41.44 -28.56 -8.81
C ALA A 346 41.87 -29.96 -8.34
N LYS A 347 40.99 -30.65 -7.59
CA LYS A 347 41.21 -32.01 -7.10
C LYS A 347 41.13 -33.04 -8.23
N GLN A 348 40.19 -32.87 -9.17
CA GLN A 348 40.09 -33.77 -10.34
C GLN A 348 41.26 -33.58 -11.32
N GLY A 349 42.12 -32.57 -11.10
CA GLY A 349 43.23 -32.26 -12.01
C GLY A 349 42.78 -31.62 -13.32
N THR A 350 41.55 -31.06 -13.36
CA THR A 350 40.98 -30.46 -14.57
C THR A 350 40.69 -28.99 -14.36
N PRO A 351 41.55 -28.11 -14.88
CA PRO A 351 41.33 -26.66 -14.69
C PRO A 351 40.32 -26.01 -15.62
N ARG A 352 39.69 -26.76 -16.54
CA ARG A 352 38.78 -26.16 -17.53
C ARG A 352 37.52 -25.49 -16.96
N TYR A 353 37.08 -25.90 -15.76
CA TYR A 353 35.89 -25.30 -15.15
C TYR A 353 36.21 -23.91 -14.60
N GLU A 354 37.40 -23.77 -13.98
CA GLU A 354 37.85 -22.49 -13.47
C GLU A 354 38.15 -21.53 -14.64
N GLU A 355 38.71 -22.07 -15.73
CA GLU A 355 38.97 -21.29 -16.93
C GLU A 355 37.66 -20.80 -17.55
N ALA A 356 36.61 -21.64 -17.52
CA ALA A 356 35.29 -21.30 -18.03
C ALA A 356 34.64 -20.16 -17.22
N VAL A 357 34.66 -20.25 -15.88
CA VAL A 357 34.11 -19.18 -15.02
C VAL A 357 34.89 -17.88 -15.25
N HIS A 358 36.22 -17.98 -15.37
CA HIS A 358 37.07 -16.82 -15.67
C HIS A 358 36.69 -16.18 -17.00
N GLU A 359 36.43 -16.98 -18.07
CA GLU A 359 36.04 -16.44 -19.36
C GLU A 359 34.73 -15.67 -19.26
N ILE A 360 33.77 -16.19 -18.48
CA ILE A 360 32.49 -15.52 -18.28
C ILE A 360 32.70 -14.19 -17.55
N ASP A 361 33.47 -14.20 -16.44
CA ASP A 361 33.77 -12.98 -15.68
C ASP A 361 34.46 -11.93 -16.56
N ALA A 362 35.46 -12.34 -17.33
CA ALA A 362 36.21 -11.42 -18.19
C ALA A 362 35.32 -10.82 -19.27
N THR A 363 34.41 -11.63 -19.83
CA THR A 363 33.51 -11.15 -20.88
C THR A 363 32.51 -10.17 -20.29
N VAL A 364 31.97 -10.48 -19.10
CA VAL A 364 31.05 -9.58 -18.42
C VAL A 364 31.73 -8.24 -18.11
N ALA A 365 32.96 -8.29 -17.58
CA ALA A 365 33.71 -7.06 -17.24
C ALA A 365 34.05 -6.24 -18.47
N LYS A 366 34.43 -6.91 -19.57
CA LYS A 366 34.77 -6.22 -20.81
C LYS A 366 33.59 -5.51 -21.49
N ARG A 367 32.39 -6.12 -21.47
CA ARG A 367 31.22 -5.50 -22.14
C ARG A 367 30.43 -4.50 -21.28
N ALA A 368 30.86 -4.25 -20.03
CA ALA A 368 30.13 -3.37 -19.09
C ALA A 368 29.73 -1.98 -19.65
N ASP A 369 30.67 -1.21 -20.22
CA ASP A 369 30.36 0.12 -20.72
C ASP A 369 29.40 0.08 -21.88
N LEU A 370 29.61 -0.84 -22.81
CA LEU A 370 28.72 -1.00 -23.96
C LEU A 370 27.30 -1.41 -23.53
N ARG A 371 27.18 -2.43 -22.64
CA ARG A 371 25.88 -2.89 -22.13
C ARG A 371 25.15 -1.75 -21.37
N ARG A 372 25.89 -0.95 -20.61
CA ARG A 372 25.31 0.19 -19.90
C ARG A 372 24.78 1.21 -20.92
N ARG A 373 25.56 1.50 -21.95
CA ARG A 373 25.13 2.41 -23.02
C ARG A 373 23.90 1.87 -23.79
N TYR A 374 23.82 0.55 -23.98
CA TYR A 374 22.70 -0.08 -24.68
C TYR A 374 21.40 0.03 -23.85
N TRP A 375 21.45 -0.32 -22.57
CA TRP A 375 20.28 -0.23 -21.71
C TRP A 375 19.85 1.21 -21.50
N MET A 376 20.81 2.12 -21.41
CA MET A 376 20.52 3.55 -21.27
C MET A 376 19.75 4.08 -22.48
N ILE A 377 20.18 3.75 -23.70
CA ILE A 377 19.46 4.21 -24.89
C ILE A 377 18.14 3.46 -25.09
N GLU A 378 18.10 2.16 -24.78
CA GLU A 378 16.89 1.36 -24.97
C GLU A 378 15.79 1.79 -24.00
N GLU A 379 16.11 1.90 -22.72
CA GLU A 379 15.14 2.31 -21.71
C GLU A 379 14.85 3.81 -21.76
N GLY A 380 15.90 4.59 -21.94
CA GLY A 380 15.80 6.03 -22.00
C GLY A 380 15.14 6.64 -23.22
N ILE A 381 15.43 6.11 -24.41
CA ILE A 381 14.95 6.70 -25.66
C ILE A 381 14.08 5.79 -26.51
N ILE A 382 14.57 4.56 -26.84
CA ILE A 382 13.85 3.63 -27.71
C ILE A 382 12.46 3.32 -27.16
N ARG A 383 12.39 3.00 -25.87
CA ARG A 383 11.12 2.76 -25.19
C ARG A 383 10.60 4.05 -24.55
N GLY A 384 11.50 4.87 -24.01
CA GLY A 384 11.15 6.04 -23.23
C GLY A 384 10.52 7.21 -23.95
N ILE A 385 10.92 7.46 -25.22
CA ILE A 385 10.46 8.62 -25.97
C ILE A 385 9.70 8.20 -27.23
N GLU A 386 8.43 8.60 -27.33
CA GLU A 386 7.60 8.21 -28.47
C GLU A 386 8.08 8.74 -29.80
N PHE A 387 8.61 9.98 -29.85
CA PHE A 387 9.07 10.53 -31.13
C PHE A 387 10.36 9.86 -31.63
N ALA A 388 10.98 8.94 -30.86
CA ALA A 388 12.09 8.13 -31.36
C ALA A 388 11.54 7.15 -32.42
N ARG A 389 10.26 6.72 -32.28
CA ARG A 389 9.65 5.84 -33.29
C ARG A 389 8.78 6.62 -34.27
N SER A 390 9.18 7.86 -34.58
CA SER A 390 8.51 8.68 -35.57
C SER A 390 9.00 8.23 -36.97
N PRO A 391 8.29 8.60 -38.07
CA PRO A 391 8.69 8.09 -39.39
C PRO A 391 10.09 8.48 -39.89
N ILE A 392 10.79 7.48 -40.42
CA ILE A 392 12.09 7.67 -41.05
C ILE A 392 11.91 7.27 -42.50
N PRO A 393 12.06 8.22 -43.44
CA PRO A 393 11.89 7.89 -44.87
C PRO A 393 12.83 6.80 -45.34
N THR A 394 12.27 5.75 -45.97
CA THR A 394 13.10 4.65 -46.48
C THR A 394 14.02 5.08 -47.65
N GLU A 395 15.02 4.24 -48.01
CA GLU A 395 15.92 4.53 -49.14
C GLU A 395 15.13 4.61 -50.46
N ASP A 396 14.13 3.72 -50.61
CA ASP A 396 13.24 3.68 -51.78
C ASP A 396 12.26 4.87 -51.77
N GLU A 397 11.84 5.33 -50.57
CA GLU A 397 10.94 6.49 -50.44
C GLU A 397 11.70 7.78 -50.79
N THR A 398 12.95 7.90 -50.37
CA THR A 398 13.80 9.04 -50.68
C THR A 398 14.14 9.03 -52.19
N LYS A 399 14.40 7.84 -52.76
CA LYS A 399 14.67 7.74 -54.20
C LYS A 399 13.42 8.09 -55.01
N ALA A 400 12.24 7.70 -54.52
CA ALA A 400 10.98 8.01 -55.18
C ALA A 400 10.69 9.52 -55.20
N LEU A 401 11.06 10.23 -54.12
CA LEU A 401 10.82 11.68 -54.05
C LEU A 401 11.84 12.51 -54.85
N GLN A 402 13.00 11.93 -55.18
CA GLN A 402 14.03 12.64 -55.93
C GLN A 402 13.98 12.31 -57.43
N ASP A 405 10.86 11.86 -59.88
CA ASP A 405 10.24 12.35 -61.11
C ASP A 405 9.39 11.26 -61.79
N ALA A 406 8.22 10.95 -61.19
CA ALA A 406 7.20 9.96 -61.60
C ALA A 406 6.01 10.02 -60.60
N SER A 407 4.86 9.34 -60.89
CA SER A 407 3.76 9.29 -59.90
C SER A 407 4.13 8.48 -58.63
N ALA A 408 5.33 7.89 -58.59
CA ALA A 408 5.83 7.15 -57.43
C ALA A 408 6.08 8.09 -56.22
N ARG A 409 6.08 9.43 -56.44
CA ARG A 409 6.24 10.48 -55.43
C ARG A 409 4.96 10.51 -54.57
N LYS A 410 3.78 10.50 -55.20
CA LYS A 410 2.50 10.49 -54.51
C LYS A 410 2.30 9.18 -53.70
N GLU A 411 2.93 8.09 -54.15
CA GLU A 411 2.89 6.80 -53.47
C GLU A 411 3.78 6.84 -52.22
N ALA A 412 4.95 7.50 -52.32
CA ALA A 412 5.91 7.64 -51.23
C ALA A 412 5.31 8.53 -50.13
N ILE A 413 4.64 9.60 -50.50
CA ILE A 413 3.96 10.48 -49.54
C ILE A 413 2.81 9.75 -48.85
N ASP A 414 2.07 8.88 -49.56
CA ASP A 414 0.98 8.13 -48.93
C ASP A 414 1.51 7.11 -47.93
N LYS A 415 2.71 6.55 -48.19
CA LYS A 415 3.32 5.59 -47.29
C LYS A 415 3.86 6.32 -46.06
N ILE A 416 4.50 7.50 -46.26
CA ILE A 416 5.02 8.30 -45.16
C ILE A 416 3.87 8.78 -44.27
N ARG A 417 2.76 9.21 -44.89
CA ARG A 417 1.54 9.67 -44.22
C ARG A 417 0.93 8.58 -43.36
N THR A 418 0.90 7.34 -43.87
CA THR A 418 0.34 6.21 -43.14
C THR A 418 1.12 5.96 -41.85
N ARG A 419 2.47 6.05 -41.91
CA ARG A 419 3.35 5.87 -40.76
C ARG A 419 3.24 7.06 -39.82
N TYR A 420 3.08 8.29 -40.36
CA TYR A 420 2.91 9.47 -39.51
C TYR A 420 1.60 9.35 -38.72
N SER A 421 0.53 8.94 -39.40
CA SER A 421 -0.78 8.77 -38.78
C SER A 421 -0.81 7.69 -37.73
N LYS A 422 0.09 6.70 -37.81
CA LYS A 422 0.20 5.64 -36.81
C LYS A 422 1.00 6.14 -35.60
N PHE A 423 2.01 7.00 -35.83
CA PHE A 423 2.81 7.59 -34.75
C PHE A 423 1.95 8.63 -34.00
N ALA A 424 1.38 9.58 -34.72
CA ALA A 424 0.54 10.61 -34.13
C ALA A 424 -0.92 10.13 -34.16
N ASN A 425 -1.19 9.00 -33.49
CA ASN A 425 -2.55 8.43 -33.48
C ASN A 425 -3.45 9.11 -32.41
N LYS A 426 -4.67 8.58 -32.17
CA LYS A 426 -5.60 9.13 -31.20
C LYS A 426 -5.10 9.09 -29.76
N ASP A 427 -4.09 8.24 -29.47
CA ASP A 427 -3.52 8.16 -28.12
C ASP A 427 -2.21 8.94 -27.96
N TYR A 428 -1.72 9.60 -29.02
CA TYR A 428 -0.46 10.33 -28.93
C TYR A 428 -0.64 11.79 -28.59
N SER A 429 0.06 12.25 -27.57
CA SER A 429 0.05 13.67 -27.21
C SER A 429 1.47 14.20 -27.37
N ALA A 430 1.68 15.15 -28.30
CA ALA A 430 2.97 15.80 -28.54
C ALA A 430 3.42 16.55 -27.27
N GLU A 431 2.48 17.16 -26.54
CA GLU A 431 2.80 17.88 -25.30
C GLU A 431 3.28 16.94 -24.20
N VAL A 432 2.62 15.80 -24.04
CA VAL A 432 3.03 14.78 -23.07
C VAL A 432 4.39 14.21 -23.49
N ASP A 433 4.55 13.91 -24.77
CA ASP A 433 5.82 13.41 -25.29
C ASP A 433 6.99 14.36 -25.11
N LYS A 434 6.79 15.66 -25.35
CA LYS A 434 7.85 16.65 -25.12
C LYS A 434 8.25 16.66 -23.63
N LYS A 435 7.28 16.57 -22.71
CA LYS A 435 7.58 16.58 -21.28
C LYS A 435 8.31 15.32 -20.88
N VAL A 436 7.90 14.17 -21.41
CA VAL A 436 8.59 12.91 -21.13
C VAL A 436 10.03 12.97 -21.68
N ALA A 437 10.20 13.42 -22.93
CA ALA A 437 11.50 13.52 -23.57
C ALA A 437 12.43 14.45 -22.84
N VAL A 438 11.95 15.60 -22.36
CA VAL A 438 12.82 16.52 -21.62
C VAL A 438 13.38 15.84 -20.35
N ALA A 439 12.54 15.12 -19.59
CA ALA A 439 13.03 14.44 -18.39
C ALA A 439 13.93 13.23 -18.72
N MET A 440 13.55 12.42 -19.72
CA MET A 440 14.33 11.25 -20.11
C MET A 440 15.69 11.65 -20.68
N LEU A 441 15.73 12.66 -21.57
CA LEU A 441 16.98 13.12 -22.16
C LEU A 441 17.86 13.82 -21.18
N THR A 442 17.29 14.50 -20.17
CA THR A 442 18.10 15.15 -19.13
C THR A 442 18.90 14.08 -18.36
N GLU A 443 18.24 12.94 -18.03
CA GLU A 443 18.92 11.85 -17.34
C GLU A 443 19.92 11.14 -18.24
N TYR A 444 19.53 10.91 -19.51
CA TYR A 444 20.38 10.26 -20.51
C TYR A 444 21.65 11.09 -20.76
N LEU A 445 21.52 12.41 -20.94
CA LEU A 445 22.64 13.33 -21.18
C LEU A 445 23.59 13.42 -19.98
N LYS A 446 23.05 13.21 -18.78
CA LYS A 446 23.81 13.18 -17.53
C LYS A 446 24.67 11.90 -17.46
N GLU A 447 24.17 10.76 -17.96
CA GLU A 447 24.88 9.48 -17.90
C GLU A 447 25.83 9.20 -19.05
N ILE A 448 25.41 9.55 -20.29
CA ILE A 448 26.16 9.26 -21.50
C ILE A 448 27.01 10.45 -21.92
N PRO A 449 28.34 10.29 -21.93
CA PRO A 449 29.20 11.42 -22.32
C PRO A 449 29.04 11.80 -23.80
N TYR A 450 29.36 13.06 -24.13
CA TYR A 450 29.30 13.62 -25.48
C TYR A 450 29.84 12.70 -26.58
N GLU A 451 31.03 12.12 -26.36
CA GLU A 451 31.64 11.25 -27.37
C GLU A 451 30.87 9.93 -27.60
N ASN A 452 29.99 9.55 -26.68
CA ASN A 452 29.19 8.33 -26.82
C ASN A 452 27.71 8.61 -27.20
N LEU A 453 27.35 9.89 -27.41
CA LEU A 453 25.98 10.27 -27.72
C LEU A 453 25.60 9.95 -29.16
N PRO A 454 24.31 9.65 -29.42
CA PRO A 454 23.85 9.60 -30.81
C PRO A 454 24.07 11.01 -31.42
N LEU A 455 24.65 11.08 -32.64
CA LEU A 455 25.06 12.31 -33.32
C LEU A 455 24.13 13.53 -33.12
N HIS A 456 22.82 13.37 -33.25
CA HIS A 456 21.89 14.49 -33.12
C HIS A 456 21.81 15.06 -31.69
N LEU A 457 22.01 14.22 -30.66
CA LEU A 457 21.99 14.65 -29.26
C LEU A 457 23.18 15.56 -28.91
N ARG A 458 24.25 15.52 -29.71
CA ARG A 458 25.39 16.43 -29.56
C ARG A 458 24.96 17.90 -29.73
N LEU A 459 23.85 18.16 -30.46
CA LEU A 459 23.30 19.50 -30.65
C LEU A 459 22.80 20.15 -29.37
N VAL A 460 22.52 19.36 -28.31
CA VAL A 460 22.05 19.93 -27.04
C VAL A 460 23.15 20.84 -26.46
N LYS A 461 24.40 20.38 -26.47
CA LYS A 461 25.52 21.18 -25.99
C LYS A 461 26.01 22.19 -27.05
N ASP A 462 26.16 21.73 -28.29
CA ASP A 462 26.70 22.53 -29.40
C ASP A 462 25.82 23.66 -29.93
N ARG A 463 24.52 23.43 -30.04
CA ARG A 463 23.61 24.40 -30.64
C ARG A 463 22.63 25.03 -29.63
N PHE A 464 22.23 24.27 -28.60
CA PHE A 464 21.21 24.77 -27.67
C PHE A 464 21.75 25.18 -26.29
N ALA A 465 23.08 25.32 -26.15
CA ALA A 465 23.71 25.71 -24.88
C ALA A 465 23.27 24.89 -23.67
N GLY A 466 23.10 23.59 -23.87
CA GLY A 466 22.71 22.66 -22.81
C GLY A 466 21.24 22.68 -22.44
N ASP A 467 20.41 23.47 -23.15
CA ASP A 467 18.98 23.58 -22.87
C ASP A 467 18.21 22.45 -23.58
N VAL A 468 17.85 21.41 -22.82
CA VAL A 468 17.14 20.24 -23.32
C VAL A 468 15.75 20.64 -23.79
N GLN A 469 15.06 21.48 -23.03
CA GLN A 469 13.71 21.96 -23.36
C GLN A 469 13.70 22.65 -24.73
N ALA A 470 14.70 23.50 -25.01
CA ALA A 470 14.80 24.23 -26.28
C ALA A 470 15.06 23.28 -27.45
N TYR A 471 15.91 22.28 -27.23
CA TYR A 471 16.23 21.29 -28.24
C TYR A 471 14.96 20.49 -28.61
N VAL A 472 14.18 20.07 -27.61
CA VAL A 472 12.95 19.31 -27.82
C VAL A 472 11.88 20.20 -28.48
N ASP A 473 11.75 21.46 -28.03
CA ASP A 473 10.81 22.41 -28.61
C ASP A 473 11.13 22.64 -30.07
N ASP A 474 12.42 22.76 -30.41
CA ASP A 474 12.85 22.99 -31.78
C ASP A 474 12.55 21.81 -32.70
N ILE A 475 12.69 20.56 -32.19
CA ILE A 475 12.36 19.35 -32.95
C ILE A 475 10.90 19.40 -33.40
N PHE A 476 9.98 19.76 -32.50
CA PHE A 476 8.56 19.83 -32.83
C PHE A 476 8.17 21.06 -33.64
N ALA A 477 8.80 22.21 -33.36
CA ALA A 477 8.48 23.44 -34.08
C ALA A 477 8.88 23.37 -35.55
N ARG A 478 10.01 22.73 -35.85
CA ARG A 478 10.52 22.69 -37.23
C ARG A 478 10.27 21.39 -37.97
N SER A 479 9.94 20.31 -37.27
CA SER A 479 9.71 19.03 -37.94
C SER A 479 8.41 18.93 -38.69
N VAL A 480 8.48 18.23 -39.82
CA VAL A 480 7.39 17.82 -40.70
C VAL A 480 6.39 16.93 -39.89
N PHE A 481 6.85 16.19 -38.88
CA PHE A 481 5.98 15.36 -38.05
C PHE A 481 5.65 16.00 -36.68
N GLY A 482 5.90 17.29 -36.54
CA GLY A 482 5.62 18.02 -35.30
C GLY A 482 4.16 18.30 -35.05
N SER A 483 3.36 18.32 -36.12
CA SER A 483 1.91 18.55 -36.06
C SER A 483 1.27 18.14 -37.41
N GLU A 484 -0.06 18.06 -37.46
CA GLU A 484 -0.75 17.68 -38.67
C GLU A 484 -0.57 18.75 -39.74
N ALA A 485 -0.67 20.03 -39.37
CA ALA A 485 -0.51 21.15 -40.29
C ALA A 485 0.88 21.19 -40.90
N GLN A 486 1.90 20.83 -40.10
CA GLN A 486 3.28 20.80 -40.58
C GLN A 486 3.49 19.63 -41.54
N PHE A 487 2.83 18.48 -41.30
CA PHE A 487 2.94 17.35 -42.22
C PHE A 487 2.25 17.66 -43.52
N ASP A 488 1.04 18.23 -43.46
CA ASP A 488 0.29 18.59 -44.65
C ASP A 488 1.01 19.61 -45.50
N ALA A 489 1.71 20.56 -44.87
CA ALA A 489 2.49 21.55 -45.63
C ALA A 489 3.63 20.85 -46.38
N PHE A 490 4.25 19.87 -45.74
CA PHE A 490 5.31 19.08 -46.35
C PHE A 490 4.73 18.24 -47.51
N ALA A 491 3.64 17.52 -47.27
CA ALA A 491 2.98 16.66 -48.24
C ALA A 491 2.52 17.39 -49.48
N ALA A 492 2.22 18.70 -49.36
CA ALA A 492 1.83 19.50 -50.53
C ALA A 492 3.05 19.85 -51.38
N VAL A 493 4.19 20.16 -50.76
CA VAL A 493 5.43 20.51 -51.49
C VAL A 493 6.60 19.69 -50.92
N PRO A 494 6.64 18.38 -51.19
CA PRO A 494 7.70 17.55 -50.60
C PRO A 494 9.03 17.59 -51.32
N SER A 495 10.11 17.68 -50.54
CA SER A 495 11.45 17.63 -51.08
C SER A 495 12.31 16.73 -50.19
N VAL A 496 13.22 15.99 -50.81
CA VAL A 496 14.16 15.11 -50.13
C VAL A 496 15.02 15.92 -49.13
N GLU A 497 15.40 17.13 -49.53
CA GLU A 497 16.22 18.04 -48.76
C GLU A 497 15.56 18.47 -47.47
N LYS A 498 14.21 18.53 -47.43
CA LYS A 498 13.46 18.88 -46.24
C LYS A 498 13.52 17.72 -45.26
N LEU A 499 13.37 16.47 -45.76
CA LEU A 499 13.43 15.27 -44.93
C LEU A 499 14.83 15.00 -44.43
N ALA A 500 15.85 15.28 -45.25
CA ALA A 500 17.25 15.05 -44.87
C ALA A 500 17.70 15.97 -43.73
N GLU A 501 17.12 17.17 -43.63
CA GLU A 501 17.48 18.11 -42.56
C GLU A 501 16.41 18.17 -41.43
N ASP A 502 15.35 17.35 -41.50
CA ASP A 502 14.30 17.37 -40.50
C ASP A 502 14.83 16.98 -39.12
N PRO A 503 14.66 17.87 -38.12
CA PRO A 503 15.18 17.58 -36.78
C PRO A 503 14.63 16.30 -36.15
N MET A 504 13.34 15.99 -36.35
CA MET A 504 12.78 14.76 -35.80
C MET A 504 13.30 13.53 -36.53
N VAL A 505 13.43 13.61 -37.87
CA VAL A 505 13.97 12.50 -38.67
C VAL A 505 15.41 12.22 -38.25
N LEU A 506 16.21 13.28 -38.08
CA LEU A 506 17.61 13.21 -37.67
C LEU A 506 17.74 12.63 -36.26
N PHE A 507 16.84 13.03 -35.33
CA PHE A 507 16.85 12.48 -33.98
C PHE A 507 16.58 10.96 -34.03
N ALA A 508 15.46 10.56 -34.66
CA ALA A 508 15.03 9.17 -34.76
C ALA A 508 16.08 8.30 -35.42
N SER A 509 16.67 8.79 -36.53
CA SER A 509 17.69 8.09 -37.29
C SER A 509 18.93 7.92 -36.44
N SER A 510 19.38 9.01 -35.81
CA SER A 510 20.55 9.05 -34.95
C SER A 510 20.46 8.10 -33.74
N VAL A 511 19.33 8.08 -33.05
CA VAL A 511 19.19 7.23 -31.87
C VAL A 511 19.04 5.76 -32.31
N PHE A 512 18.40 5.48 -33.46
CA PHE A 512 18.32 4.10 -33.95
C PHE A 512 19.66 3.59 -34.47
N ASP A 513 20.48 4.48 -35.05
CA ASP A 513 21.81 4.15 -35.52
C ASP A 513 22.68 3.75 -34.34
N GLU A 514 22.61 4.50 -33.23
CA GLU A 514 23.40 4.22 -32.04
C GLU A 514 22.95 2.91 -31.36
N TYR A 515 21.64 2.70 -31.27
CA TYR A 515 21.03 1.50 -30.72
C TYR A 515 21.51 0.25 -31.50
N ARG A 516 21.59 0.36 -32.84
CA ARG A 516 22.05 -0.75 -33.68
C ARG A 516 23.56 -0.96 -33.62
N LYS A 517 24.33 0.12 -33.56
CA LYS A 517 25.79 0.03 -33.43
C LYS A 517 26.16 -0.65 -32.11
N LEU A 518 25.43 -0.32 -31.02
CA LEU A 518 25.68 -0.91 -29.70
C LEU A 518 25.30 -2.39 -29.68
N TYR A 519 24.16 -2.72 -30.28
CA TYR A 519 23.69 -4.10 -30.40
C TYR A 519 24.75 -4.94 -31.17
N ASN A 520 25.25 -4.42 -32.29
CA ASN A 520 26.25 -5.11 -33.11
C ASN A 520 27.59 -5.26 -32.40
N GLU A 521 27.98 -4.27 -31.59
CA GLU A 521 29.22 -4.36 -30.83
C GLU A 521 29.07 -5.33 -29.65
N LEU A 522 27.87 -5.47 -29.09
CA LEU A 522 27.64 -6.35 -27.94
C LEU A 522 27.43 -7.82 -28.30
N ARG A 523 26.85 -8.08 -29.48
CA ARG A 523 26.55 -9.43 -29.96
C ARG A 523 27.74 -10.41 -29.87
N PRO A 524 28.97 -10.07 -30.31
CA PRO A 524 30.09 -11.02 -30.20
C PRO A 524 30.41 -11.52 -28.78
N TYR A 525 30.01 -10.77 -27.73
CA TYR A 525 30.28 -11.16 -26.36
C TYR A 525 29.41 -12.32 -25.89
N ASP A 526 28.27 -12.57 -26.55
CA ASP A 526 27.39 -13.67 -26.15
C ASP A 526 28.02 -15.06 -26.33
N ASP A 527 28.69 -15.28 -27.47
CA ASP A 527 29.25 -16.57 -27.83
C ASP A 527 30.31 -17.11 -26.85
N PRO A 528 31.34 -16.35 -26.43
CA PRO A 528 32.29 -16.91 -25.44
C PRO A 528 31.60 -17.28 -24.13
N ILE A 529 30.56 -16.54 -23.70
CA ILE A 529 29.80 -16.86 -22.48
C ILE A 529 29.02 -18.17 -22.69
N LEU A 530 28.32 -18.29 -23.83
CA LEU A 530 27.61 -19.54 -24.14
C LEU A 530 28.54 -20.76 -24.16
N ARG A 531 29.70 -20.66 -24.87
CA ARG A 531 30.64 -21.78 -24.91
C ARG A 531 31.20 -22.10 -23.53
N ALA A 532 31.53 -21.05 -22.73
CA ALA A 532 32.04 -21.29 -21.38
C ALA A 532 30.96 -21.90 -20.47
N GLN A 533 29.69 -21.58 -20.69
CA GLN A 533 28.56 -22.13 -19.93
C GLN A 533 28.38 -23.62 -20.19
N ARG A 534 28.70 -24.08 -21.41
CA ARG A 534 28.61 -25.50 -21.74
C ARG A 534 29.59 -26.29 -20.86
N THR A 535 30.83 -25.76 -20.70
CA THR A 535 31.85 -26.38 -19.86
C THR A 535 31.47 -26.25 -18.37
N TYR A 536 31.04 -25.06 -17.95
CA TYR A 536 30.62 -24.79 -16.58
C TYR A 536 29.48 -25.74 -16.10
N ILE A 537 28.39 -25.85 -16.87
CA ILE A 537 27.27 -26.70 -16.50
C ILE A 537 27.63 -28.18 -16.60
N ALA A 538 28.52 -28.55 -17.54
CA ALA A 538 29.00 -29.94 -17.61
C ALA A 538 29.72 -30.34 -16.31
N GLY A 539 30.52 -29.42 -15.77
CA GLY A 539 31.21 -29.64 -14.52
C GLY A 539 30.27 -29.75 -13.35
N LEU A 540 29.26 -28.86 -13.28
CA LEU A 540 28.26 -28.85 -12.23
C LEU A 540 27.51 -30.19 -12.22
N LEU A 541 27.14 -30.68 -13.40
CA LEU A 541 26.45 -31.97 -13.57
C LEU A 541 27.33 -33.17 -13.21
N GLU A 542 28.60 -33.15 -13.63
CA GLU A 542 29.53 -34.22 -13.32
C GLU A 542 29.81 -34.28 -11.80
N MET A 543 29.90 -33.10 -11.15
CA MET A 543 30.17 -33.00 -9.74
C MET A 543 28.98 -33.36 -8.84
N ASP A 544 27.84 -32.70 -9.01
CA ASP A 544 26.69 -32.91 -8.12
C ASP A 544 25.53 -33.71 -8.72
N GLY A 545 25.65 -34.10 -9.98
CA GLY A 545 24.63 -34.90 -10.65
C GLY A 545 23.44 -34.13 -11.18
N ASP A 546 22.80 -34.70 -12.21
CA ASP A 546 21.59 -34.17 -12.84
C ASP A 546 20.40 -34.69 -12.03
N GLN A 547 20.38 -34.34 -10.74
CA GLN A 547 19.36 -34.80 -9.82
C GLN A 547 18.81 -33.62 -9.05
N ASP A 548 19.64 -32.79 -8.40
CA ASP A 548 19.11 -31.63 -7.66
C ASP A 548 19.36 -30.28 -8.37
N GLN A 549 19.76 -30.32 -9.67
CA GLN A 549 19.95 -29.11 -10.49
C GLN A 549 19.26 -29.29 -11.81
N PHE A 550 18.15 -28.56 -11.98
CA PHE A 550 17.29 -28.62 -13.15
C PHE A 550 17.88 -27.86 -14.32
N PRO A 551 17.57 -28.27 -15.57
CA PRO A 551 18.08 -27.50 -16.71
C PRO A 551 17.29 -26.21 -16.84
N ASP A 552 17.92 -25.10 -17.26
CA ASP A 552 17.19 -23.83 -17.44
C ASP A 552 15.91 -24.03 -18.33
N ALA A 553 14.84 -23.31 -18.01
CA ALA A 553 13.62 -23.36 -18.79
C ALA A 553 13.92 -22.90 -20.24
N ASN A 554 13.29 -23.54 -21.25
CA ASN A 554 13.52 -23.17 -22.64
C ASN A 554 12.26 -23.39 -23.48
N LEU A 555 11.08 -23.11 -22.90
CA LEU A 555 9.76 -23.29 -23.51
C LEU A 555 9.46 -24.75 -23.86
N THR A 556 9.96 -25.66 -23.04
CA THR A 556 9.67 -27.08 -23.17
C THR A 556 8.92 -27.54 -21.94
N LEU A 557 8.21 -28.67 -22.08
CA LEU A 557 7.38 -29.25 -21.03
C LEU A 557 8.19 -29.64 -19.80
N ARG A 558 7.77 -29.14 -18.64
CA ARG A 558 8.42 -29.43 -17.37
C ARG A 558 7.38 -29.70 -16.30
N PHE A 559 7.83 -30.36 -15.22
CA PHE A 559 6.98 -30.56 -14.07
C PHE A 559 7.68 -29.94 -12.86
N THR A 560 6.88 -29.47 -11.91
CA THR A 560 7.35 -28.90 -10.67
C THR A 560 6.38 -29.36 -9.59
N TYR A 561 6.88 -29.55 -8.36
CA TYR A 561 6.04 -30.01 -7.27
C TYR A 561 6.37 -29.21 -6.01
N GLY A 562 5.40 -29.13 -5.11
CA GLY A 562 5.54 -28.42 -3.86
C GLY A 562 4.33 -28.61 -3.00
N GLN A 563 4.02 -27.61 -2.18
CA GLN A 563 2.88 -27.68 -1.29
C GLN A 563 2.06 -26.40 -1.31
N VAL A 564 0.78 -26.50 -0.92
CA VAL A 564 -0.12 -25.35 -0.79
C VAL A 564 0.31 -24.67 0.53
N LYS A 565 0.91 -23.49 0.43
CA LYS A 565 1.49 -22.84 1.59
C LYS A 565 1.60 -21.34 1.38
N GLY A 566 1.26 -20.57 2.39
CA GLY A 566 1.44 -19.13 2.37
C GLY A 566 2.88 -18.78 2.76
N TYR A 567 3.11 -17.53 3.20
CA TYR A 567 4.44 -17.06 3.56
C TYR A 567 4.36 -15.72 4.30
N SER A 568 5.46 -15.33 4.96
CA SER A 568 5.56 -14.04 5.66
C SER A 568 6.32 -13.06 4.79
N PRO A 569 5.65 -12.05 4.20
CA PRO A 569 6.37 -11.10 3.33
C PRO A 569 7.32 -10.13 4.08
N ARG A 570 7.00 -9.82 5.34
CA ARG A 570 7.75 -8.89 6.17
C ARG A 570 7.41 -9.13 7.66
N ASP A 571 8.15 -8.47 8.57
CA ASP A 571 7.98 -8.61 10.01
C ASP A 571 6.52 -8.47 10.46
N ASN A 572 6.00 -9.50 11.14
CA ASN A 572 4.66 -9.52 11.72
C ASN A 572 3.48 -9.60 10.73
N VAL A 573 3.75 -9.97 9.48
CA VAL A 573 2.72 -10.08 8.47
C VAL A 573 2.74 -11.49 7.88
N TYR A 574 1.60 -12.17 7.87
CA TYR A 574 1.52 -13.49 7.26
C TYR A 574 0.42 -13.49 6.23
N TYR A 575 0.71 -14.05 5.05
CA TYR A 575 -0.26 -14.22 3.99
C TYR A 575 -0.55 -15.71 3.96
N GLY A 576 -1.78 -16.09 4.21
CA GLY A 576 -2.16 -17.50 4.17
C GLY A 576 -2.13 -18.14 2.78
N HIS A 577 -2.47 -19.41 2.73
CA HIS A 577 -2.41 -20.19 1.50
C HIS A 577 -3.63 -20.02 0.60
N GLN A 578 -4.74 -19.43 1.08
CA GLN A 578 -5.99 -19.41 0.29
C GLN A 578 -6.79 -18.10 0.41
N THR A 579 -7.31 -17.60 -0.72
CA THR A 579 -8.21 -16.44 -0.68
C THR A 579 -9.65 -16.93 -0.89
N THR A 580 -10.61 -16.13 -0.43
CA THR A 580 -12.02 -16.47 -0.54
C THR A 580 -12.79 -15.36 -1.27
N LEU A 581 -14.06 -15.65 -1.63
CA LEU A 581 -14.97 -14.70 -2.28
C LEU A 581 -15.22 -13.45 -1.41
N ASP A 582 -15.02 -13.57 -0.11
CA ASP A 582 -15.08 -12.47 0.86
C ASP A 582 -14.08 -11.37 0.47
N GLY A 583 -12.89 -11.81 0.08
CA GLY A 583 -11.81 -10.91 -0.32
C GLY A 583 -12.11 -10.12 -1.56
N VAL A 584 -12.91 -10.69 -2.46
CA VAL A 584 -13.37 -10.02 -3.67
C VAL A 584 -14.31 -8.88 -3.22
N MET A 585 -15.26 -9.19 -2.34
CA MET A 585 -16.24 -8.23 -1.83
C MET A 585 -15.58 -7.09 -1.04
N GLU A 586 -14.51 -7.39 -0.30
CA GLU A 586 -13.75 -6.38 0.44
C GLU A 586 -13.08 -5.39 -0.50
N LYS A 587 -12.62 -5.85 -1.66
CA LYS A 587 -11.94 -5.04 -2.66
C LYS A 587 -12.88 -4.29 -3.61
N GLU A 588 -14.19 -4.59 -3.59
CA GLU A 588 -15.14 -3.94 -4.49
C GLU A 588 -15.14 -2.41 -4.43
N ASP A 589 -14.98 -1.77 -5.60
CA ASP A 589 -15.04 -0.33 -5.73
C ASP A 589 -15.73 -0.07 -7.06
N PRO A 590 -17.02 0.32 -7.03
CA PRO A 590 -17.75 0.53 -8.30
C PRO A 590 -17.19 1.64 -9.18
N ASP A 591 -16.52 2.64 -8.59
CA ASP A 591 -15.96 3.74 -9.38
C ASP A 591 -14.47 3.55 -9.71
N ASN A 592 -14.03 2.29 -9.79
CA ASN A 592 -12.67 1.89 -10.13
C ASN A 592 -12.83 0.66 -11.01
N TRP A 593 -12.64 0.82 -12.33
CA TRP A 593 -12.80 -0.24 -13.33
C TRP A 593 -12.09 -1.56 -13.01
N GLU A 594 -10.99 -1.48 -12.27
CA GLU A 594 -10.22 -2.66 -11.90
C GLU A 594 -10.93 -3.49 -10.82
N PHE A 595 -11.69 -2.84 -9.93
CA PHE A 595 -12.28 -3.54 -8.81
C PHE A 595 -13.81 -3.58 -8.84
N VAL A 596 -14.40 -3.62 -10.04
CA VAL A 596 -15.86 -3.75 -10.16
C VAL A 596 -16.21 -5.23 -9.97
N VAL A 597 -17.30 -5.51 -9.26
CA VAL A 597 -17.72 -6.86 -8.99
C VAL A 597 -18.98 -7.18 -9.79
N ASP A 598 -18.95 -8.30 -10.53
CA ASP A 598 -20.07 -8.75 -11.35
C ASP A 598 -21.31 -8.95 -10.47
N PRO A 599 -22.43 -8.34 -10.87
CA PRO A 599 -23.65 -8.43 -10.05
C PRO A 599 -24.13 -9.85 -9.79
N LYS A 600 -23.99 -10.75 -10.77
CA LYS A 600 -24.41 -12.16 -10.59
C LYS A 600 -23.54 -12.83 -9.52
N LEU A 601 -22.23 -12.53 -9.53
CA LEU A 601 -21.27 -13.06 -8.55
C LEU A 601 -21.55 -12.48 -7.14
N LYS A 602 -21.86 -11.18 -7.06
CA LYS A 602 -22.19 -10.54 -5.80
C LYS A 602 -23.45 -11.17 -5.17
N ALA A 603 -24.44 -11.52 -6.01
CA ALA A 603 -25.66 -12.17 -5.58
C ALA A 603 -25.40 -13.58 -5.06
N VAL A 604 -24.53 -14.35 -5.74
CA VAL A 604 -24.12 -15.70 -5.33
C VAL A 604 -23.50 -15.63 -3.93
N TYR A 605 -22.62 -14.65 -3.71
CA TYR A 605 -21.96 -14.45 -2.42
C TYR A 605 -23.00 -14.13 -1.32
N GLU A 606 -23.95 -13.22 -1.62
CA GLU A 606 -24.97 -12.81 -0.64
C GLU A 606 -25.89 -13.96 -0.26
N ARG A 607 -26.33 -14.73 -1.25
CA ARG A 607 -27.20 -15.88 -1.01
C ARG A 607 -26.46 -17.14 -0.54
N LYS A 608 -25.09 -17.12 -0.58
CA LYS A 608 -24.22 -18.25 -0.24
C LYS A 608 -24.55 -19.44 -1.13
N ASP A 609 -24.84 -19.17 -2.42
CA ASP A 609 -25.21 -20.18 -3.39
C ASP A 609 -23.95 -20.82 -3.93
N PHE A 610 -23.22 -21.51 -3.04
CA PHE A 610 -21.94 -22.10 -3.38
C PHE A 610 -21.99 -23.56 -3.77
N GLY A 611 -23.14 -24.22 -3.60
CA GLY A 611 -23.31 -25.62 -3.95
C GLY A 611 -22.27 -26.54 -3.34
N ARG A 612 -21.69 -27.40 -4.16
CA ARG A 612 -20.63 -28.31 -3.71
C ARG A 612 -19.21 -27.68 -3.82
N TYR A 613 -19.09 -26.43 -4.29
CA TYR A 613 -17.83 -25.75 -4.52
C TYR A 613 -17.24 -25.05 -3.30
N ALA A 614 -18.04 -24.85 -2.24
CA ALA A 614 -17.52 -24.18 -1.04
C ALA A 614 -16.66 -25.14 -0.23
N ASP A 615 -15.77 -24.60 0.62
CA ASP A 615 -14.95 -25.44 1.48
C ASP A 615 -15.77 -25.98 2.69
N ARG A 616 -15.16 -26.84 3.52
CA ARG A 616 -15.77 -27.47 4.68
C ARG A 616 -16.43 -26.47 5.64
N SER A 617 -15.86 -25.25 5.75
CA SER A 617 -16.42 -24.23 6.63
C SER A 617 -17.51 -23.34 5.99
N GLY A 618 -17.90 -23.64 4.75
CA GLY A 618 -18.91 -22.85 4.04
C GLY A 618 -18.39 -21.58 3.39
N ARG A 619 -17.06 -21.40 3.38
CA ARG A 619 -16.44 -20.24 2.73
C ARG A 619 -16.17 -20.60 1.28
N MET A 620 -16.38 -19.64 0.36
CA MET A 620 -16.16 -19.92 -1.05
C MET A 620 -14.72 -19.62 -1.44
N PRO A 621 -13.91 -20.64 -1.78
CA PRO A 621 -12.51 -20.37 -2.17
C PRO A 621 -12.38 -19.69 -3.52
N VAL A 622 -11.34 -18.88 -3.72
CA VAL A 622 -11.10 -18.18 -4.99
C VAL A 622 -9.76 -18.60 -5.58
N ALA A 623 -8.70 -18.44 -4.80
CA ALA A 623 -7.36 -18.71 -5.27
C ALA A 623 -6.51 -19.30 -4.14
N PHE A 624 -5.41 -19.95 -4.50
CA PHE A 624 -4.46 -20.45 -3.53
C PHE A 624 -3.04 -20.27 -4.06
N CYS A 625 -2.06 -20.41 -3.20
CA CYS A 625 -0.67 -20.31 -3.63
C CYS A 625 0.11 -21.54 -3.22
N ALA A 626 1.17 -21.86 -3.99
CA ALA A 626 1.93 -23.07 -3.75
C ALA A 626 3.43 -22.85 -3.92
N THR A 627 4.25 -23.72 -3.31
CA THR A 627 5.71 -23.61 -3.38
C THR A 627 6.28 -24.24 -4.67
N THR A 628 5.46 -24.40 -5.70
CA THR A 628 5.90 -24.89 -7.01
C THR A 628 6.79 -23.80 -7.63
N HIS A 629 7.68 -24.22 -8.53
CA HIS A 629 8.60 -23.32 -9.18
C HIS A 629 8.13 -23.06 -10.60
N THR A 630 7.57 -21.87 -10.82
CA THR A 630 7.04 -21.50 -12.12
C THR A 630 7.65 -20.17 -12.58
N THR A 631 7.48 -19.87 -13.88
CA THR A 631 7.90 -18.64 -14.50
C THR A 631 6.98 -18.32 -15.70
N GLY A 632 7.21 -17.20 -16.41
CA GLY A 632 6.47 -16.87 -17.64
C GLY A 632 6.46 -18.03 -18.63
N GLY A 633 5.30 -18.34 -19.16
CA GLY A 633 5.10 -19.54 -19.96
C GLY A 633 4.22 -20.54 -19.21
N ASN A 634 4.19 -20.45 -17.86
CA ASN A 634 3.39 -21.33 -16.98
C ASN A 634 1.96 -20.85 -16.77
N SER A 635 1.59 -19.67 -17.30
CA SER A 635 0.21 -19.17 -17.22
C SER A 635 -0.73 -20.20 -17.88
N GLY A 636 -1.74 -20.60 -17.15
CA GLY A 636 -2.73 -21.54 -17.58
C GLY A 636 -2.41 -22.98 -17.24
N SER A 637 -1.28 -23.24 -16.57
CA SER A 637 -0.84 -24.62 -16.25
C SER A 637 -1.79 -25.34 -15.33
N PRO A 638 -2.02 -26.63 -15.59
CA PRO A 638 -2.85 -27.41 -14.67
C PRO A 638 -2.12 -27.62 -13.34
N VAL A 639 -2.85 -27.44 -12.23
CA VAL A 639 -2.33 -27.72 -10.91
C VAL A 639 -3.03 -29.01 -10.45
N MET A 640 -2.24 -29.99 -10.06
CA MET A 640 -2.71 -31.29 -9.63
C MET A 640 -2.51 -31.56 -8.16
N ASN A 641 -3.45 -32.34 -7.64
CA ASN A 641 -3.58 -33.04 -6.37
C ASN A 641 -2.46 -34.12 -6.29
N ALA A 642 -2.36 -34.76 -5.11
CA ALA A 642 -1.55 -35.96 -4.91
C ALA A 642 -2.05 -37.11 -5.85
N ASN A 643 -3.34 -37.10 -6.23
CA ASN A 643 -3.94 -38.08 -7.13
C ASN A 643 -3.95 -37.68 -8.61
N GLY A 644 -3.38 -36.53 -8.96
CA GLY A 644 -3.36 -36.08 -10.35
C GLY A 644 -4.64 -35.41 -10.82
N GLU A 645 -5.57 -35.14 -9.91
CA GLU A 645 -6.80 -34.45 -10.27
C GLU A 645 -6.55 -32.96 -10.30
N LEU A 646 -7.28 -32.26 -11.17
CA LEU A 646 -7.13 -30.81 -11.31
C LEU A 646 -7.74 -30.12 -10.12
N ILE A 647 -6.93 -29.30 -9.44
CA ILE A 647 -7.33 -28.46 -8.30
C ILE A 647 -7.24 -26.96 -8.60
N GLY A 648 -6.68 -26.59 -9.73
CA GLY A 648 -6.57 -25.19 -10.12
C GLY A 648 -5.76 -24.98 -11.38
N LEU A 649 -5.60 -23.71 -11.75
CA LEU A 649 -4.80 -23.27 -12.91
C LEU A 649 -3.87 -22.22 -12.41
N ASN A 650 -2.59 -22.36 -12.70
CA ASN A 650 -1.61 -21.34 -12.37
C ASN A 650 -1.88 -20.11 -13.25
N PHE A 651 -1.78 -18.89 -12.68
CA PHE A 651 -2.03 -17.68 -13.48
C PHE A 651 -1.05 -16.55 -13.20
N ASP A 652 -0.32 -16.60 -12.07
CA ASP A 652 0.66 -15.55 -11.76
C ASP A 652 1.70 -16.08 -10.76
N ARG A 653 2.62 -15.21 -10.28
CA ARG A 653 3.60 -15.49 -9.25
C ARG A 653 3.84 -14.15 -8.52
N ASN A 654 4.04 -14.21 -7.20
CA ASN A 654 4.19 -12.99 -6.41
C ASN A 654 5.53 -12.29 -6.72
N TRP A 655 5.57 -10.95 -6.64
CA TRP A 655 6.77 -10.18 -6.95
C TRP A 655 7.96 -10.57 -6.10
N GLU A 656 7.72 -11.00 -4.86
CA GLU A 656 8.79 -11.44 -3.97
C GLU A 656 9.54 -12.63 -4.50
N GLY A 657 8.92 -13.43 -5.37
CA GLY A 657 9.55 -14.60 -5.95
C GLY A 657 10.05 -14.46 -7.37
N VAL A 658 10.02 -13.23 -7.98
CA VAL A 658 10.50 -13.09 -9.36
C VAL A 658 12.03 -13.37 -9.49
N GLY A 659 12.79 -13.16 -8.42
CA GLY A 659 14.20 -13.53 -8.39
C GLY A 659 14.43 -15.03 -8.52
N GLY A 660 13.34 -15.82 -8.39
CA GLY A 660 13.29 -17.27 -8.52
C GLY A 660 13.73 -17.77 -9.88
N ASP A 661 13.76 -16.89 -10.91
CA ASP A 661 14.31 -17.29 -12.21
C ASP A 661 15.83 -17.52 -12.13
N ILE A 662 16.51 -16.97 -11.09
CA ILE A 662 17.93 -17.15 -10.89
C ILE A 662 18.14 -18.11 -9.70
N GLN A 663 17.38 -17.91 -8.63
CA GLN A 663 17.48 -18.73 -7.44
C GLN A 663 16.10 -18.84 -6.81
N TYR A 664 15.58 -20.07 -6.73
CA TYR A 664 14.30 -20.34 -6.09
C TYR A 664 14.29 -19.81 -4.63
N LEU A 665 13.21 -19.17 -4.19
CA LEU A 665 13.15 -18.58 -2.85
C LEU A 665 12.10 -19.28 -2.04
N ALA A 666 12.49 -20.33 -1.31
CA ALA A 666 11.56 -21.17 -0.57
C ALA A 666 10.62 -20.43 0.38
N ASP A 667 11.12 -19.39 1.07
CA ASP A 667 10.30 -18.67 2.03
C ASP A 667 9.48 -17.51 1.46
N TYR A 668 9.61 -17.22 0.14
CA TYR A 668 8.90 -16.09 -0.45
C TYR A 668 8.22 -16.40 -1.77
N GLN A 669 8.83 -17.23 -2.61
CA GLN A 669 8.33 -17.54 -3.94
C GLN A 669 7.12 -18.46 -3.97
N ARG A 670 6.03 -18.00 -4.58
CA ARG A 670 4.81 -18.79 -4.69
C ARG A 670 4.19 -18.66 -6.11
N SER A 671 3.56 -19.74 -6.57
CA SER A 671 2.77 -19.73 -7.79
C SER A 671 1.36 -19.31 -7.34
N ILE A 672 0.73 -18.39 -8.07
CA ILE A 672 -0.60 -17.88 -7.73
C ILE A 672 -1.58 -18.63 -8.62
N ILE A 673 -2.50 -19.36 -8.00
CA ILE A 673 -3.37 -20.30 -8.69
C ILE A 673 -4.86 -20.04 -8.49
N VAL A 674 -5.69 -20.12 -9.55
CA VAL A 674 -7.13 -19.95 -9.39
C VAL A 674 -7.71 -21.31 -9.00
N ASP A 675 -8.44 -21.37 -7.90
CA ASP A 675 -9.01 -22.61 -7.38
C ASP A 675 -10.03 -23.13 -8.39
N ILE A 676 -9.97 -24.43 -8.71
CA ILE A 676 -10.90 -25.03 -9.69
C ILE A 676 -12.36 -24.97 -9.19
N ARG A 677 -12.56 -24.90 -7.85
CA ARG A 677 -13.90 -24.79 -7.26
C ARG A 677 -14.53 -23.46 -7.64
N TYR A 678 -13.71 -22.38 -7.72
CA TYR A 678 -14.15 -21.05 -8.12
C TYR A 678 -14.42 -21.01 -9.63
N VAL A 679 -13.59 -21.69 -10.44
CA VAL A 679 -13.77 -21.82 -11.90
C VAL A 679 -15.13 -22.45 -12.18
N LEU A 680 -15.44 -23.57 -11.50
CA LEU A 680 -16.70 -24.30 -11.68
C LEU A 680 -17.87 -23.49 -11.16
N LEU A 681 -17.69 -22.72 -10.06
CA LEU A 681 -18.72 -21.84 -9.52
C LEU A 681 -19.06 -20.78 -10.55
N VAL A 682 -18.07 -20.20 -11.22
CA VAL A 682 -18.31 -19.16 -12.21
C VAL A 682 -19.00 -19.72 -13.46
N ILE A 683 -18.56 -20.89 -13.96
CA ILE A 683 -19.19 -21.56 -15.10
C ILE A 683 -20.68 -21.84 -14.80
N ASP A 684 -20.95 -22.35 -13.59
CA ASP A 684 -22.27 -22.75 -13.10
C ASP A 684 -23.21 -21.58 -12.75
N LYS A 685 -22.83 -20.76 -11.79
CA LYS A 685 -23.68 -19.70 -11.26
C LYS A 685 -23.57 -18.36 -11.98
N VAL A 686 -22.50 -18.12 -12.75
CA VAL A 686 -22.38 -16.84 -13.47
C VAL A 686 -22.67 -17.05 -14.96
N GLY A 687 -22.10 -18.11 -15.53
CA GLY A 687 -22.32 -18.43 -16.93
C GLY A 687 -23.57 -19.25 -17.20
N GLY A 688 -23.96 -20.07 -16.22
CA GLY A 688 -25.10 -20.98 -16.35
C GLY A 688 -24.89 -22.01 -17.45
N CYS A 689 -23.63 -22.39 -17.68
CA CYS A 689 -23.27 -23.30 -18.75
C CYS A 689 -23.09 -24.72 -18.26
N GLN A 690 -24.18 -25.32 -17.80
CA GLN A 690 -24.28 -26.68 -17.26
C GLN A 690 -23.66 -27.77 -18.16
N ARG A 691 -23.77 -27.60 -19.48
CA ARG A 691 -23.24 -28.60 -20.41
C ARG A 691 -21.72 -28.79 -20.25
N LEU A 692 -20.99 -27.74 -19.85
CA LEU A 692 -19.56 -27.84 -19.65
C LEU A 692 -19.23 -28.63 -18.38
N LEU A 693 -20.06 -28.47 -17.34
CA LEU A 693 -19.91 -29.23 -16.10
C LEU A 693 -20.21 -30.69 -16.38
N ASP A 694 -21.31 -30.98 -17.12
CA ASP A 694 -21.72 -32.34 -17.46
C ASP A 694 -20.67 -33.12 -18.28
N GLU A 695 -19.98 -32.45 -19.20
CA GLU A 695 -18.96 -33.14 -20.01
C GLU A 695 -17.64 -33.37 -19.28
N MET A 696 -17.40 -32.68 -18.16
CA MET A 696 -16.22 -32.85 -17.33
C MET A 696 -16.43 -34.04 -16.39
N ASN A 697 -15.35 -34.74 -16.02
CA ASN A 697 -15.45 -35.81 -15.05
C ASN A 697 -15.10 -35.25 -13.66
N ILE A 698 -16.13 -34.85 -12.92
CA ILE A 698 -15.98 -34.24 -11.61
C ILE A 698 -16.01 -35.31 -10.51
N VAL A 699 -14.93 -35.44 -9.75
CA VAL A 699 -14.82 -36.44 -8.71
C VAL A 699 -15.13 -35.85 -7.33
N PRO A 700 -15.84 -36.61 -6.47
CA PRO A 700 -16.18 -36.10 -5.12
C PRO A 700 -14.97 -35.77 -4.24
N GLU B 3 -13.71 -4.33 25.77
CA GLU B 3 -14.78 -3.53 25.19
C GLU B 3 -14.97 -2.13 25.79
N GLY B 4 -14.72 -1.88 27.07
CA GLY B 4 -14.98 -0.54 27.63
C GLY B 4 -13.90 0.27 28.34
N MET B 5 -14.24 1.53 28.71
CA MET B 5 -13.36 2.45 29.42
C MET B 5 -14.05 2.70 30.74
N TRP B 6 -13.69 1.89 31.70
CA TRP B 6 -14.38 1.80 32.97
C TRP B 6 -13.93 2.78 34.02
N LEU B 7 -14.89 3.28 34.78
CA LEU B 7 -14.62 4.13 35.92
C LEU B 7 -13.86 3.31 36.98
N MET B 8 -13.03 3.95 37.81
CA MET B 8 -12.33 3.25 38.89
C MET B 8 -13.32 2.58 39.85
N GLN B 9 -14.48 3.21 40.09
CA GLN B 9 -15.60 2.72 40.93
C GLN B 9 -16.13 1.38 40.38
N GLN B 10 -16.01 1.15 39.05
CA GLN B 10 -16.50 -0.09 38.45
C GLN B 10 -15.50 -1.25 38.54
N LEU B 11 -14.32 -1.07 39.15
CA LEU B 11 -13.37 -2.16 39.30
C LEU B 11 -13.95 -3.32 40.11
N GLY B 12 -14.65 -3.03 41.21
CA GLY B 12 -15.31 -4.06 42.02
C GLY B 12 -16.22 -4.98 41.22
N ARG B 13 -17.06 -4.39 40.35
CA ARG B 13 -18.00 -5.12 39.49
C ARG B 13 -17.36 -5.84 38.31
N LYS B 14 -16.16 -5.43 37.92
CA LYS B 14 -15.45 -6.04 36.80
C LYS B 14 -14.37 -7.04 37.24
N TYR B 15 -13.92 -6.97 38.51
CA TYR B 15 -12.84 -7.76 39.08
C TYR B 15 -12.94 -9.25 38.76
N ALA B 16 -14.10 -9.89 39.00
CA ALA B 16 -14.26 -11.32 38.74
C ALA B 16 -14.05 -11.67 37.27
N GLN B 17 -14.53 -10.84 36.33
CA GLN B 17 -14.31 -11.06 34.90
C GLN B 17 -12.84 -10.88 34.55
N MET B 18 -12.17 -9.89 35.18
CA MET B 18 -10.77 -9.63 34.93
C MET B 18 -9.91 -10.80 35.41
N LYS B 19 -10.28 -11.38 36.56
CA LYS B 19 -9.61 -12.53 37.16
C LYS B 19 -9.75 -13.75 36.27
N GLU B 20 -10.96 -13.97 35.71
CA GLU B 20 -11.18 -15.06 34.77
C GLU B 20 -10.37 -14.84 33.47
N ARG B 21 -10.10 -13.58 33.08
CA ARG B 21 -9.30 -13.30 31.90
C ARG B 21 -7.78 -13.34 32.16
N GLY B 22 -7.36 -13.55 33.40
CA GLY B 22 -5.93 -13.64 33.71
C GLY B 22 -5.37 -12.70 34.75
N LEU B 23 -6.16 -11.74 35.26
CA LEU B 23 -5.65 -10.81 36.29
C LEU B 23 -5.21 -11.57 37.55
N LYS B 24 -4.00 -11.34 38.02
CA LYS B 24 -3.50 -12.02 39.21
C LYS B 24 -3.40 -11.11 40.43
N MET B 25 -3.38 -9.78 40.25
CA MET B 25 -3.21 -8.89 41.40
C MET B 25 -4.54 -8.71 42.22
N LYS B 26 -4.37 -8.38 43.50
CA LYS B 26 -5.52 -8.14 44.38
C LYS B 26 -6.20 -6.84 43.92
N GLU B 27 -7.54 -6.78 44.04
CA GLU B 27 -8.34 -5.63 43.62
C GLU B 27 -7.83 -4.31 44.18
N TYR B 28 -7.60 -4.23 45.50
CA TYR B 28 -7.15 -3.01 46.14
C TYR B 28 -5.69 -2.65 45.87
N ASP B 29 -4.89 -3.57 45.30
CA ASP B 29 -3.51 -3.22 44.90
C ASP B 29 -3.57 -2.42 43.55
N LEU B 30 -4.62 -2.62 42.76
CA LEU B 30 -4.83 -1.92 41.49
C LEU B 30 -5.57 -0.59 41.75
N TYR B 31 -6.68 -0.66 42.49
CA TYR B 31 -7.42 0.53 42.88
C TYR B 31 -8.03 0.39 44.23
N ASN B 32 -7.65 1.30 45.13
CA ASN B 32 -8.14 1.35 46.48
C ASN B 32 -8.71 2.75 46.70
N PRO B 33 -10.02 2.87 46.97
CA PRO B 33 -10.59 4.20 47.21
C PRO B 33 -10.17 4.87 48.53
N ASN B 34 -9.56 4.11 49.45
CA ASN B 34 -9.13 4.69 50.73
C ASN B 34 -7.78 4.09 51.15
N GLY B 35 -6.80 4.23 50.27
CA GLY B 35 -5.45 3.72 50.45
C GLY B 35 -4.62 3.87 49.21
N THR B 36 -3.34 3.46 49.26
CA THR B 36 -2.42 3.53 48.15
C THR B 36 -2.59 2.31 47.23
N SER B 37 -2.58 2.57 45.93
CA SER B 37 -2.73 1.54 44.92
C SER B 37 -1.98 1.95 43.65
N LEU B 38 -1.92 1.07 42.65
CA LEU B 38 -1.25 1.32 41.37
C LEU B 38 -1.75 2.56 40.66
N LYS B 39 -3.03 2.90 40.88
CA LYS B 39 -3.69 4.10 40.38
C LYS B 39 -2.88 5.35 40.73
N ASP B 40 -2.18 5.35 41.90
CA ASP B 40 -1.39 6.49 42.34
C ASP B 40 -0.08 6.70 41.56
N ALA B 41 0.25 5.78 40.64
CA ALA B 41 1.43 5.94 39.79
C ALA B 41 1.05 6.46 38.37
N VAL B 42 -0.25 6.76 38.12
CA VAL B 42 -0.72 7.21 36.82
C VAL B 42 -0.94 8.71 36.85
N VAL B 43 -0.47 9.42 35.82
CA VAL B 43 -0.65 10.87 35.77
C VAL B 43 -1.26 11.32 34.46
N LEU B 44 -1.92 12.47 34.49
CA LEU B 44 -2.37 13.14 33.30
C LEU B 44 -1.16 14.01 32.98
N PHE B 45 -0.47 13.71 31.90
CA PHE B 45 0.74 14.40 31.46
C PHE B 45 0.38 15.55 30.56
N ASP B 46 0.74 16.76 30.96
CA ASP B 46 0.54 17.99 30.20
C ASP B 46 -0.89 18.19 29.61
N GLY B 47 -1.90 17.92 30.43
CA GLY B 47 -3.29 18.10 30.03
C GLY B 47 -3.94 17.25 28.95
N GLY B 48 -3.17 16.51 28.15
CA GLY B 48 -3.75 15.71 27.07
C GLY B 48 -3.16 14.33 26.82
N CYS B 49 -2.21 13.94 27.65
CA CYS B 49 -1.53 12.65 27.52
C CYS B 49 -1.61 11.94 28.87
N THR B 50 -1.24 10.65 28.89
CA THR B 50 -1.10 9.92 30.11
C THR B 50 0.41 9.68 30.31
N GLY B 51 0.80 9.54 31.55
CA GLY B 51 2.16 9.22 31.95
C GLY B 51 2.15 8.28 33.13
N GLU B 52 3.33 7.81 33.53
CA GLU B 52 3.43 6.90 34.67
C GLU B 52 4.72 7.05 35.39
N VAL B 53 4.65 7.00 36.72
CA VAL B 53 5.83 7.07 37.60
C VAL B 53 6.46 5.68 37.65
N VAL B 54 7.76 5.62 37.38
CA VAL B 54 8.51 4.35 37.29
C VAL B 54 9.70 4.26 38.24
N SER B 55 9.80 5.15 39.25
CA SER B 55 10.88 5.07 40.23
C SER B 55 10.50 5.80 41.52
N ASP B 56 11.19 5.48 42.63
CA ASP B 56 10.98 6.17 43.91
C ASP B 56 11.55 7.60 43.90
N ARG B 57 12.12 8.06 42.77
CA ARG B 57 12.63 9.42 42.62
C ARG B 57 11.85 10.20 41.55
N GLY B 58 10.56 9.86 41.37
CA GLY B 58 9.64 10.56 40.49
C GLY B 58 9.90 10.54 39.00
N LEU B 59 10.64 9.51 38.50
CA LEU B 59 10.90 9.39 37.08
C LEU B 59 9.56 9.04 36.40
N VAL B 60 9.26 9.68 35.26
CA VAL B 60 8.01 9.49 34.54
C VAL B 60 8.25 9.10 33.09
N LEU B 61 7.53 8.06 32.63
CA LEU B 61 7.58 7.71 31.22
C LEU B 61 6.28 8.14 30.56
N THR B 62 6.39 8.64 29.35
CA THR B 62 5.27 9.01 28.48
C THR B 62 5.76 8.82 27.01
N ASN B 63 4.94 9.15 26.02
CA ASN B 63 5.35 9.03 24.63
C ASN B 63 6.32 10.12 24.22
N HIS B 64 7.06 9.89 23.14
CA HIS B 64 7.94 10.87 22.53
C HIS B 64 7.06 11.98 21.95
N HIS B 65 5.92 11.62 21.32
CA HIS B 65 5.01 12.62 20.78
C HIS B 65 4.31 13.43 21.85
N CYS B 66 4.30 12.97 23.12
CA CYS B 66 3.72 13.71 24.25
C CYS B 66 4.75 14.71 24.80
N GLY B 67 6.02 14.35 24.81
CA GLY B 67 7.10 15.21 25.27
C GLY B 67 7.77 16.00 24.16
N TYR B 68 7.29 15.87 22.91
CA TYR B 68 7.82 16.51 21.72
C TYR B 68 8.04 18.03 21.87
N ASP B 69 7.03 18.78 22.32
CA ASP B 69 7.17 20.23 22.49
C ASP B 69 8.29 20.59 23.46
N MET B 70 8.48 19.83 24.54
CA MET B 70 9.53 20.10 25.52
C MET B 70 10.90 19.78 24.94
N ILE B 71 11.00 18.70 24.14
CA ILE B 71 12.26 18.32 23.51
C ILE B 71 12.66 19.40 22.50
N GLN B 72 11.68 19.87 21.70
CA GLN B 72 11.84 20.91 20.70
C GLN B 72 12.20 22.28 21.31
N ALA B 73 11.53 22.67 22.42
CA ALA B 73 11.80 23.94 23.10
C ALA B 73 13.23 24.02 23.69
N HIS B 74 13.81 22.88 24.03
CA HIS B 74 15.19 22.84 24.51
C HIS B 74 16.22 22.58 23.40
N SER B 75 15.77 22.38 22.16
CA SER B 75 16.67 22.10 21.05
C SER B 75 17.14 23.37 20.38
N THR B 76 18.43 23.42 20.03
CA THR B 76 19.10 24.52 19.32
C THR B 76 19.93 23.90 18.14
N LEU B 77 20.53 24.76 17.26
CA LEU B 77 21.38 24.25 16.20
C LEU B 77 22.61 23.54 16.81
N GLU B 78 23.11 24.03 17.95
CA GLU B 78 24.26 23.47 18.66
C GLU B 78 23.90 22.14 19.37
N HIS B 79 22.75 22.08 20.07
CA HIS B 79 22.33 20.85 20.73
C HIS B 79 20.92 20.46 20.27
N ASN B 80 20.83 19.84 19.09
CA ASN B 80 19.52 19.44 18.55
C ASN B 80 19.04 18.14 19.17
N TYR B 81 18.38 18.24 20.34
CA TYR B 81 17.84 17.09 21.06
C TYR B 81 16.73 16.39 20.30
N LEU B 82 15.96 17.12 19.50
CA LEU B 82 14.89 16.53 18.72
C LEU B 82 15.44 15.49 17.72
N GLU B 83 16.57 15.80 17.05
CA GLU B 83 17.13 14.85 16.10
C GLU B 83 18.12 13.88 16.74
N ASN B 84 18.89 14.30 17.75
CA ASN B 84 19.91 13.46 18.37
C ASN B 84 19.53 12.74 19.63
N GLY B 85 18.37 13.04 20.17
CA GLY B 85 17.98 12.53 21.48
C GLY B 85 18.60 13.38 22.57
N PHE B 86 18.25 13.10 23.82
CA PHE B 86 18.75 13.84 24.97
C PHE B 86 18.87 12.88 26.14
N TRP B 87 20.00 12.86 26.83
CA TRP B 87 20.20 11.97 27.97
C TRP B 87 20.96 12.69 29.08
N ALA B 88 20.23 13.19 30.09
CA ALA B 88 20.84 13.88 31.22
C ALA B 88 21.62 12.85 32.03
N MET B 89 22.95 13.05 32.18
CA MET B 89 23.77 12.07 32.89
C MET B 89 23.79 12.26 34.43
N ARG B 90 23.10 13.29 34.91
CA ARG B 90 22.95 13.57 36.34
C ARG B 90 21.64 14.32 36.51
N GLU B 91 21.03 14.20 37.71
CA GLU B 91 19.78 14.87 38.01
C GLU B 91 19.84 16.38 37.80
N ALA B 92 21.00 17.00 38.10
CA ALA B 92 21.19 18.45 37.91
C ALA B 92 21.14 18.86 36.44
N ASP B 93 21.39 17.93 35.52
CA ASP B 93 21.36 18.18 34.09
C ASP B 93 19.97 18.08 33.44
N GLU B 94 18.97 17.65 34.18
CA GLU B 94 17.60 17.54 33.68
C GLU B 94 17.03 18.95 33.48
N LEU B 95 16.42 19.18 32.31
CA LEU B 95 15.94 20.49 31.88
C LEU B 95 14.54 20.85 32.33
N PRO B 96 14.39 22.02 32.99
CA PRO B 96 13.04 22.44 33.41
C PRO B 96 12.19 22.80 32.20
N ASN B 97 10.86 22.73 32.35
CA ASN B 97 9.97 23.04 31.25
C ASN B 97 8.92 24.03 31.70
N LYS B 98 8.76 25.16 31.00
CA LYS B 98 7.72 26.12 31.34
C LYS B 98 6.39 25.61 30.81
N ASP B 99 5.30 25.87 31.55
CA ASP B 99 3.93 25.51 31.19
C ASP B 99 3.65 24.01 31.16
N ILE B 100 4.38 23.23 31.97
CA ILE B 100 4.16 21.79 32.04
C ILE B 100 3.44 21.42 33.35
N SER B 101 2.75 20.28 33.34
CA SER B 101 2.10 19.79 34.54
C SER B 101 1.90 18.29 34.51
N VAL B 102 1.80 17.69 35.68
CA VAL B 102 1.45 16.31 35.88
C VAL B 102 0.36 16.29 36.96
N VAL B 103 -0.76 15.61 36.67
CA VAL B 103 -1.86 15.55 37.60
C VAL B 103 -2.08 14.13 38.13
N PHE B 104 -2.05 14.00 39.46
CA PHE B 104 -2.33 12.73 40.12
C PHE B 104 -3.80 12.72 40.55
N ILE B 105 -4.48 11.58 40.44
CA ILE B 105 -5.85 11.46 40.90
C ILE B 105 -5.84 10.91 42.31
N ASP B 106 -5.72 11.80 43.29
CA ASP B 106 -5.60 11.46 44.69
C ASP B 106 -6.80 10.71 45.25
N LYS B 107 -8.00 11.20 45.00
CA LYS B 107 -9.24 10.56 45.46
C LYS B 107 -10.32 10.72 44.39
N ILE B 108 -11.28 9.81 44.37
CA ILE B 108 -12.44 9.87 43.50
C ILE B 108 -13.65 9.52 44.38
N GLU B 109 -14.71 10.30 44.30
CA GLU B 109 -15.92 10.06 45.08
C GLU B 109 -17.16 10.17 44.22
N ASP B 110 -18.12 9.28 44.42
CA ASP B 110 -19.41 9.37 43.73
C ASP B 110 -20.24 10.45 44.46
N VAL B 111 -20.55 11.55 43.78
CA VAL B 111 -21.35 12.64 44.36
C VAL B 111 -22.70 12.82 43.66
N THR B 112 -23.23 11.76 43.03
CA THR B 112 -24.47 11.80 42.27
C THR B 112 -25.67 12.31 43.07
N ASP B 113 -25.91 11.75 44.27
CA ASP B 113 -27.07 12.17 45.08
C ASP B 113 -26.96 13.63 45.49
N TYR B 114 -25.76 14.07 45.85
CA TYR B 114 -25.47 15.44 46.19
C TYR B 114 -25.77 16.38 44.99
N VAL B 115 -25.20 16.09 43.80
CA VAL B 115 -25.43 16.93 42.63
C VAL B 115 -26.91 16.97 42.24
N LYS B 116 -27.58 15.81 42.20
CA LYS B 116 -29.00 15.72 41.86
C LYS B 116 -29.89 16.46 42.87
N LYS B 117 -29.51 16.48 44.16
CA LYS B 117 -30.27 17.22 45.16
C LYS B 117 -30.09 18.71 44.94
N GLU B 118 -28.85 19.15 44.67
CA GLU B 118 -28.56 20.56 44.41
C GLU B 118 -29.29 21.03 43.16
N LEU B 119 -29.37 20.17 42.12
CA LEU B 119 -30.03 20.47 40.85
C LEU B 119 -31.54 20.68 40.98
N LYS B 120 -32.17 20.04 41.98
CA LYS B 120 -33.61 20.20 42.24
C LYS B 120 -34.01 21.65 42.54
N ALA B 121 -33.05 22.51 42.91
CA ALA B 121 -33.32 23.92 43.18
C ALA B 121 -33.26 24.79 41.90
N ILE B 122 -33.13 24.18 40.69
CA ILE B 122 -33.00 24.96 39.44
C ILE B 122 -34.25 25.75 39.10
N LYS B 123 -35.39 25.05 38.89
CA LYS B 123 -36.69 25.61 38.51
C LYS B 123 -36.89 25.40 37.01
N ASP B 124 -36.10 26.09 36.14
CA ASP B 124 -36.17 25.90 34.68
C ASP B 124 -35.80 24.48 34.35
N PRO B 125 -36.76 23.67 33.85
CA PRO B 125 -36.45 22.28 33.54
C PRO B 125 -35.44 22.10 32.43
N ASN B 126 -35.32 23.08 31.51
CA ASN B 126 -34.38 23.01 30.40
C ASN B 126 -32.98 23.57 30.73
N SER B 127 -32.70 23.89 31.99
CA SER B 127 -31.41 24.42 32.39
C SER B 127 -30.26 23.45 32.04
N MET B 128 -29.14 24.00 31.55
CA MET B 128 -27.98 23.18 31.22
C MET B 128 -26.91 23.22 32.33
N ASP B 129 -27.24 23.71 33.53
CA ASP B 129 -26.33 23.76 34.65
C ASP B 129 -25.81 22.38 35.05
N TYR B 130 -26.61 21.32 34.83
CA TYR B 130 -26.22 19.95 35.13
C TYR B 130 -24.95 19.50 34.35
N LEU B 131 -24.58 20.22 33.27
CA LEU B 131 -23.35 19.94 32.51
C LEU B 131 -22.38 21.13 32.54
N SER B 132 -22.67 22.19 33.29
CA SER B 132 -21.87 23.40 33.34
C SER B 132 -20.66 23.26 34.22
N PRO B 133 -19.45 23.43 33.67
CA PRO B 133 -18.23 23.37 34.51
C PRO B 133 -18.24 24.42 35.61
N LYS B 134 -18.80 25.59 35.33
CA LYS B 134 -18.90 26.66 36.32
C LYS B 134 -19.84 26.25 37.46
N TYR B 135 -21.02 25.73 37.13
CA TYR B 135 -21.98 25.31 38.14
C TYR B 135 -21.41 24.16 38.98
N LEU B 136 -20.85 23.14 38.31
CA LEU B 136 -20.29 21.98 39.00
C LEU B 136 -19.08 22.36 39.87
N GLN B 137 -18.27 23.38 39.47
CA GLN B 137 -17.16 23.86 40.29
C GLN B 137 -17.66 24.53 41.55
N LYS B 138 -18.78 25.26 41.46
CA LYS B 138 -19.41 25.86 42.63
C LYS B 138 -19.86 24.74 43.60
N LEU B 139 -20.36 23.61 43.08
CA LEU B 139 -20.78 22.49 43.93
C LEU B 139 -19.60 21.77 44.53
N ALA B 140 -18.51 21.64 43.76
CA ALA B 140 -17.27 21.00 44.19
C ALA B 140 -16.65 21.82 45.34
N ASP B 141 -16.55 23.16 45.18
CA ASP B 141 -16.02 24.07 46.20
C ASP B 141 -16.87 24.01 47.46
N LYS B 142 -18.21 23.97 47.30
CA LYS B 142 -19.12 23.88 48.44
C LYS B 142 -18.88 22.60 49.23
N LYS B 143 -18.70 21.47 48.53
CA LYS B 143 -18.46 20.19 49.21
C LYS B 143 -17.06 20.11 49.86
N ALA B 144 -16.00 20.47 49.13
CA ALA B 144 -14.63 20.42 49.64
C ALA B 144 -14.37 21.38 50.79
N GLY B 145 -14.97 22.56 50.75
CA GLY B 145 -14.77 23.57 51.78
C GLY B 145 -14.38 24.91 51.23
N LYS B 146 -14.62 25.97 52.01
CA LYS B 146 -14.35 27.36 51.64
C LYS B 146 -12.87 27.75 51.59
N ASN B 147 -11.96 26.83 51.92
CA ASN B 147 -10.51 27.09 51.89
C ASN B 147 -9.75 25.77 51.71
N PHE B 148 -10.29 24.86 50.89
CA PHE B 148 -9.71 23.54 50.65
C PHE B 148 -8.27 23.58 50.16
N SER B 149 -8.00 24.30 49.05
CA SER B 149 -6.65 24.32 48.49
C SER B 149 -5.62 24.99 49.41
N ALA B 150 -6.07 25.85 50.33
CA ALA B 150 -5.18 26.48 51.28
C ALA B 150 -4.87 25.50 52.43
N LYS B 151 -5.88 24.74 52.89
CA LYS B 151 -5.69 23.75 53.96
C LYS B 151 -4.97 22.47 53.48
N ASN B 152 -5.07 22.18 52.18
CA ASN B 152 -4.50 21.00 51.54
C ASN B 152 -3.67 21.44 50.31
N PRO B 153 -2.46 22.02 50.50
CA PRO B 153 -1.69 22.55 49.36
C PRO B 153 -1.36 21.54 48.25
N GLY B 154 -1.45 22.03 47.01
CA GLY B 154 -1.24 21.21 45.82
C GLY B 154 -2.50 20.46 45.38
N LEU B 155 -3.52 20.38 46.27
CA LEU B 155 -4.77 19.69 45.99
C LEU B 155 -5.85 20.62 45.43
N SER B 156 -6.70 20.07 44.56
CA SER B 156 -7.85 20.77 43.99
C SER B 156 -9.00 19.79 43.74
N VAL B 157 -10.23 20.26 43.68
CA VAL B 157 -11.38 19.41 43.45
C VAL B 157 -12.07 19.73 42.12
N GLU B 158 -12.76 18.73 41.58
CA GLU B 158 -13.48 18.92 40.36
C GLU B 158 -14.60 17.92 40.25
N ILE B 159 -15.80 18.37 39.85
CA ILE B 159 -16.93 17.47 39.64
C ILE B 159 -17.20 17.37 38.14
N LYS B 160 -17.36 16.17 37.63
CA LYS B 160 -17.68 15.94 36.24
C LYS B 160 -18.95 15.09 36.13
N ALA B 161 -19.72 15.33 35.07
CA ALA B 161 -20.92 14.56 34.72
C ALA B 161 -20.50 13.35 33.91
N PHE B 162 -21.21 12.24 34.08
CA PHE B 162 -20.99 10.98 33.37
C PHE B 162 -22.33 10.44 32.96
N TYR B 163 -22.35 9.55 31.94
CA TYR B 163 -23.60 8.92 31.46
C TYR B 163 -24.67 9.99 31.10
N GLY B 164 -24.24 11.07 30.45
CA GLY B 164 -25.12 12.16 30.04
C GLY B 164 -25.80 12.93 31.17
N GLY B 165 -25.19 12.97 32.35
CA GLY B 165 -25.77 13.67 33.49
C GLY B 165 -26.48 12.76 34.46
N ASN B 166 -26.25 11.43 34.38
CA ASN B 166 -26.88 10.48 35.30
C ASN B 166 -25.97 10.03 36.46
N LEU B 167 -24.69 10.36 36.40
CA LEU B 167 -23.72 10.01 37.43
C LEU B 167 -22.70 11.16 37.55
N TYR B 168 -22.27 11.49 38.76
CA TYR B 168 -21.32 12.58 38.97
C TYR B 168 -20.22 12.09 39.88
N LEU B 169 -18.96 12.41 39.54
CA LEU B 169 -17.81 12.05 40.38
C LEU B 169 -17.04 13.30 40.74
N MET B 170 -16.54 13.36 41.98
CA MET B 170 -15.67 14.44 42.42
C MET B 170 -14.26 13.87 42.48
N PHE B 171 -13.30 14.55 41.86
CA PHE B 171 -11.92 14.13 41.83
C PHE B 171 -11.12 15.09 42.67
N THR B 172 -10.25 14.57 43.53
CA THR B 172 -9.31 15.39 44.27
C THR B 172 -7.99 15.17 43.55
N LYS B 173 -7.45 16.23 42.98
CA LYS B 173 -6.26 16.17 42.15
C LYS B 173 -5.06 16.82 42.78
N LYS B 174 -3.88 16.25 42.59
CA LYS B 174 -2.64 16.82 43.09
C LYS B 174 -1.83 17.18 41.86
N THR B 175 -1.55 18.48 41.64
CA THR B 175 -0.85 18.92 40.43
C THR B 175 0.58 19.39 40.71
N TYR B 176 1.57 18.90 39.92
CA TYR B 176 2.98 19.28 40.02
C TYR B 176 3.37 20.00 38.74
N THR B 177 3.96 21.20 38.85
CA THR B 177 4.31 21.97 37.64
C THR B 177 5.81 22.05 37.38
N ASP B 178 6.65 21.43 38.21
CA ASP B 178 8.08 21.38 37.95
C ASP B 178 8.34 19.95 37.43
N VAL B 179 8.27 19.75 36.12
CA VAL B 179 8.44 18.42 35.52
C VAL B 179 9.54 18.56 34.48
N ARG B 180 10.70 17.99 34.78
CA ARG B 180 11.91 18.17 33.97
C ARG B 180 12.20 17.07 32.95
N LEU B 181 12.76 17.45 31.81
CA LEU B 181 13.11 16.51 30.74
C LEU B 181 14.35 15.76 31.17
N VAL B 182 14.29 14.43 31.16
CA VAL B 182 15.40 13.57 31.58
C VAL B 182 16.02 12.86 30.38
N GLY B 183 15.17 12.30 29.52
CA GLY B 183 15.67 11.54 28.40
C GLY B 183 14.70 11.41 27.24
N ALA B 184 15.24 11.30 26.06
CA ALA B 184 14.45 11.11 24.85
C ALA B 184 15.32 10.45 23.82
N PRO B 185 14.76 9.48 23.09
CA PRO B 185 15.51 8.91 21.97
C PRO B 185 15.55 9.93 20.81
N PRO B 186 16.42 9.73 19.79
CA PRO B 186 16.35 10.61 18.60
C PRO B 186 14.98 10.50 17.93
N SER B 187 14.60 11.50 17.12
CA SER B 187 13.31 11.43 16.40
C SER B 187 13.24 10.24 15.44
N SER B 188 14.40 9.77 14.95
CA SER B 188 14.43 8.60 14.08
C SER B 188 13.89 7.36 14.80
N ILE B 189 14.01 7.31 16.15
CA ILE B 189 13.43 6.21 16.92
C ILE B 189 12.04 6.61 17.45
N GLY B 190 11.96 7.76 18.12
CA GLY B 190 10.74 8.25 18.77
C GLY B 190 9.56 8.44 17.84
N LYS B 191 9.87 8.68 16.58
CA LYS B 191 8.89 8.93 15.54
C LYS B 191 9.32 8.17 14.26
N PHE B 192 9.85 6.93 14.39
CA PHE B 192 10.31 6.14 13.25
C PHE B 192 9.38 6.10 12.04
N GLY B 193 8.12 5.74 12.20
CA GLY B 193 7.24 5.70 11.02
C GLY B 193 6.90 7.08 10.48
N ALA B 194 7.01 8.10 11.35
CA ALA B 194 6.66 9.50 11.17
C ALA B 194 5.15 9.56 10.72
N ASP B 195 4.71 10.32 9.69
CA ASP B 195 3.32 10.38 9.30
C ASP B 195 2.87 9.17 8.51
N THR B 196 3.77 8.52 7.74
CA THR B 196 3.42 7.32 6.95
C THR B 196 2.87 6.18 7.81
N ASP B 197 3.46 5.94 9.00
CA ASP B 197 3.00 4.86 9.88
C ASP B 197 1.98 5.32 10.93
N ASN B 198 1.54 6.61 10.92
CA ASN B 198 0.51 7.08 11.87
C ASN B 198 -0.79 6.26 11.67
N TRP B 199 -1.37 5.76 12.78
CA TRP B 199 -2.56 4.88 12.78
C TRP B 199 -2.27 3.51 12.15
N ILE B 200 -0.99 3.13 11.97
CA ILE B 200 -0.68 1.86 11.30
C ILE B 200 -0.12 0.78 12.22
N TRP B 201 -0.65 -0.41 12.08
CA TRP B 201 -0.13 -1.63 12.66
C TRP B 201 0.08 -2.58 11.45
N PRO B 202 1.22 -3.29 11.31
CA PRO B 202 2.40 -3.35 12.20
C PRO B 202 3.10 -2.00 12.39
N ARG B 203 3.69 -1.75 13.57
CA ARG B 203 4.35 -0.49 13.86
C ARG B 203 5.71 -0.75 14.48
N HIS B 204 6.70 0.09 14.15
CA HIS B 204 8.07 -0.11 14.61
C HIS B 204 8.69 1.13 15.29
N THR B 205 7.83 1.94 15.90
CA THR B 205 8.18 3.21 16.53
C THR B 205 8.47 3.09 18.03
N GLY B 206 9.61 3.60 18.47
CA GLY B 206 10.00 3.63 19.88
C GLY B 206 9.55 4.92 20.51
N ASP B 207 8.23 5.09 20.55
CA ASP B 207 7.53 6.29 21.01
C ASP B 207 7.51 6.45 22.52
N PHE B 208 8.64 6.94 23.06
CA PHE B 208 8.81 7.21 24.49
C PHE B 208 9.72 8.44 24.73
N SER B 209 9.52 9.06 25.88
CA SER B 209 10.32 10.15 26.43
C SER B 209 10.22 10.05 27.95
N ILE B 210 11.21 10.62 28.64
CA ILE B 210 11.37 10.47 30.07
C ILE B 210 11.47 11.84 30.74
N PHE B 211 10.68 12.00 31.80
CA PHE B 211 10.61 13.22 32.57
C PHE B 211 10.82 12.89 34.07
N ARG B 212 10.85 13.91 34.94
CA ARG B 212 10.97 13.69 36.36
C ARG B 212 10.18 14.76 37.08
N ILE B 213 9.35 14.34 38.02
CA ILE B 213 8.56 15.26 38.81
C ILE B 213 9.44 15.79 39.93
N TYR B 214 9.49 17.10 40.06
CA TYR B 214 10.20 17.78 41.13
C TYR B 214 9.17 18.44 42.04
N ALA B 215 9.52 18.60 43.31
CA ALA B 215 8.64 19.16 44.34
C ALA B 215 9.49 19.84 45.45
N ASP B 216 8.85 20.47 46.47
CA ASP B 216 9.59 21.05 47.58
C ASP B 216 10.14 19.93 48.48
N LYS B 217 10.87 20.29 49.56
CA LYS B 217 11.48 19.37 50.53
C LYS B 217 10.51 18.34 51.12
N ASN B 218 9.22 18.68 51.20
CA ASN B 218 8.22 17.75 51.75
C ASN B 218 7.45 16.96 50.69
N GLY B 219 7.85 17.05 49.43
CA GLY B 219 7.16 16.36 48.35
C GLY B 219 5.86 17.01 47.93
N ASN B 220 5.68 18.29 48.28
CA ASN B 220 4.49 19.05 47.96
C ASN B 220 4.71 19.82 46.67
N PRO B 221 3.66 19.96 45.85
CA PRO B 221 3.79 20.70 44.59
C PRO B 221 4.39 22.10 44.78
N ALA B 222 5.28 22.45 43.86
CA ALA B 222 5.92 23.75 43.88
C ALA B 222 6.28 24.11 42.44
N PRO B 223 6.10 25.37 42.03
CA PRO B 223 6.54 25.77 40.68
C PRO B 223 8.06 25.66 40.57
N TYR B 224 8.61 25.74 39.34
CA TYR B 224 10.07 25.64 39.15
C TYR B 224 10.88 26.53 40.12
N SER B 225 11.83 25.91 40.80
CA SER B 225 12.79 26.51 41.69
C SER B 225 14.04 25.65 41.67
N GLU B 226 15.23 26.30 41.68
CA GLU B 226 16.50 25.56 41.72
C GLU B 226 16.66 24.76 43.04
N ASP B 227 15.85 25.09 44.07
CA ASP B 227 15.83 24.42 45.37
C ASP B 227 14.95 23.15 45.36
N ASN B 228 14.17 22.91 44.29
CA ASN B 228 13.30 21.75 44.20
C ASN B 228 14.08 20.45 44.12
N VAL B 229 13.53 19.43 44.76
CA VAL B 229 14.09 18.10 44.91
C VAL B 229 13.15 17.07 44.23
N PRO B 230 13.68 15.98 43.64
CA PRO B 230 12.79 14.97 43.02
C PRO B 230 11.69 14.46 43.96
N LEU B 231 10.50 14.19 43.43
CA LEU B 231 9.39 13.71 44.24
C LEU B 231 9.57 12.24 44.62
N LYS B 232 9.37 11.87 45.90
CA LYS B 232 9.40 10.46 46.28
C LYS B 232 7.91 10.07 46.30
N PRO B 233 7.44 9.35 45.27
CA PRO B 233 5.99 9.06 45.20
C PRO B 233 5.57 7.93 46.12
N LYS B 234 4.27 7.90 46.44
CA LYS B 234 3.73 6.81 47.26
C LYS B 234 3.63 5.47 46.49
N ARG B 235 3.66 5.52 45.15
CA ARG B 235 3.56 4.34 44.34
C ARG B 235 4.22 4.58 42.97
N PHE B 236 4.93 3.59 42.48
CA PHE B 236 5.54 3.62 41.17
C PHE B 236 5.45 2.22 40.55
N PHE B 237 5.50 2.14 39.23
CA PHE B 237 5.40 0.85 38.53
C PHE B 237 6.72 0.10 38.57
N ASN B 238 6.65 -1.21 38.77
CA ASN B 238 7.82 -2.05 38.60
C ASN B 238 7.89 -2.35 37.08
N ILE B 239 9.11 -2.48 36.53
CA ILE B 239 9.26 -2.77 35.11
C ILE B 239 9.42 -4.28 34.94
N SER B 240 8.63 -4.91 34.05
CA SER B 240 8.81 -6.34 33.83
C SER B 240 9.76 -6.57 32.67
N LEU B 241 10.62 -7.60 32.80
CA LEU B 241 11.43 -8.04 31.67
C LEU B 241 10.96 -9.42 31.13
N GLY B 242 9.84 -9.94 31.64
CA GLY B 242 9.27 -11.19 31.18
C GLY B 242 8.63 -11.15 29.80
N GLY B 243 8.40 -9.94 29.29
CA GLY B 243 7.82 -9.74 27.97
C GLY B 243 6.36 -10.11 27.86
N VAL B 244 5.90 -10.27 26.61
CA VAL B 244 4.52 -10.64 26.32
C VAL B 244 4.49 -11.83 25.38
N GLN B 245 3.39 -12.58 25.42
CA GLN B 245 3.12 -13.68 24.53
C GLN B 245 1.69 -13.51 24.04
N GLU B 246 1.36 -14.13 22.91
CA GLU B 246 0.01 -14.07 22.35
C GLU B 246 -1.02 -14.57 23.41
N ASN B 247 -2.12 -13.83 23.57
CA ASN B 247 -3.21 -14.13 24.50
C ASN B 247 -2.94 -13.70 25.93
N ASP B 248 -1.78 -13.11 26.24
CA ASP B 248 -1.50 -12.64 27.61
C ASP B 248 -2.47 -11.56 28.00
N TYR B 249 -2.89 -11.56 29.27
CA TYR B 249 -3.76 -10.53 29.82
C TYR B 249 -2.97 -9.22 29.81
N ALA B 250 -3.64 -8.14 29.40
CA ALA B 250 -3.03 -6.81 29.46
C ALA B 250 -4.07 -5.80 29.91
N MET B 251 -3.65 -4.80 30.66
CA MET B 251 -4.56 -3.75 31.08
C MET B 251 -3.92 -2.38 31.00
N ILE B 252 -4.75 -1.35 30.87
CA ILE B 252 -4.29 0.02 30.78
C ILE B 252 -5.11 0.90 31.72
N MET B 253 -4.45 1.91 32.28
CA MET B 253 -5.07 2.99 33.00
C MET B 253 -4.64 4.27 32.26
N GLY B 254 -5.57 5.21 32.13
CA GLY B 254 -5.28 6.45 31.45
C GLY B 254 -6.46 7.39 31.36
N PHE B 255 -6.32 8.43 30.53
CA PHE B 255 -7.33 9.46 30.46
C PHE B 255 -7.93 9.59 29.07
N PRO B 256 -8.75 8.61 28.61
CA PRO B 256 -9.37 8.77 27.27
C PRO B 256 -10.24 10.02 27.24
N GLY B 257 -10.11 10.79 26.17
CA GLY B 257 -10.77 12.08 26.05
C GLY B 257 -12.24 12.03 25.71
N THR B 258 -12.63 11.45 24.55
CA THR B 258 -14.02 11.46 24.13
C THR B 258 -14.43 10.19 23.39
N THR B 259 -15.69 9.76 23.56
CA THR B 259 -16.29 8.66 22.81
C THR B 259 -17.74 9.05 22.52
N HIS B 260 -18.43 8.31 21.65
CA HIS B 260 -19.81 8.57 21.31
C HIS B 260 -20.55 7.24 21.26
N ARG B 261 -20.45 6.49 22.37
CA ARG B 261 -21.03 5.17 22.54
C ARG B 261 -22.55 5.16 22.55
N TYR B 262 -23.19 6.31 22.84
CA TYR B 262 -24.64 6.37 22.90
C TYR B 262 -25.23 7.21 21.77
N PHE B 263 -24.53 7.29 20.62
CA PHE B 263 -25.05 7.97 19.43
C PHE B 263 -26.32 7.24 18.98
N THR B 264 -27.31 7.97 18.45
CA THR B 264 -28.46 7.30 17.86
C THR B 264 -28.02 6.86 16.45
N ALA B 265 -28.85 6.07 15.75
CA ALA B 265 -28.55 5.70 14.36
C ALA B 265 -28.47 6.97 13.49
N SER B 266 -29.35 7.97 13.74
CA SER B 266 -29.36 9.22 12.99
C SER B 266 -28.09 10.04 13.19
N GLU B 267 -27.47 9.93 14.36
CA GLU B 267 -26.22 10.64 14.64
C GLU B 267 -25.04 9.93 13.94
N VAL B 268 -25.09 8.59 13.80
CA VAL B 268 -24.08 7.85 13.03
C VAL B 268 -24.22 8.29 11.56
N ASP B 269 -25.45 8.40 11.02
CA ASP B 269 -25.66 8.81 9.62
C ASP B 269 -25.15 10.22 9.37
N GLU B 270 -25.36 11.10 10.33
CA GLU B 270 -24.91 12.49 10.23
C GLU B 270 -23.38 12.55 10.26
N TRP B 271 -22.75 11.79 11.16
CA TRP B 271 -21.29 11.74 11.31
C TRP B 271 -20.65 11.27 10.00
N LYS B 272 -21.24 10.28 9.36
CA LYS B 272 -20.77 9.78 8.07
C LYS B 272 -21.02 10.79 6.92
N SER B 273 -22.29 11.14 6.66
CA SER B 273 -22.72 11.91 5.50
C SER B 273 -22.39 13.39 5.51
N ILE B 274 -22.17 13.95 6.70
CA ILE B 274 -21.81 15.34 6.82
C ILE B 274 -20.36 15.45 7.26
N ASP B 275 -20.06 15.21 8.56
CA ASP B 275 -18.75 15.37 9.15
C ASP B 275 -17.64 14.71 8.36
N ASN B 276 -17.72 13.38 8.21
CA ASN B 276 -16.68 12.61 7.57
C ASN B 276 -16.62 12.80 6.07
N ASP B 277 -17.75 12.70 5.35
CA ASP B 277 -17.72 12.86 3.89
C ASP B 277 -17.19 14.22 3.46
N ILE B 278 -17.56 15.30 4.16
CA ILE B 278 -17.10 16.65 3.81
C ILE B 278 -15.61 16.79 4.10
N ARG B 279 -15.17 16.38 5.30
CA ARG B 279 -13.76 16.40 5.66
C ARG B 279 -12.90 15.59 4.65
N ILE B 280 -13.39 14.41 4.25
CA ILE B 280 -12.70 13.55 3.28
C ILE B 280 -12.63 14.23 1.92
N ARG B 281 -13.78 14.65 1.39
CA ARG B 281 -13.82 15.30 0.09
C ARG B 281 -12.96 16.56 0.02
N MET B 282 -13.13 17.48 1.00
CA MET B 282 -12.39 18.74 1.01
C MET B 282 -10.90 18.58 1.23
N ARG B 283 -10.49 17.70 2.16
CA ARG B 283 -9.07 17.49 2.41
C ARG B 283 -8.40 16.75 1.28
N ASP B 284 -9.12 15.85 0.58
CA ASP B 284 -8.53 15.18 -0.58
C ASP B 284 -8.20 16.22 -1.68
N ILE B 285 -9.08 17.20 -1.88
CA ILE B 285 -8.83 18.27 -2.85
C ILE B 285 -7.63 19.11 -2.44
N ARG B 286 -7.61 19.57 -1.19
CA ARG B 286 -6.56 20.42 -0.65
C ARG B 286 -5.19 19.73 -0.71
N GLN B 287 -5.12 18.49 -0.20
CA GLN B 287 -3.94 17.64 -0.16
C GLN B 287 -3.42 17.29 -1.56
N GLY B 288 -4.33 17.02 -2.50
CA GLY B 288 -3.92 16.71 -3.88
C GLY B 288 -3.19 17.86 -4.53
N VAL B 289 -3.72 19.10 -4.42
CA VAL B 289 -3.07 20.28 -5.00
C VAL B 289 -1.72 20.54 -4.32
N MET B 290 -1.73 20.45 -2.99
CA MET B 290 -0.55 20.66 -2.15
C MET B 290 0.57 19.66 -2.48
N LEU B 291 0.26 18.36 -2.58
CA LEU B 291 1.25 17.33 -2.92
C LEU B 291 1.83 17.54 -4.31
N ARG B 292 0.98 17.87 -5.34
CA ARG B 292 1.42 18.18 -6.71
C ARG B 292 2.49 19.29 -6.66
N GLU B 293 2.20 20.36 -5.88
CA GLU B 293 3.10 21.51 -5.75
C GLU B 293 4.37 21.18 -5.02
N MET B 294 4.29 20.35 -3.96
CA MET B 294 5.45 19.93 -3.18
C MET B 294 6.37 19.04 -4.00
N LEU B 295 5.80 18.14 -4.82
CA LEU B 295 6.59 17.23 -5.68
C LEU B 295 7.28 17.95 -6.84
N ALA B 296 6.73 19.07 -7.30
CA ALA B 296 7.29 19.83 -8.42
C ALA B 296 8.36 20.84 -8.00
N ASP B 297 8.39 21.25 -6.73
CA ASP B 297 9.32 22.26 -6.25
C ASP B 297 9.81 21.87 -4.86
N PRO B 298 11.11 21.50 -4.75
CA PRO B 298 11.64 21.12 -3.42
C PRO B 298 11.53 22.18 -2.33
N GLN B 299 11.47 23.47 -2.72
CA GLN B 299 11.32 24.54 -1.76
C GLN B 299 9.86 24.57 -1.24
N ILE B 300 8.87 24.24 -2.10
CA ILE B 300 7.47 24.14 -1.70
C ILE B 300 7.27 22.96 -0.74
N LYS B 301 8.00 21.85 -0.97
CA LYS B 301 7.95 20.70 -0.08
C LYS B 301 8.41 21.08 1.34
N ILE B 302 9.45 21.91 1.45
CA ILE B 302 9.94 22.34 2.76
C ILE B 302 8.91 23.24 3.44
N MET B 303 8.36 24.20 2.70
CA MET B 303 7.39 25.14 3.25
C MET B 303 6.03 24.51 3.63
N TYR B 304 5.59 23.49 2.89
CA TYR B 304 4.26 22.92 3.09
C TYR B 304 4.19 21.53 3.71
N SER B 305 5.33 20.90 4.08
CA SER B 305 5.30 19.55 4.66
C SER B 305 4.51 19.42 5.95
N ALA B 306 4.67 20.39 6.85
CA ALA B 306 3.95 20.35 8.11
C ALA B 306 2.45 20.61 7.90
N LYS B 307 2.08 21.58 7.03
CA LYS B 307 0.67 21.88 6.76
C LYS B 307 -0.01 20.66 6.11
N TYR B 308 0.69 20.00 5.18
CA TYR B 308 0.19 18.81 4.50
C TYR B 308 -0.03 17.67 5.52
N ALA B 309 0.97 17.41 6.37
CA ALA B 309 0.87 16.37 7.39
C ALA B 309 -0.23 16.64 8.42
N ALA B 310 -0.37 17.90 8.87
CA ALA B 310 -1.43 18.26 9.80
C ALA B 310 -2.83 17.99 9.18
N SER B 311 -3.00 18.23 7.88
CA SER B 311 -4.28 18.01 7.23
C SER B 311 -4.57 16.49 7.09
N GLN B 312 -3.54 15.69 6.82
CA GLN B 312 -3.64 14.24 6.62
C GLN B 312 -4.06 13.46 7.85
N ASN B 313 -3.63 13.89 9.03
CA ASN B 313 -3.93 13.14 10.25
C ASN B 313 -5.43 12.88 10.49
N ALA B 314 -6.28 13.92 10.53
CA ALA B 314 -7.73 13.70 10.72
C ALA B 314 -8.40 13.20 9.45
N TYR B 315 -7.79 13.41 8.28
CA TYR B 315 -8.27 12.87 7.02
C TYR B 315 -8.23 11.32 7.12
N LYS B 316 -7.10 10.76 7.56
CA LYS B 316 -6.95 9.31 7.72
C LYS B 316 -7.93 8.74 8.76
N ARG B 317 -8.18 9.51 9.84
CA ARG B 317 -9.09 9.12 10.90
C ARG B 317 -10.50 8.99 10.33
N ALA B 318 -10.92 10.00 9.53
CA ALA B 318 -12.23 10.02 8.90
C ALA B 318 -12.41 8.85 7.92
N ILE B 319 -11.34 8.48 7.18
CA ILE B 319 -11.36 7.34 6.25
C ILE B 319 -11.57 6.05 7.06
N GLY B 320 -10.83 5.91 8.15
CA GLY B 320 -10.97 4.74 9.01
C GLY B 320 -12.35 4.63 9.65
N ALA B 321 -12.91 5.77 10.05
CA ALA B 321 -14.22 5.83 10.72
C ALA B 321 -15.31 5.48 9.73
N ASN B 322 -15.23 6.02 8.50
CA ASN B 322 -16.21 5.70 7.45
C ASN B 322 -16.11 4.24 6.98
N TRP B 323 -14.92 3.64 7.06
CA TRP B 323 -14.76 2.22 6.73
C TRP B 323 -15.58 1.40 7.75
N ALA B 324 -15.53 1.76 9.04
CA ALA B 324 -16.28 1.04 10.07
C ALA B 324 -17.79 1.23 9.89
N ILE B 325 -18.24 2.46 9.56
CA ILE B 325 -19.66 2.71 9.34
C ILE B 325 -20.17 1.87 8.17
N LYS B 326 -19.38 1.80 7.09
CA LYS B 326 -19.74 1.02 5.91
C LYS B 326 -19.70 -0.49 6.10
N THR B 327 -18.68 -1.00 6.82
CA THR B 327 -18.48 -2.45 6.92
C THR B 327 -18.81 -3.14 8.24
N ARG B 328 -18.88 -2.41 9.37
CA ARG B 328 -19.09 -3.06 10.66
C ARG B 328 -20.49 -2.87 11.26
N GLY B 329 -21.42 -2.30 10.49
CA GLY B 329 -22.80 -2.09 10.89
C GLY B 329 -22.97 -1.23 12.11
N LEU B 330 -22.27 -0.06 12.16
CA LEU B 330 -22.38 0.81 13.34
C LEU B 330 -23.77 1.40 13.41
N ARG B 331 -24.33 1.82 12.28
CA ARG B 331 -25.66 2.41 12.25
C ARG B 331 -26.71 1.42 12.70
N GLN B 332 -26.63 0.20 12.21
CA GLN B 332 -27.55 -0.90 12.50
C GLN B 332 -27.51 -1.28 13.95
N ASN B 333 -26.33 -1.32 14.56
CA ASN B 333 -26.21 -1.68 15.97
C ASN B 333 -26.76 -0.58 16.88
N LYS B 334 -26.67 0.71 16.47
CA LYS B 334 -27.26 1.79 17.28
C LYS B 334 -28.79 1.73 17.14
N GLN B 335 -29.30 1.42 15.94
CA GLN B 335 -30.72 1.28 15.67
C GLN B 335 -31.29 0.13 16.50
N ALA B 336 -30.57 -1.00 16.60
CA ALA B 336 -31.02 -2.13 17.42
C ALA B 336 -31.02 -1.78 18.92
N MET B 337 -30.02 -1.00 19.35
CA MET B 337 -29.91 -0.55 20.73
C MET B 337 -31.11 0.32 21.10
N GLN B 338 -31.48 1.27 20.24
CA GLN B 338 -32.59 2.17 20.53
C GLN B 338 -33.94 1.48 20.38
N ASP B 339 -34.10 0.54 19.42
CA ASP B 339 -35.36 -0.21 19.25
C ASP B 339 -35.66 -1.11 20.44
N ARG B 340 -34.61 -1.70 21.02
CA ARG B 340 -34.73 -2.57 22.18
C ARG B 340 -35.18 -1.73 23.41
N LEU B 341 -34.63 -0.50 23.56
CA LEU B 341 -35.04 0.37 24.65
C LEU B 341 -36.51 0.81 24.50
N ILE B 342 -36.91 1.15 23.26
CA ILE B 342 -38.26 1.58 22.92
C ILE B 342 -39.29 0.47 23.19
N ALA B 343 -38.93 -0.78 22.87
CA ALA B 343 -39.82 -1.92 23.13
C ALA B 343 -39.96 -2.18 24.64
N TRP B 344 -38.89 -1.97 25.40
CA TRP B 344 -38.89 -2.15 26.85
C TRP B 344 -39.67 -1.05 27.54
N GLY B 345 -39.59 0.17 27.05
CA GLY B 345 -40.34 1.29 27.58
C GLY B 345 -41.83 1.15 27.28
N ALA B 346 -42.17 0.60 26.10
CA ALA B 346 -43.57 0.37 25.72
C ALA B 346 -44.20 -0.70 26.62
N LYS B 347 -43.42 -1.70 27.03
CA LYS B 347 -43.84 -2.75 27.94
C LYS B 347 -44.05 -2.18 29.35
N GLN B 348 -43.14 -1.31 29.83
CA GLN B 348 -43.25 -0.74 31.17
C GLN B 348 -44.26 0.41 31.29
N GLY B 349 -44.77 0.92 30.18
CA GLY B 349 -45.70 2.04 30.19
C GLY B 349 -45.02 3.40 30.37
N THR B 350 -43.72 3.48 30.03
CA THR B 350 -42.95 4.72 30.15
C THR B 350 -42.52 5.18 28.76
N PRO B 351 -43.25 6.12 28.13
CA PRO B 351 -42.90 6.55 26.76
C PRO B 351 -41.77 7.56 26.62
N ARG B 352 -41.19 8.03 27.73
CA ARG B 352 -40.15 9.08 27.66
C ARG B 352 -38.85 8.68 26.94
N TYR B 353 -38.53 7.39 26.84
CA TYR B 353 -37.32 6.95 26.15
C TYR B 353 -37.52 7.04 24.64
N GLU B 354 -38.70 6.65 24.15
CA GLU B 354 -39.03 6.76 22.74
C GLU B 354 -39.13 8.24 22.33
N GLU B 355 -39.69 9.07 23.21
CA GLU B 355 -39.79 10.50 22.99
C GLU B 355 -38.40 11.12 22.92
N ALA B 356 -37.45 10.65 23.76
CA ALA B 356 -36.07 11.14 23.78
C ALA B 356 -35.34 10.79 22.48
N VAL B 357 -35.45 9.55 21.99
CA VAL B 357 -34.82 9.13 20.72
C VAL B 357 -35.42 9.97 19.57
N HIS B 358 -36.76 10.16 19.58
CA HIS B 358 -37.44 10.99 18.60
C HIS B 358 -36.91 12.43 18.61
N GLU B 359 -36.70 13.04 19.79
CA GLU B 359 -36.20 14.41 19.88
C GLU B 359 -34.81 14.51 19.26
N ILE B 360 -33.95 13.49 19.50
CA ILE B 360 -32.61 13.46 18.92
C ILE B 360 -32.71 13.38 17.40
N ASP B 361 -33.51 12.43 16.87
CA ASP B 361 -33.71 12.28 15.42
C ASP B 361 -34.21 13.56 14.78
N ALA B 362 -35.22 14.21 15.39
CA ALA B 362 -35.82 15.43 14.85
C ALA B 362 -34.81 16.56 14.86
N THR B 363 -33.99 16.66 15.91
CA THR B 363 -32.98 17.73 15.99
C THR B 363 -31.89 17.50 14.95
N VAL B 364 -31.46 16.24 14.76
CA VAL B 364 -30.47 15.92 13.74
C VAL B 364 -31.02 16.26 12.35
N ALA B 365 -32.25 15.87 12.06
CA ALA B 365 -32.87 16.14 10.76
C ALA B 365 -33.04 17.64 10.51
N LYS B 366 -33.46 18.39 11.54
CA LYS B 366 -33.66 19.83 11.41
C LYS B 366 -32.36 20.63 11.16
N ARG B 367 -31.23 20.25 11.80
CA ARG B 367 -29.98 20.97 11.62
C ARG B 367 -29.12 20.51 10.42
N ALA B 368 -29.58 19.53 9.63
CA ALA B 368 -28.80 18.97 8.52
C ALA B 368 -28.19 20.00 7.53
N ASP B 369 -29.01 20.91 6.99
CA ASP B 369 -28.51 21.87 6.01
C ASP B 369 -27.51 22.82 6.64
N LEU B 370 -27.79 23.32 7.85
CA LEU B 370 -26.89 24.23 8.55
C LEU B 370 -25.55 23.54 8.86
N ARG B 371 -25.57 22.29 9.41
CA ARG B 371 -24.37 21.55 9.74
C ARG B 371 -23.54 21.25 8.48
N ARG B 372 -24.22 20.95 7.36
CA ARG B 372 -23.54 20.72 6.09
C ARG B 372 -22.84 22.02 5.64
N ARG B 373 -23.53 23.15 5.73
CA ARG B 373 -22.96 24.44 5.38
C ARG B 373 -21.77 24.82 6.30
N TYR B 374 -21.83 24.44 7.58
CA TYR B 374 -20.76 24.72 8.53
C TYR B 374 -19.49 23.90 8.21
N TRP B 375 -19.65 22.59 7.99
CA TRP B 375 -18.52 21.73 7.66
C TRP B 375 -17.94 22.10 6.30
N MET B 376 -18.80 22.47 5.34
CA MET B 376 -18.34 22.89 4.02
C MET B 376 -17.45 24.13 4.12
N ILE B 377 -17.87 25.17 4.89
CA ILE B 377 -17.05 26.38 5.01
C ILE B 377 -15.81 26.14 5.88
N GLU B 378 -15.94 25.32 6.93
CA GLU B 378 -14.82 25.05 7.83
C GLU B 378 -13.73 24.25 7.14
N GLU B 379 -14.09 23.16 6.48
CA GLU B 379 -13.13 22.33 5.78
C GLU B 379 -12.67 22.95 4.47
N GLY B 380 -13.62 23.53 3.75
CA GLY B 380 -13.35 24.15 2.46
C GLY B 380 -12.57 25.44 2.47
N ILE B 381 -12.88 26.34 3.42
CA ILE B 381 -12.26 27.68 3.43
C ILE B 381 -11.46 28.01 4.68
N ILE B 382 -12.07 27.85 5.88
CA ILE B 382 -11.42 28.20 7.17
C ILE B 382 -10.10 27.45 7.33
N ARG B 383 -10.11 26.12 7.13
CA ARG B 383 -8.83 25.40 7.15
C ARG B 383 -8.30 25.13 5.74
N GLY B 384 -9.13 25.16 4.72
CA GLY B 384 -8.69 24.87 3.35
C GLY B 384 -7.90 25.94 2.63
N ILE B 385 -8.21 27.24 2.89
CA ILE B 385 -7.57 28.33 2.18
C ILE B 385 -6.81 29.25 3.15
N GLU B 386 -5.49 29.39 2.93
CA GLU B 386 -4.66 30.20 3.82
C GLU B 386 -5.01 31.68 3.85
N PHE B 387 -5.39 32.28 2.70
CA PHE B 387 -5.73 33.70 2.69
C PHE B 387 -7.06 33.99 3.39
N ALA B 388 -7.81 32.97 3.86
CA ALA B 388 -8.98 33.19 4.70
C ALA B 388 -8.50 33.71 6.07
N ARG B 389 -7.29 33.31 6.52
CA ARG B 389 -6.73 33.80 7.79
C ARG B 389 -5.74 34.95 7.56
N SER B 390 -5.98 35.76 6.52
CA SER B 390 -5.18 36.93 6.26
C SER B 390 -5.65 38.07 7.21
N PRO B 391 -4.87 39.16 7.36
CA PRO B 391 -5.26 40.20 8.34
C PRO B 391 -6.57 40.93 8.07
N ILE B 392 -7.36 41.08 9.13
CA ILE B 392 -8.60 41.84 9.09
C ILE B 392 -8.39 43.01 10.08
N PRO B 393 -8.41 44.24 9.58
CA PRO B 393 -8.21 45.39 10.48
C PRO B 393 -9.25 45.47 11.59
N THR B 394 -8.80 45.58 12.84
CA THR B 394 -9.68 45.70 14.01
C THR B 394 -10.43 47.06 14.03
N GLU B 395 -11.35 47.29 14.99
CA GLU B 395 -12.03 48.59 15.13
C GLU B 395 -11.02 49.65 15.63
N ASP B 396 -10.08 49.25 16.53
CA ASP B 396 -9.06 50.17 17.04
C ASP B 396 -8.08 50.58 15.94
N GLU B 397 -7.82 49.69 14.97
CA GLU B 397 -6.91 50.00 13.87
C GLU B 397 -7.55 50.92 12.84
N THR B 398 -8.85 50.75 12.56
CA THR B 398 -9.56 51.65 11.64
C THR B 398 -9.78 53.02 12.32
N LYS B 399 -10.05 53.03 13.64
CA LYS B 399 -10.20 54.27 14.39
C LYS B 399 -8.82 54.66 14.89
N ALA B 400 -7.89 54.89 13.95
CA ALA B 400 -6.50 55.30 14.13
C ALA B 400 -5.99 55.77 12.76
N LEU B 401 -6.30 55.02 11.69
CA LEU B 401 -5.92 55.43 10.34
C LEU B 401 -6.85 56.56 9.84
N GLN B 402 -8.08 56.67 10.40
CA GLN B 402 -9.08 57.69 10.08
C GLN B 402 -10.30 57.55 11.00
N ALA B 406 -4.92 61.31 17.04
CA ALA B 406 -3.52 61.08 17.39
C ALA B 406 -2.68 60.68 16.16
N SER B 407 -1.34 60.72 16.25
CA SER B 407 -0.49 60.27 15.14
C SER B 407 -0.09 58.79 15.31
N ALA B 408 -0.98 58.00 15.94
CA ALA B 408 -0.83 56.57 16.17
C ALA B 408 -1.30 55.74 14.94
N ARG B 409 -1.29 56.37 13.74
CA ARG B 409 -1.52 55.76 12.45
C ARG B 409 -0.39 54.72 12.23
N LYS B 410 0.85 55.07 12.66
CA LYS B 410 2.03 54.23 12.60
C LYS B 410 1.91 53.01 13.51
N GLU B 411 1.25 53.17 14.68
CA GLU B 411 1.01 52.07 15.62
C GLU B 411 0.01 51.08 15.01
N ALA B 412 -1.03 51.58 14.33
CA ALA B 412 -2.02 50.76 13.69
C ALA B 412 -1.37 49.99 12.54
N ILE B 413 -0.54 50.65 11.74
CA ILE B 413 0.18 50.04 10.62
C ILE B 413 1.18 49.00 11.12
N ASP B 414 1.84 49.24 12.27
CA ASP B 414 2.81 48.28 12.81
C ASP B 414 2.14 46.99 13.29
N LYS B 415 0.90 47.10 13.79
CA LYS B 415 0.15 45.95 14.26
C LYS B 415 -0.37 45.17 13.05
N ILE B 416 -0.87 45.88 12.02
CA ILE B 416 -1.34 45.23 10.78
C ILE B 416 -0.17 44.53 10.09
N ARG B 417 1.01 45.18 10.05
CA ARG B 417 2.23 44.66 9.44
C ARG B 417 2.68 43.38 10.14
N THR B 418 2.61 43.35 11.48
CA THR B 418 3.01 42.18 12.25
C THR B 418 2.15 40.96 11.88
N ARG B 419 0.82 41.17 11.72
CA ARG B 419 -0.12 40.13 11.34
C ARG B 419 0.06 39.73 9.88
N TYR B 420 0.39 40.70 9.00
CA TYR B 420 0.64 40.39 7.59
C TYR B 420 1.89 39.51 7.49
N SER B 421 2.94 39.87 8.22
CA SER B 421 4.20 39.15 8.22
C SER B 421 4.06 37.73 8.80
N LYS B 422 3.06 37.50 9.67
CA LYS B 422 2.82 36.17 10.21
C LYS B 422 2.00 35.33 9.20
N PHE B 423 1.09 35.97 8.42
CA PHE B 423 0.31 35.29 7.39
C PHE B 423 1.25 34.94 6.21
N ALA B 424 1.96 35.94 5.68
CA ALA B 424 2.88 35.73 4.58
C ALA B 424 4.28 35.43 5.15
N ASN B 425 4.39 34.35 5.92
CA ASN B 425 5.66 33.98 6.56
C ASN B 425 6.59 33.20 5.61
N LYS B 426 7.72 32.65 6.12
CA LYS B 426 8.68 31.89 5.34
C LYS B 426 8.11 30.62 4.70
N ASP B 427 6.99 30.11 5.25
CA ASP B 427 6.35 28.90 4.72
C ASP B 427 5.13 29.19 3.83
N TYR B 428 4.78 30.46 3.60
CA TYR B 428 3.61 30.79 2.80
C TYR B 428 3.95 31.05 1.34
N SER B 429 3.26 30.36 0.44
CA SER B 429 3.41 30.61 -0.99
C SER B 429 2.06 31.09 -1.53
N ALA B 430 2.01 32.34 -2.02
CA ALA B 430 0.81 32.91 -2.63
C ALA B 430 0.38 32.11 -3.87
N GLU B 431 1.35 31.60 -4.65
CA GLU B 431 1.07 30.79 -5.84
C GLU B 431 0.43 29.45 -5.48
N VAL B 432 0.95 28.78 -4.45
CA VAL B 432 0.38 27.53 -3.97
C VAL B 432 -1.01 27.81 -3.40
N ASP B 433 -1.15 28.88 -2.59
CA ASP B 433 -2.43 29.25 -2.03
C ASP B 433 -3.50 29.57 -3.07
N LYS B 434 -3.15 30.30 -4.14
CA LYS B 434 -4.10 30.58 -5.23
C LYS B 434 -4.56 29.27 -5.89
N LYS B 435 -3.65 28.31 -6.11
CA LYS B 435 -4.01 27.04 -6.73
C LYS B 435 -4.90 26.23 -5.81
N VAL B 436 -4.60 26.22 -4.50
CA VAL B 436 -5.45 25.51 -3.55
C VAL B 436 -6.84 26.17 -3.49
N ALA B 437 -6.89 27.50 -3.41
CA ALA B 437 -8.15 28.24 -3.35
C ALA B 437 -9.01 28.04 -4.56
N VAL B 438 -8.41 28.01 -5.77
CA VAL B 438 -9.20 27.79 -6.98
C VAL B 438 -9.90 26.41 -6.93
N ALA B 439 -9.18 25.36 -6.51
CA ALA B 439 -9.79 24.02 -6.44
C ALA B 439 -10.81 23.91 -5.28
N MET B 440 -10.47 24.46 -4.12
CA MET B 440 -11.37 24.41 -2.95
C MET B 440 -12.65 25.22 -3.19
N LEU B 441 -12.54 26.43 -3.74
CA LEU B 441 -13.70 27.26 -4.01
C LEU B 441 -14.53 26.72 -5.14
N THR B 442 -13.93 26.05 -6.13
CA THR B 442 -14.71 25.42 -7.22
C THR B 442 -15.65 24.35 -6.61
N GLU B 443 -15.13 23.52 -5.69
CA GLU B 443 -15.94 22.54 -5.02
C GLU B 443 -17.01 23.21 -4.15
N TYR B 444 -16.58 24.19 -3.31
CA TYR B 444 -17.47 24.90 -2.40
C TYR B 444 -18.63 25.56 -3.14
N LEU B 445 -18.34 26.26 -4.27
CA LEU B 445 -19.32 26.95 -5.09
C LEU B 445 -20.32 26.00 -5.78
N LYS B 446 -19.93 24.75 -6.05
CA LYS B 446 -20.89 23.78 -6.61
C LYS B 446 -21.75 23.10 -5.50
N GLU B 447 -21.37 23.25 -4.22
CA GLU B 447 -22.09 22.63 -3.09
C GLU B 447 -22.94 23.60 -2.29
N ILE B 448 -22.55 24.87 -2.28
CA ILE B 448 -23.28 25.90 -1.56
C ILE B 448 -23.97 26.82 -2.55
N PRO B 449 -25.31 26.89 -2.52
CA PRO B 449 -26.01 27.78 -3.46
C PRO B 449 -25.75 29.26 -3.18
N TYR B 450 -25.90 30.10 -4.21
CA TYR B 450 -25.72 31.56 -4.16
C TYR B 450 -26.32 32.22 -2.92
N GLU B 451 -27.59 31.89 -2.59
CA GLU B 451 -28.25 32.49 -1.43
C GLU B 451 -27.64 32.11 -0.08
N ASN B 452 -26.84 31.03 -0.04
CA ASN B 452 -26.18 30.61 1.19
C ASN B 452 -24.65 30.94 1.22
N LEU B 453 -24.14 31.62 0.20
CA LEU B 453 -22.72 31.95 0.11
C LEU B 453 -22.33 33.09 1.02
N PRO B 454 -21.07 33.09 1.51
CA PRO B 454 -20.55 34.31 2.15
C PRO B 454 -20.59 35.44 1.10
N LEU B 455 -21.10 36.62 1.48
CA LEU B 455 -21.33 37.78 0.61
C LEU B 455 -20.29 38.01 -0.49
N HIS B 456 -18.98 37.95 -0.16
CA HIS B 456 -17.94 38.20 -1.16
C HIS B 456 -17.87 37.13 -2.26
N LEU B 457 -18.21 35.87 -1.94
CA LEU B 457 -18.21 34.78 -2.91
C LEU B 457 -19.30 34.92 -3.98
N ARG B 458 -20.33 35.73 -3.71
CA ARG B 458 -21.37 36.06 -4.68
C ARG B 458 -20.76 36.78 -5.90
N LEU B 459 -19.59 37.45 -5.74
CA LEU B 459 -18.89 38.12 -6.83
C LEU B 459 -18.37 37.17 -7.90
N VAL B 460 -18.23 35.87 -7.60
CA VAL B 460 -17.77 34.90 -8.60
C VAL B 460 -18.77 34.84 -9.75
N LYS B 461 -20.06 34.77 -9.44
CA LYS B 461 -21.10 34.75 -10.46
C LYS B 461 -21.42 36.16 -10.98
N ASP B 462 -21.57 37.12 -10.07
CA ASP B 462 -21.97 38.49 -10.40
C ASP B 462 -20.94 39.35 -11.14
N ARG B 463 -19.67 39.26 -10.76
CA ARG B 463 -18.63 40.10 -11.32
C ARG B 463 -17.64 39.37 -12.22
N PHE B 464 -17.37 38.08 -11.91
CA PHE B 464 -16.35 37.35 -12.66
C PHE B 464 -16.89 36.31 -13.63
N ALA B 465 -18.20 36.34 -13.94
CA ALA B 465 -18.83 35.42 -14.87
C ALA B 465 -18.54 33.93 -14.58
N GLY B 466 -18.52 33.58 -13.31
CA GLY B 466 -18.28 32.20 -12.87
C GLY B 466 -16.84 31.75 -12.92
N ASP B 467 -15.90 32.64 -13.28
CA ASP B 467 -14.47 32.32 -13.38
C ASP B 467 -13.80 32.44 -12.01
N VAL B 468 -13.60 31.28 -11.35
CA VAL B 468 -13.00 31.21 -10.02
C VAL B 468 -11.56 31.69 -10.06
N GLN B 469 -10.81 31.27 -11.09
CA GLN B 469 -9.41 31.65 -11.28
C GLN B 469 -9.26 33.17 -11.34
N ALA B 470 -10.15 33.86 -12.07
CA ALA B 470 -10.12 35.32 -12.20
C ALA B 470 -10.43 36.02 -10.89
N TYR B 471 -11.38 35.49 -10.15
CA TYR B 471 -11.77 36.02 -8.86
C TYR B 471 -10.57 35.93 -7.88
N VAL B 472 -9.89 34.78 -7.84
CA VAL B 472 -8.75 34.57 -6.96
C VAL B 472 -7.56 35.43 -7.41
N ASP B 473 -7.32 35.51 -8.73
CA ASP B 473 -6.25 36.34 -9.28
C ASP B 473 -6.47 37.81 -8.90
N ASP B 474 -7.73 38.27 -8.98
CA ASP B 474 -8.08 39.65 -8.66
C ASP B 474 -7.86 39.97 -7.18
N ILE B 475 -8.16 39.01 -6.27
CA ILE B 475 -7.94 39.19 -4.83
C ILE B 475 -6.46 39.50 -4.57
N PHE B 476 -5.55 38.74 -5.20
CA PHE B 476 -4.12 38.95 -5.01
C PHE B 476 -3.57 40.15 -5.76
N ALA B 477 -4.07 40.41 -6.97
CA ALA B 477 -3.58 41.53 -7.76
C ALA B 477 -3.92 42.88 -7.13
N ARG B 478 -5.10 43.01 -6.52
CA ARG B 478 -5.55 44.27 -5.96
C ARG B 478 -5.41 44.40 -4.45
N SER B 479 -5.24 43.29 -3.73
CA SER B 479 -5.12 43.37 -2.28
C SER B 479 -3.80 43.93 -1.77
N VAL B 480 -3.88 44.69 -0.66
CA VAL B 480 -2.70 45.21 0.06
C VAL B 480 -1.93 44.03 0.70
N PHE B 481 -2.55 42.85 0.91
CA PHE B 481 -1.83 41.67 1.41
C PHE B 481 -1.47 40.65 0.30
N GLY B 482 -1.59 41.07 -0.98
CA GLY B 482 -1.29 40.21 -2.12
C GLY B 482 0.20 39.96 -2.34
N SER B 483 1.03 40.87 -1.86
CA SER B 483 2.50 40.80 -1.98
C SER B 483 3.14 41.80 -1.01
N GLU B 484 4.47 41.71 -0.80
CA GLU B 484 5.16 42.62 0.08
C GLU B 484 5.14 44.04 -0.47
N ALA B 485 5.36 44.18 -1.79
CA ALA B 485 5.36 45.49 -2.45
C ALA B 485 4.00 46.17 -2.35
N GLN B 486 2.93 45.38 -2.44
CA GLN B 486 1.58 45.93 -2.32
C GLN B 486 1.28 46.35 -0.89
N PHE B 487 1.80 45.63 0.12
CA PHE B 487 1.59 46.02 1.51
C PHE B 487 2.36 47.28 1.81
N ASP B 488 3.63 47.36 1.36
CA ASP B 488 4.46 48.54 1.58
C ASP B 488 3.88 49.78 0.93
N ALA B 489 3.27 49.64 -0.26
CA ALA B 489 2.64 50.78 -0.92
C ALA B 489 1.45 51.26 -0.06
N PHE B 490 0.69 50.33 0.52
CA PHE B 490 -0.42 50.68 1.41
C PHE B 490 0.12 51.37 2.68
N ALA B 491 1.12 50.77 3.33
CA ALA B 491 1.72 51.27 4.56
C ALA B 491 2.31 52.67 4.41
N ALA B 492 2.73 53.06 3.20
CA ALA B 492 3.24 54.41 2.96
C ALA B 492 2.09 55.43 2.86
N VAL B 493 0.96 55.05 2.25
CA VAL B 493 -0.22 55.94 2.11
C VAL B 493 -1.47 55.18 2.57
N PRO B 494 -1.62 54.93 3.88
CA PRO B 494 -2.78 54.15 4.33
C PRO B 494 -4.06 54.94 4.51
N SER B 495 -5.16 54.36 4.04
CA SER B 495 -6.47 54.95 4.22
C SER B 495 -7.46 53.86 4.61
N VAL B 496 -8.43 54.18 5.48
CA VAL B 496 -9.43 53.20 5.89
C VAL B 496 -10.35 52.78 4.73
N GLU B 497 -10.49 53.65 3.71
CA GLU B 497 -11.27 53.40 2.50
C GLU B 497 -10.62 52.34 1.63
N LYS B 498 -9.27 52.22 1.67
CA LYS B 498 -8.52 51.21 0.93
C LYS B 498 -8.75 49.85 1.58
N LEU B 499 -8.73 49.79 2.92
CA LEU B 499 -8.94 48.56 3.68
C LEU B 499 -10.39 48.11 3.61
N ALA B 500 -11.34 49.06 3.61
CA ALA B 500 -12.76 48.73 3.54
C ALA B 500 -13.17 48.10 2.20
N GLU B 501 -12.46 48.44 1.12
CA GLU B 501 -12.75 47.88 -0.20
C GLU B 501 -11.73 46.80 -0.64
N ASP B 502 -10.77 46.43 0.23
CA ASP B 502 -9.76 45.43 -0.09
C ASP B 502 -10.38 44.06 -0.35
N PRO B 503 -10.16 43.51 -1.56
CA PRO B 503 -10.76 42.21 -1.90
C PRO B 503 -10.39 41.06 -0.96
N MET B 504 -9.15 41.01 -0.47
CA MET B 504 -8.75 39.96 0.46
C MET B 504 -9.37 40.18 1.83
N VAL B 505 -9.44 41.44 2.31
CA VAL B 505 -10.05 41.76 3.59
C VAL B 505 -11.55 41.39 3.55
N LEU B 506 -12.22 41.75 2.45
CA LEU B 506 -13.63 41.46 2.24
C LEU B 506 -13.89 39.96 2.16
N PHE B 507 -12.99 39.20 1.50
CA PHE B 507 -13.12 37.74 1.44
C PHE B 507 -13.03 37.16 2.86
N ALA B 508 -11.93 37.46 3.59
CA ALA B 508 -11.67 36.96 4.92
C ALA B 508 -12.76 37.31 5.89
N SER B 509 -13.24 38.56 5.85
CA SER B 509 -14.31 39.06 6.72
C SER B 509 -15.59 38.32 6.42
N SER B 510 -15.94 38.22 5.15
CA SER B 510 -17.15 37.58 4.67
C SER B 510 -17.22 36.07 5.03
N VAL B 511 -16.12 35.33 4.84
CA VAL B 511 -16.13 33.91 5.15
C VAL B 511 -16.12 33.69 6.66
N PHE B 512 -15.47 34.58 7.45
CA PHE B 512 -15.51 34.45 8.91
C PHE B 512 -16.88 34.84 9.47
N ASP B 513 -17.56 35.79 8.81
CA ASP B 513 -18.90 36.21 9.22
C ASP B 513 -19.87 35.04 9.04
N GLU B 514 -19.76 34.33 7.90
CA GLU B 514 -20.63 33.22 7.60
C GLU B 514 -20.37 32.04 8.55
N TYR B 515 -19.10 31.75 8.81
CA TYR B 515 -18.65 30.70 9.72
C TYR B 515 -19.22 30.95 11.14
N ARG B 516 -19.21 32.23 11.60
CA ARG B 516 -19.75 32.57 12.91
C ARG B 516 -21.27 32.57 12.95
N LYS B 517 -21.93 33.03 11.90
CA LYS B 517 -23.38 33.02 11.81
C LYS B 517 -23.90 31.56 11.86
N LEU B 518 -23.20 30.64 11.15
CA LEU B 518 -23.57 29.22 11.11
C LEU B 518 -23.36 28.56 12.47
N TYR B 519 -22.23 28.87 13.13
CA TYR B 519 -21.92 28.36 14.46
C TYR B 519 -23.00 28.79 15.46
N ASN B 520 -23.40 30.07 15.42
CA ASN B 520 -24.42 30.62 16.30
C ASN B 520 -25.80 30.04 16.02
N GLU B 521 -26.12 29.76 14.74
CA GLU B 521 -27.39 29.14 14.41
C GLU B 521 -27.44 27.67 14.81
N LEU B 522 -26.28 26.99 14.80
CA LEU B 522 -26.23 25.57 15.12
C LEU B 522 -26.16 25.26 16.61
N ARG B 523 -25.53 26.16 17.40
CA ARG B 523 -25.37 26.00 18.85
C ARG B 523 -26.67 25.63 19.59
N PRO B 524 -27.83 26.30 19.36
CA PRO B 524 -29.06 25.89 20.07
C PRO B 524 -29.52 24.45 19.87
N TYR B 525 -29.09 23.78 18.80
CA TYR B 525 -29.48 22.40 18.55
C TYR B 525 -28.77 21.40 19.45
N ASP B 526 -27.64 21.78 20.06
CA ASP B 526 -26.91 20.88 20.96
C ASP B 526 -27.70 20.54 22.23
N ASP B 527 -28.34 21.55 22.83
CA ASP B 527 -29.05 21.41 24.11
C ASP B 527 -30.20 20.39 24.08
N PRO B 528 -31.15 20.40 23.12
CA PRO B 528 -32.20 19.37 23.15
C PRO B 528 -31.63 17.96 23.01
N ILE B 529 -30.53 17.79 22.25
CA ILE B 529 -29.87 16.47 22.10
C ILE B 529 -29.25 16.07 23.44
N LEU B 530 -28.52 16.98 24.10
CA LEU B 530 -27.94 16.70 25.41
C LEU B 530 -29.02 16.31 26.44
N ARG B 531 -30.12 17.10 26.54
CA ARG B 531 -31.20 16.77 27.48
C ARG B 531 -31.85 15.44 27.15
N ALA B 532 -32.08 15.16 25.85
CA ALA B 532 -32.69 13.87 25.45
C ALA B 532 -31.75 12.71 25.72
N GLN B 533 -30.42 12.92 25.63
CA GLN B 533 -29.41 11.90 25.93
C GLN B 533 -29.40 11.52 27.41
N ARG B 534 -29.70 12.47 28.30
CA ARG B 534 -29.77 12.18 29.72
C ARG B 534 -30.89 11.15 29.98
N THR B 535 -32.05 11.32 29.34
CA THR B 535 -33.19 10.41 29.45
C THR B 535 -32.88 9.08 28.75
N TYR B 536 -32.32 9.15 27.54
CA TYR B 536 -31.95 7.98 26.75
C TYR B 536 -30.96 7.05 27.51
N ILE B 537 -29.85 7.59 28.02
CA ILE B 537 -28.87 6.80 28.74
C ILE B 537 -29.41 6.30 30.08
N ALA B 538 -30.29 7.09 30.74
CA ALA B 538 -30.92 6.64 31.99
C ALA B 538 -31.75 5.37 31.72
N GLY B 539 -32.45 5.32 30.60
CA GLY B 539 -33.24 4.17 30.21
C GLY B 539 -32.38 2.96 29.88
N LEU B 540 -31.29 3.19 29.15
CA LEU B 540 -30.34 2.13 28.80
C LEU B 540 -29.76 1.50 30.07
N LEU B 541 -29.39 2.33 31.05
CA LEU B 541 -28.83 1.89 32.32
C LEU B 541 -29.87 1.17 33.18
N GLU B 542 -31.11 1.67 33.22
CA GLU B 542 -32.18 1.03 33.98
C GLU B 542 -32.55 -0.34 33.37
N MET B 543 -32.54 -0.42 32.05
CA MET B 543 -32.86 -1.65 31.33
C MET B 543 -31.77 -2.72 31.39
N ASP B 544 -30.54 -2.40 30.96
CA ASP B 544 -29.46 -3.40 30.89
C ASP B 544 -28.36 -3.28 31.97
N GLY B 545 -28.47 -2.29 32.84
CA GLY B 545 -27.51 -2.11 33.92
C GLY B 545 -26.20 -1.43 33.56
N ASP B 546 -25.59 -0.77 34.57
CA ASP B 546 -24.29 -0.07 34.48
C ASP B 546 -23.19 -1.10 34.74
N GLN B 547 -23.19 -2.13 33.89
CA GLN B 547 -22.24 -3.22 34.04
C GLN B 547 -21.56 -3.50 32.73
N ASP B 548 -22.30 -3.70 31.62
CA ASP B 548 -21.65 -3.94 30.31
C ASP B 548 -21.72 -2.72 29.35
N GLN B 549 -22.09 -1.53 29.87
CA GLN B 549 -22.13 -0.30 29.10
C GLN B 549 -21.40 0.78 29.88
N PHE B 550 -20.20 1.15 29.39
CA PHE B 550 -19.30 2.11 30.01
C PHE B 550 -19.75 3.54 29.76
N PRO B 551 -19.44 4.47 30.67
CA PRO B 551 -19.81 5.87 30.40
C PRO B 551 -18.86 6.45 29.35
N ASP B 552 -19.36 7.33 28.48
CA ASP B 552 -18.48 7.97 27.48
C ASP B 552 -17.21 8.57 28.12
N ALA B 553 -16.08 8.49 27.42
CA ALA B 553 -14.82 9.08 27.90
C ALA B 553 -14.99 10.59 28.04
N ASN B 554 -14.38 11.21 29.07
CA ASN B 554 -14.52 12.66 29.29
C ASN B 554 -13.25 13.24 29.94
N LEU B 555 -12.08 12.72 29.55
CA LEU B 555 -10.77 13.08 30.07
C LEU B 555 -10.61 12.77 31.56
N THR B 556 -11.25 11.71 32.00
CA THR B 556 -11.12 11.24 33.38
C THR B 556 -10.47 9.86 33.36
N LEU B 557 -9.88 9.49 34.50
CA LEU B 557 -9.16 8.23 34.67
C LEU B 557 -10.06 7.02 34.44
N ARG B 558 -9.63 6.12 33.55
CA ARG B 558 -10.36 4.91 33.24
C ARG B 558 -9.40 3.74 33.16
N PHE B 559 -9.96 2.53 33.29
CA PHE B 559 -9.19 1.34 33.07
C PHE B 559 -9.87 0.53 31.96
N THR B 560 -9.06 -0.21 31.23
CA THR B 560 -9.50 -1.08 30.17
C THR B 560 -8.61 -2.32 30.23
N TYR B 561 -9.17 -3.47 29.88
CA TYR B 561 -8.43 -4.73 29.92
C TYR B 561 -8.70 -5.52 28.66
N GLY B 562 -7.77 -6.38 28.31
CA GLY B 562 -7.89 -7.22 27.13
C GLY B 562 -6.73 -8.18 27.05
N GLN B 563 -6.34 -8.54 25.83
CA GLN B 563 -5.23 -9.46 25.63
C GLN B 563 -4.28 -8.98 24.54
N VAL B 564 -3.04 -9.48 24.58
CA VAL B 564 -2.02 -9.21 23.56
C VAL B 564 -2.43 -10.11 22.38
N LYS B 565 -2.92 -9.51 21.30
CA LYS B 565 -3.47 -10.26 20.18
C LYS B 565 -3.42 -9.45 18.91
N GLY B 566 -3.03 -10.09 17.82
CA GLY B 566 -3.08 -9.45 16.52
C GLY B 566 -4.48 -9.56 15.94
N TYR B 567 -4.60 -9.43 14.61
CA TYR B 567 -5.90 -9.49 13.94
C TYR B 567 -5.71 -9.65 12.45
N SER B 568 -6.79 -10.02 11.75
CA SER B 568 -6.79 -10.15 10.30
C SER B 568 -7.41 -8.89 9.68
N PRO B 569 -6.62 -8.02 9.04
CA PRO B 569 -7.18 -6.79 8.46
C PRO B 569 -8.06 -6.99 7.22
N ARG B 570 -7.81 -8.07 6.48
CA ARG B 570 -8.51 -8.40 5.24
C ARG B 570 -8.29 -9.88 4.91
N ASP B 571 -9.03 -10.41 3.93
CA ASP B 571 -8.98 -11.80 3.51
C ASP B 571 -7.54 -12.30 3.30
N ASN B 572 -7.18 -13.39 4.04
CA ASN B 572 -5.89 -14.06 3.92
C ASN B 572 -4.65 -13.28 4.42
N VAL B 573 -4.85 -12.24 5.21
CA VAL B 573 -3.76 -11.44 5.76
C VAL B 573 -3.87 -11.42 7.28
N TYR B 574 -2.79 -11.78 7.98
CA TYR B 574 -2.79 -11.73 9.43
C TYR B 574 -1.65 -10.87 9.92
N TYR B 575 -1.94 -9.97 10.87
CA TYR B 575 -0.95 -9.14 11.51
C TYR B 575 -0.81 -9.72 12.91
N GLY B 576 0.37 -10.19 13.24
CA GLY B 576 0.60 -10.76 14.56
C GLY B 576 0.56 -9.74 15.70
N HIS B 577 0.78 -10.23 16.91
CA HIS B 577 0.69 -9.42 18.09
C HIS B 577 1.96 -8.62 18.39
N GLN B 578 3.11 -8.90 17.73
CA GLN B 578 4.38 -8.27 18.11
C GLN B 578 5.31 -7.94 16.92
N THR B 579 5.92 -6.74 16.93
CA THR B 579 6.93 -6.38 15.93
C THR B 579 8.32 -6.50 16.55
N THR B 580 9.34 -6.64 15.71
CA THR B 580 10.73 -6.79 16.15
C THR B 580 11.64 -5.74 15.48
N LEU B 581 12.90 -5.63 15.97
CA LEU B 581 13.90 -4.71 15.44
C LEU B 581 14.25 -5.01 13.97
N ASP B 582 14.02 -6.25 13.53
CA ASP B 582 14.18 -6.70 12.18
C ASP B 582 13.23 -5.92 11.23
N GLY B 583 12.04 -5.55 11.73
CA GLY B 583 11.04 -4.75 11.01
C GLY B 583 11.46 -3.32 10.80
N VAL B 584 12.25 -2.78 11.73
CA VAL B 584 12.82 -1.44 11.64
C VAL B 584 13.82 -1.46 10.48
N MET B 585 14.72 -2.47 10.47
CA MET B 585 15.75 -2.60 9.44
C MET B 585 15.17 -2.84 8.06
N GLU B 586 14.04 -3.57 7.97
CA GLU B 586 13.35 -3.81 6.69
C GLU B 586 12.84 -2.49 6.12
N LYS B 587 12.36 -1.58 6.98
CA LYS B 587 11.81 -0.30 6.57
C LYS B 587 12.86 0.79 6.32
N GLU B 588 14.12 0.56 6.65
CA GLU B 588 15.16 1.57 6.47
C GLU B 588 15.28 2.11 5.03
N ASP B 589 15.24 3.43 4.90
CA ASP B 589 15.43 4.12 3.63
C ASP B 589 16.19 5.39 3.97
N PRO B 590 17.50 5.41 3.68
CA PRO B 590 18.31 6.58 4.06
C PRO B 590 17.90 7.88 3.37
N ASP B 591 17.31 7.80 2.16
CA ASP B 591 16.88 9.00 1.44
C ASP B 591 15.40 9.33 1.64
N ASN B 592 14.85 8.93 2.79
CA ASN B 592 13.47 9.22 3.22
C ASN B 592 13.57 9.52 4.71
N TRP B 593 13.49 10.80 5.11
CA TRP B 593 13.63 11.29 6.47
C TRP B 593 12.78 10.53 7.50
N GLU B 594 11.64 9.97 7.08
CA GLU B 594 10.76 9.23 7.98
C GLU B 594 11.33 7.87 8.33
N PHE B 595 12.08 7.23 7.42
CA PHE B 595 12.56 5.89 7.66
C PHE B 595 14.07 5.78 7.79
N VAL B 596 14.71 6.82 8.35
CA VAL B 596 16.14 6.76 8.62
C VAL B 596 16.34 6.00 9.93
N VAL B 597 17.35 5.15 9.98
CA VAL B 597 17.62 4.34 11.16
C VAL B 597 18.85 4.87 11.87
N ASP B 598 18.72 5.09 13.19
CA ASP B 598 19.80 5.59 14.03
C ASP B 598 20.99 4.65 13.95
N PRO B 599 22.17 5.19 13.61
CA PRO B 599 23.37 4.34 13.46
C PRO B 599 23.72 3.50 14.67
N LYS B 600 23.54 4.03 15.89
CA LYS B 600 23.84 3.26 17.10
C LYS B 600 22.86 2.09 17.23
N LEU B 601 21.59 2.29 16.89
CA LEU B 601 20.56 1.26 16.92
C LEU B 601 20.83 0.20 15.84
N LYS B 602 21.24 0.62 14.64
CA LYS B 602 21.59 -0.30 13.55
C LYS B 602 22.77 -1.19 13.96
N ALA B 603 23.75 -0.63 14.69
CA ALA B 603 24.92 -1.36 15.19
C ALA B 603 24.51 -2.39 16.24
N VAL B 604 23.61 -2.02 17.16
CA VAL B 604 23.08 -2.91 18.20
C VAL B 604 22.40 -4.12 17.53
N TYR B 605 21.59 -3.87 16.49
CA TYR B 605 20.93 -4.93 15.74
C TYR B 605 21.95 -5.85 15.07
N GLU B 606 22.98 -5.28 14.43
CA GLU B 606 23.99 -6.08 13.72
C GLU B 606 24.80 -6.95 14.66
N ARG B 607 25.21 -6.39 15.81
CA ARG B 607 25.97 -7.14 16.83
C ARG B 607 25.08 -8.02 17.72
N LYS B 608 23.74 -7.88 17.63
CA LYS B 608 22.76 -8.58 18.47
C LYS B 608 23.01 -8.26 19.94
N ASP B 609 23.37 -7.00 20.24
CA ASP B 609 23.67 -6.55 21.57
C ASP B 609 22.37 -6.22 22.28
N PHE B 610 21.56 -7.24 22.49
CA PHE B 610 20.25 -7.09 23.08
C PHE B 610 20.17 -7.32 24.58
N GLY B 611 21.26 -7.79 25.19
CA GLY B 611 21.35 -8.04 26.63
C GLY B 611 20.21 -8.89 27.16
N ARG B 612 19.65 -8.42 28.27
CA ARG B 612 18.51 -9.04 28.94
C ARG B 612 17.15 -8.63 28.32
N TYR B 613 17.15 -7.89 27.19
CA TYR B 613 15.94 -7.34 26.59
C TYR B 613 15.33 -8.15 25.46
N ALA B 614 16.10 -9.04 24.83
CA ALA B 614 15.62 -9.85 23.71
C ALA B 614 14.69 -10.95 24.21
N ASP B 615 13.84 -11.50 23.32
CA ASP B 615 12.95 -12.59 23.73
C ASP B 615 13.71 -13.94 23.83
N ARG B 616 12.98 -15.03 24.10
CA ARG B 616 13.53 -16.38 24.23
C ARG B 616 14.19 -16.84 22.93
N SER B 617 13.70 -16.39 21.76
CA SER B 617 14.30 -16.79 20.48
C SER B 617 15.47 -15.90 20.01
N GLY B 618 15.86 -14.91 20.82
CA GLY B 618 16.95 -14.01 20.45
C GLY B 618 16.56 -12.87 19.53
N ARG B 619 15.26 -12.71 19.24
CA ARG B 619 14.80 -11.57 18.44
C ARG B 619 14.44 -10.40 19.37
N MET B 620 14.80 -9.18 18.95
CA MET B 620 14.58 -8.00 19.78
C MET B 620 13.17 -7.42 19.57
N PRO B 621 12.26 -7.44 20.57
CA PRO B 621 10.92 -6.88 20.34
C PRO B 621 10.93 -5.37 20.24
N VAL B 622 9.92 -4.80 19.59
CA VAL B 622 9.80 -3.36 19.46
C VAL B 622 8.43 -2.89 20.00
N ALA B 623 7.37 -3.45 19.46
CA ALA B 623 6.03 -3.04 19.80
C ALA B 623 5.09 -4.24 19.83
N PHE B 624 3.94 -4.08 20.49
CA PHE B 624 2.91 -5.10 20.49
C PHE B 624 1.54 -4.44 20.43
N CYS B 625 0.50 -5.20 20.15
CA CYS B 625 -0.86 -4.66 20.12
C CYS B 625 -1.78 -5.47 21.03
N ALA B 626 -2.84 -4.81 21.55
CA ALA B 626 -3.73 -5.46 22.49
C ALA B 626 -5.20 -5.10 22.23
N THR B 627 -6.14 -5.94 22.72
CA THR B 627 -7.57 -5.72 22.54
C THR B 627 -8.18 -4.75 23.58
N THR B 628 -7.33 -3.94 24.22
CA THR B 628 -7.78 -2.92 25.15
C THR B 628 -8.54 -1.85 24.34
N HIS B 629 -9.44 -1.13 25.02
CA HIS B 629 -10.24 -0.10 24.38
C HIS B 629 -9.67 1.27 24.75
N THR B 630 -8.98 1.89 23.81
CA THR B 630 -8.36 3.19 24.04
C THR B 630 -8.80 4.19 22.98
N THR B 631 -8.57 5.48 23.25
CA THR B 631 -8.82 6.58 22.34
C THR B 631 -7.82 7.73 22.60
N GLY B 632 -7.90 8.85 21.86
CA GLY B 632 -7.07 10.04 22.11
C GLY B 632 -7.15 10.47 23.56
N GLY B 633 -6.00 10.73 24.15
CA GLY B 633 -5.89 10.97 25.57
C GLY B 633 -5.17 9.82 26.26
N ASN B 634 -5.19 8.60 25.62
CA ASN B 634 -4.53 7.39 26.13
C ASN B 634 -3.05 7.28 25.72
N SER B 635 -2.54 8.22 24.89
CA SER B 635 -1.11 8.25 24.52
C SER B 635 -0.26 8.34 25.78
N GLY B 636 0.69 7.44 25.94
CA GLY B 636 1.59 7.38 27.09
C GLY B 636 1.09 6.53 28.25
N SER B 637 -0.08 5.90 28.08
CA SER B 637 -0.67 5.11 29.17
C SER B 637 0.16 3.90 29.52
N PRO B 638 0.28 3.60 30.81
CA PRO B 638 1.00 2.39 31.20
C PRO B 638 0.19 1.15 30.80
N VAL B 639 0.90 0.14 30.26
CA VAL B 639 0.31 -1.15 29.92
C VAL B 639 0.85 -2.13 30.95
N MET B 640 -0.06 -2.81 31.65
CA MET B 640 0.28 -3.74 32.70
C MET B 640 -0.01 -5.18 32.35
N ASN B 641 0.83 -6.04 32.91
CA ASN B 641 0.84 -7.49 33.06
C ASN B 641 -0.39 -7.91 33.92
N ALA B 642 -0.61 -9.23 34.05
CA ALA B 642 -1.57 -9.78 35.01
C ALA B 642 -1.14 -9.43 36.46
N ASN B 643 0.15 -9.19 36.71
CA ASN B 643 0.69 -8.80 38.01
C ASN B 643 0.82 -7.30 38.23
N GLY B 644 0.37 -6.48 37.29
CA GLY B 644 0.47 -5.03 37.43
C GLY B 644 1.82 -4.44 37.10
N GLU B 645 2.75 -5.24 36.55
CA GLU B 645 4.06 -4.73 36.16
C GLU B 645 3.97 -4.09 34.78
N LEU B 646 4.79 -3.08 34.54
CA LEU B 646 4.80 -2.36 33.28
C LEU B 646 5.43 -3.23 32.20
N ILE B 647 4.66 -3.46 31.12
CA ILE B 647 5.12 -4.19 29.93
C ILE B 647 5.20 -3.30 28.67
N GLY B 648 4.70 -2.08 28.75
CA GLY B 648 4.75 -1.16 27.62
C GLY B 648 4.02 0.13 27.88
N LEU B 649 4.00 0.98 26.86
CA LEU B 649 3.30 2.26 26.83
C LEU B 649 2.43 2.28 25.63
N ASN B 650 1.19 2.65 25.80
CA ASN B 650 0.29 2.82 24.67
C ASN B 650 0.73 4.11 23.91
N PHE B 651 0.73 4.09 22.57
CA PHE B 651 1.13 5.27 21.82
C PHE B 651 0.26 5.54 20.61
N ASP B 652 -0.53 4.56 20.14
CA ASP B 652 -1.40 4.77 19.00
C ASP B 652 -2.53 3.73 18.99
N ARG B 653 -3.36 3.73 17.96
CA ARG B 653 -4.40 2.74 17.69
C ARG B 653 -4.50 2.61 16.16
N ASN B 654 -4.75 1.41 15.65
CA ASN B 654 -4.82 1.20 14.20
C ASN B 654 -6.06 1.87 13.60
N TRP B 655 -5.96 2.35 12.36
CA TRP B 655 -7.05 3.05 11.69
C TRP B 655 -8.31 2.22 11.61
N GLU B 656 -8.17 0.88 11.51
CA GLU B 656 -9.34 -0.01 11.45
C GLU B 656 -10.20 0.07 12.70
N GLY B 657 -9.60 0.48 13.83
CA GLY B 657 -10.35 0.57 15.07
C GLY B 657 -10.78 1.97 15.47
N VAL B 658 -10.58 3.01 14.61
CA VAL B 658 -10.99 4.38 15.02
C VAL B 658 -12.54 4.51 15.18
N GLY B 659 -13.31 3.69 14.48
CA GLY B 659 -14.76 3.62 14.69
C GLY B 659 -15.15 3.13 16.07
N GLY B 660 -14.17 2.59 16.81
CA GLY B 660 -14.29 2.12 18.19
C GLY B 660 -14.72 3.19 19.17
N ASP B 661 -14.60 4.49 18.80
CA ASP B 661 -15.12 5.56 19.65
C ASP B 661 -16.67 5.50 19.69
N ILE B 662 -17.32 4.86 18.71
CA ILE B 662 -18.76 4.74 18.65
C ILE B 662 -19.15 3.27 19.01
N GLN B 663 -18.42 2.31 18.45
CA GLN B 663 -18.67 0.90 18.70
C GLN B 663 -17.34 0.16 18.68
N TYR B 664 -16.96 -0.45 19.82
CA TYR B 664 -15.74 -1.24 19.92
C TYR B 664 -15.73 -2.36 18.84
N LEU B 665 -14.59 -2.58 18.17
CA LEU B 665 -14.52 -3.56 17.09
C LEU B 665 -13.57 -4.66 17.49
N ALA B 666 -14.10 -5.72 18.13
CA ALA B 666 -13.29 -6.82 18.66
C ALA B 666 -12.32 -7.46 17.66
N ASP B 667 -12.72 -7.61 16.41
CA ASP B 667 -11.87 -8.27 15.42
C ASP B 667 -10.92 -7.36 14.68
N TYR B 668 -10.95 -6.03 14.94
CA TYR B 668 -10.09 -5.09 14.22
C TYR B 668 -9.40 -4.08 15.10
N GLN B 669 -10.06 -3.60 16.15
CA GLN B 669 -9.53 -2.55 17.01
C GLN B 669 -8.43 -3.00 17.96
N ARG B 670 -7.28 -2.33 17.89
CA ARG B 670 -6.15 -2.65 18.76
C ARG B 670 -5.45 -1.38 19.26
N SER B 671 -4.91 -1.44 20.47
CA SER B 671 -4.06 -0.38 21.03
C SER B 671 -2.64 -0.72 20.55
N ILE B 672 -1.89 0.27 20.05
CA ILE B 672 -0.53 0.05 19.56
C ILE B 672 0.41 0.49 20.67
N ILE B 673 1.24 -0.44 21.16
CA ILE B 673 2.04 -0.25 22.35
C ILE B 673 3.53 -0.44 22.14
N VAL B 674 4.39 0.44 22.69
CA VAL B 674 5.83 0.26 22.57
C VAL B 674 6.25 -0.69 23.71
N ASP B 675 6.92 -1.78 23.37
CA ASP B 675 7.36 -2.79 24.32
C ASP B 675 8.36 -2.15 25.29
N ILE B 676 8.19 -2.37 26.60
CA ILE B 676 9.09 -1.78 27.61
C ILE B 676 10.53 -2.31 27.47
N ARG B 677 10.69 -3.50 26.89
CA ARG B 677 12.01 -4.08 26.65
C ARG B 677 12.77 -3.25 25.62
N TYR B 678 12.06 -2.72 24.61
CA TYR B 678 12.64 -1.87 23.57
C TYR B 678 13.00 -0.48 24.16
N VAL B 679 12.14 0.05 25.05
CA VAL B 679 12.37 1.32 25.77
C VAL B 679 13.69 1.21 26.55
N LEU B 680 13.86 0.12 27.31
CA LEU B 680 15.05 -0.10 28.10
C LEU B 680 16.29 -0.33 27.26
N LEU B 681 16.14 -1.04 26.14
CA LEU B 681 17.23 -1.23 25.18
C LEU B 681 17.70 0.12 24.63
N VAL B 682 16.77 1.04 24.30
CA VAL B 682 17.14 2.35 23.77
C VAL B 682 17.82 3.23 24.85
N ILE B 683 17.30 3.24 26.08
CA ILE B 683 17.91 3.99 27.20
C ILE B 683 19.34 3.49 27.43
N ASP B 684 19.53 2.17 27.43
CA ASP B 684 20.79 1.48 27.68
C ASP B 684 21.83 1.56 26.53
N LYS B 685 21.49 1.05 25.36
CA LYS B 685 22.43 0.95 24.25
C LYS B 685 22.47 2.14 23.33
N VAL B 686 21.42 2.97 23.32
CA VAL B 686 21.44 4.15 22.48
C VAL B 686 21.81 5.38 23.32
N GLY B 687 21.11 5.58 24.43
CA GLY B 687 21.37 6.71 25.31
C GLY B 687 22.54 6.55 26.26
N GLY B 688 22.82 5.30 26.64
CA GLY B 688 23.87 4.98 27.59
C GLY B 688 23.60 5.58 28.96
N CYS B 689 22.32 5.71 29.31
CA CYS B 689 21.92 6.33 30.56
C CYS B 689 21.59 5.31 31.64
N GLN B 690 22.61 4.57 32.07
CA GLN B 690 22.54 3.52 33.09
C GLN B 690 21.87 3.94 34.41
N ARG B 691 22.02 5.21 34.81
CA ARG B 691 21.43 5.68 36.05
C ARG B 691 19.91 5.57 36.07
N LEU B 692 19.27 5.66 34.87
CA LEU B 692 17.82 5.54 34.78
C LEU B 692 17.38 4.10 34.96
N LEU B 693 18.18 3.15 34.45
CA LEU B 693 17.91 1.73 34.62
C LEU B 693 18.08 1.38 36.10
N ASP B 694 19.18 1.86 36.75
CA ASP B 694 19.47 1.60 38.16
C ASP B 694 18.40 2.10 39.12
N GLU B 695 17.78 3.26 38.83
CA GLU B 695 16.74 3.79 39.72
C GLU B 695 15.38 3.14 39.55
N MET B 696 15.16 2.42 38.44
CA MET B 696 13.91 1.70 38.22
C MET B 696 13.97 0.36 38.98
N ASN B 697 12.79 -0.20 39.31
CA ASN B 697 12.75 -1.51 39.92
C ASN B 697 12.41 -2.52 38.81
N ILE B 698 13.43 -3.13 38.23
CA ILE B 698 13.29 -4.08 37.14
C ILE B 698 13.18 -5.50 37.69
N VAL B 699 12.05 -6.16 37.43
CA VAL B 699 11.80 -7.51 37.93
C VAL B 699 12.12 -8.57 36.86
N PRO B 700 12.72 -9.70 37.28
CA PRO B 700 13.08 -10.75 36.30
C PRO B 700 11.88 -11.38 35.58
#